data_3QLJ
#
_entry.id   3QLJ
#
_cell.length_a   81.520
_cell.length_b   129.900
_cell.length_c   91.860
_cell.angle_alpha   90.00
_cell.angle_beta   109.86
_cell.angle_gamma   90.00
#
_symmetry.space_group_name_H-M   'P 1 21 1'
#
loop_
_entity.id
_entity.type
_entity.pdbx_description
1 polymer 'Short chain dehydrogenase'
2 non-polymer 'CHLORIDE ION'
3 non-polymer 'SODIUM ION'
4 non-polymer 1,2-ETHANEDIOL
5 water water
#
_entity_poly.entity_id   1
_entity_poly.type   'polypeptide(L)'
_entity_poly.pdbx_seq_one_letter_code
;MAHHHHHHMGTLEAQTQGPGSMGVVDGRVVIVTGAGGGIGRAHALAFAAEGARVVVNDIGVGLDGSPASGGSAAQSVVDE
ITAAGGEAVADGSNVADWDQAAGLIQTAVETFGGLDVLVNNAGIVRDRMIANTSEEEFDAVIAVHLKGHFATMRHAAAYW
RGLSKAGKAVDGRIINTSSGAGLQGSVGQGNYSAAKAGIATLTLVGAAEMGRYGVTVNAIAPSARTRMTETVFAEMMATQ
DQDFDAMAPENVSPLVVWLGSAEARDVTGKVFEVEGGKIRVAEGWAHGPQIDKGARWDPAELGPVVADLLGKARPPVPVY
GA
;
_entity_poly.pdbx_strand_id   A,B,C,D,E,F
#
loop_
_chem_comp.id
_chem_comp.type
_chem_comp.name
_chem_comp.formula
CL non-polymer 'CHLORIDE ION' 'Cl -1'
EDO non-polymer 1,2-ETHANEDIOL 'C2 H6 O2'
NA non-polymer 'SODIUM ION' 'Na 1'
#
# COMPACT_ATOMS: atom_id res chain seq x y z
N MET A 22 -26.62 33.16 -6.08
CA MET A 22 -25.82 32.02 -5.54
C MET A 22 -24.36 32.47 -5.42
N GLY A 23 -23.65 31.90 -4.46
CA GLY A 23 -22.22 32.18 -4.35
C GLY A 23 -21.38 31.63 -5.48
N VAL A 24 -20.25 32.30 -5.69
CA VAL A 24 -19.28 31.95 -6.72
C VAL A 24 -18.71 30.52 -6.55
N VAL A 25 -18.66 30.05 -5.31
CA VAL A 25 -18.17 28.71 -5.01
C VAL A 25 -19.21 27.91 -4.24
N ASP A 26 -20.49 28.15 -4.56
CA ASP A 26 -21.55 27.53 -3.80
C ASP A 26 -21.40 26.01 -3.79
N GLY A 27 -21.43 25.43 -2.59
CA GLY A 27 -21.39 23.98 -2.44
C GLY A 27 -20.01 23.34 -2.45
N ARG A 28 -19.00 24.12 -2.84
CA ARG A 28 -17.63 23.60 -2.96
C ARG A 28 -17.01 23.45 -1.58
N VAL A 29 -16.11 22.47 -1.42
CA VAL A 29 -15.47 22.23 -0.13
C VAL A 29 -14.04 22.75 -0.33
N VAL A 30 -13.63 23.64 0.57
CA VAL A 30 -12.30 24.31 0.46
C VAL A 30 -11.52 24.10 1.74
N ILE A 31 -10.26 23.67 1.61
CA ILE A 31 -9.32 23.72 2.72
C ILE A 31 -8.49 25.00 2.59
N VAL A 32 -8.34 25.77 3.68
CA VAL A 32 -7.33 26.85 3.72
C VAL A 32 -6.35 26.57 4.85
N THR A 33 -5.08 26.52 4.51
CA THR A 33 -4.06 26.24 5.55
C THR A 33 -3.58 27.52 6.21
N GLY A 34 -3.23 27.43 7.49
CA GLY A 34 -2.84 28.64 8.23
C GLY A 34 -3.95 29.68 8.25
N ALA A 35 -5.18 29.24 8.43
CA ALA A 35 -6.36 30.10 8.30
C ALA A 35 -6.89 30.72 9.63
N GLY A 36 -6.08 30.62 10.68
CA GLY A 36 -6.48 31.21 11.95
C GLY A 36 -6.33 32.71 12.04
N GLY A 37 -5.57 33.35 11.13
CA GLY A 37 -5.42 34.81 11.19
C GLY A 37 -4.88 35.32 9.86
N GLY A 38 -4.76 36.63 9.73
CA GLY A 38 -4.09 37.22 8.56
C GLY A 38 -4.78 36.89 7.25
N ILE A 39 -3.97 36.74 6.21
CA ILE A 39 -4.51 36.44 4.90
C ILE A 39 -5.31 35.15 4.87
N GLY A 40 -4.85 34.13 5.62
CA GLY A 40 -5.55 32.82 5.59
C GLY A 40 -6.94 32.94 6.15
N ARG A 41 -7.07 33.71 7.24
CA ARG A 41 -8.39 34.00 7.77
C ARG A 41 -9.26 34.72 6.75
N ALA A 42 -8.69 35.70 6.06
CA ALA A 42 -9.44 36.43 5.05
C ALA A 42 -9.92 35.48 3.97
N HIS A 43 -9.07 34.54 3.53
CA HIS A 43 -9.53 33.57 2.51
C HIS A 43 -10.68 32.72 3.07
N ALA A 44 -10.54 32.19 4.28
CA ALA A 44 -11.61 31.38 4.85
C ALA A 44 -12.98 32.07 4.89
N LEU A 45 -13.00 33.29 5.41
CA LEU A 45 -14.24 34.10 5.43
C LEU A 45 -14.75 34.38 4.00
N ALA A 46 -13.84 34.71 3.08
CA ALA A 46 -14.23 35.03 1.68
C ALA A 46 -14.88 33.84 0.96
N PHE A 47 -14.29 32.66 1.14
CA PHE A 47 -14.87 31.44 0.58
C PHE A 47 -16.25 31.14 1.18
N ALA A 48 -16.34 31.18 2.51
CA ALA A 48 -17.61 30.90 3.15
C ALA A 48 -18.69 31.91 2.71
N ALA A 49 -18.29 33.17 2.53
CA ALA A 49 -19.23 34.23 2.07
C ALA A 49 -19.81 33.95 0.68
N GLU A 50 -19.09 33.14 -0.10
CA GLU A 50 -19.47 32.80 -1.47
C GLU A 50 -19.97 31.35 -1.55
N GLY A 51 -20.35 30.82 -0.40
CA GLY A 51 -21.12 29.57 -0.36
C GLY A 51 -20.31 28.30 -0.13
N ALA A 52 -19.00 28.41 0.06
CA ALA A 52 -18.18 27.22 0.27
C ALA A 52 -18.30 26.67 1.68
N ARG A 53 -18.07 25.38 1.83
CA ARG A 53 -17.90 24.75 3.15
C ARG A 53 -16.41 24.68 3.39
N VAL A 54 -15.98 25.23 4.52
CA VAL A 54 -14.57 25.51 4.72
C VAL A 54 -13.96 24.68 5.81
N VAL A 55 -12.83 24.07 5.49
CA VAL A 55 -11.94 23.48 6.51
C VAL A 55 -10.91 24.54 6.87
N VAL A 56 -11.03 25.07 8.09
CA VAL A 56 -10.14 26.10 8.62
C VAL A 56 -8.98 25.38 9.32
N ASN A 57 -7.85 25.27 8.63
CA ASN A 57 -6.70 24.54 9.15
C ASN A 57 -5.72 25.54 9.75
N ASP A 58 -5.32 25.30 11.00
CA ASP A 58 -4.35 26.16 11.65
C ASP A 58 -3.79 25.42 12.84
N ILE A 59 -2.48 25.50 13.05
CA ILE A 59 -1.88 24.72 14.17
C ILE A 59 -2.02 25.41 15.54
N GLY A 60 -2.46 26.66 15.53
CA GLY A 60 -2.62 27.40 16.79
C GLY A 60 -3.42 26.62 17.79
N VAL A 61 -2.90 26.51 19.01
CA VAL A 61 -3.60 25.67 20.00
C VAL A 61 -4.79 26.35 20.65
N GLY A 62 -5.71 25.51 21.12
CA GLY A 62 -6.85 25.99 21.90
C GLY A 62 -6.51 25.98 23.39
N LEU A 63 -7.54 26.16 24.20
CA LEU A 63 -7.32 26.36 25.65
C LEU A 63 -6.58 25.16 26.23
N ASP A 64 -6.90 23.97 25.72
CA ASP A 64 -6.34 22.72 26.26
C ASP A 64 -4.97 22.39 25.67
N GLY A 65 -4.46 23.28 24.82
CA GLY A 65 -3.08 23.12 24.33
C GLY A 65 -2.98 22.19 23.12
N SER A 66 -4.11 21.71 22.62
CA SER A 66 -4.06 20.92 21.40
C SER A 66 -4.41 21.79 20.18
N PRO A 67 -3.81 21.50 19.01
CA PRO A 67 -4.03 22.36 17.85
C PRO A 67 -5.49 22.47 17.45
N ALA A 68 -5.91 23.69 17.13
CA ALA A 68 -7.26 23.98 16.61
C ALA A 68 -8.43 23.52 17.47
N SER A 69 -8.25 23.37 18.80
CA SER A 69 -9.36 22.93 19.66
C SER A 69 -10.19 24.12 20.14
N GLY A 70 -11.09 23.88 21.10
CA GLY A 70 -11.85 24.99 21.65
C GLY A 70 -10.93 26.09 22.16
N GLY A 71 -11.26 27.34 21.83
CA GLY A 71 -10.45 28.50 22.26
C GLY A 71 -9.33 28.87 21.29
N SER A 72 -9.17 28.08 20.23
CA SER A 72 -8.09 28.32 19.24
C SER A 72 -8.48 29.38 18.23
N ALA A 73 -7.46 29.90 17.54
CA ALA A 73 -7.69 30.80 16.40
C ALA A 73 -8.54 30.13 15.33
N ALA A 74 -8.25 28.86 14.99
CA ALA A 74 -9.08 28.16 13.99
C ALA A 74 -10.55 28.14 14.40
N GLN A 75 -10.83 27.79 15.68
CA GLN A 75 -12.22 27.73 16.10
C GLN A 75 -12.89 29.09 16.09
N SER A 76 -12.11 30.14 16.39
CA SER A 76 -12.64 31.51 16.36
CA SER A 76 -12.61 31.50 16.37
C SER A 76 -13.10 31.88 14.96
N VAL A 77 -12.29 31.50 13.96
CA VAL A 77 -12.66 31.77 12.57
C VAL A 77 -13.88 30.93 12.15
N VAL A 78 -13.89 29.67 12.56
CA VAL A 78 -15.05 28.81 12.34
C VAL A 78 -16.31 29.49 12.93
N ASP A 79 -16.20 30.00 14.16
CA ASP A 79 -17.37 30.65 14.80
C ASP A 79 -17.81 31.91 14.05
N GLU A 80 -16.85 32.65 13.47
CA GLU A 80 -17.20 33.81 12.65
C GLU A 80 -18.02 33.38 11.44
N ILE A 81 -17.57 32.31 10.80
CA ILE A 81 -18.23 31.77 9.62
C ILE A 81 -19.64 31.29 9.99
N THR A 82 -19.76 30.53 11.07
CA THR A 82 -21.06 29.97 11.41
C THR A 82 -22.03 31.09 11.86
N ALA A 83 -21.51 32.09 12.56
CA ALA A 83 -22.35 33.22 12.99
C ALA A 83 -22.90 33.97 11.77
N ALA A 84 -22.14 34.02 10.68
CA ALA A 84 -22.60 34.66 9.43
C ALA A 84 -23.52 33.76 8.57
N GLY A 85 -23.80 32.54 9.03
CA GLY A 85 -24.74 31.62 8.31
C GLY A 85 -24.04 30.61 7.40
N GLY A 86 -22.72 30.50 7.54
CA GLY A 86 -21.93 29.53 6.72
C GLY A 86 -21.61 28.25 7.48
N GLU A 87 -20.82 27.38 6.83
CA GLU A 87 -20.45 26.10 7.40
C GLU A 87 -18.94 25.94 7.34
N ALA A 88 -18.37 25.50 8.45
CA ALA A 88 -16.90 25.35 8.55
C ALA A 88 -16.58 24.43 9.66
N VAL A 89 -15.36 23.88 9.63
CA VAL A 89 -14.85 23.05 10.71
CA VAL A 89 -14.85 23.04 10.70
C VAL A 89 -13.38 23.38 10.91
N ALA A 90 -12.91 23.26 12.15
CA ALA A 90 -11.51 23.49 12.46
C ALA A 90 -10.69 22.25 12.29
N ASP A 91 -9.43 22.43 11.89
CA ASP A 91 -8.50 21.29 11.76
C ASP A 91 -7.12 21.73 12.16
N GLY A 92 -6.47 20.90 12.99
CA GLY A 92 -5.17 21.31 13.52
C GLY A 92 -3.96 20.66 12.90
N SER A 93 -4.12 20.08 11.71
CA SER A 93 -2.97 19.43 11.05
C SER A 93 -1.80 20.34 10.83
N ASN A 94 -0.60 19.87 11.14
CA ASN A 94 0.63 20.55 10.73
C ASN A 94 1.01 20.11 9.32
N VAL A 95 0.89 20.99 8.33
CA VAL A 95 1.09 20.56 6.95
C VAL A 95 2.53 20.16 6.64
N ALA A 96 3.48 20.57 7.46
CA ALA A 96 4.88 20.15 7.29
C ALA A 96 5.09 18.68 7.70
N ASP A 97 4.11 18.12 8.41
CA ASP A 97 4.13 16.70 8.82
C ASP A 97 3.40 15.95 7.71
N TRP A 98 4.10 15.07 7.00
CA TRP A 98 3.53 14.46 5.78
C TRP A 98 2.23 13.71 6.06
N ASP A 99 2.20 12.96 7.16
CA ASP A 99 0.99 12.22 7.50
C ASP A 99 -0.15 13.10 7.96
N GLN A 100 0.15 14.19 8.67
CA GLN A 100 -0.92 15.09 9.07
C GLN A 100 -1.48 15.83 7.85
N ALA A 101 -0.62 16.12 6.86
CA ALA A 101 -1.15 16.69 5.61
C ALA A 101 -2.14 15.74 4.94
N ALA A 102 -1.83 14.43 4.91
CA ALA A 102 -2.78 13.46 4.42
C ALA A 102 -4.09 13.49 5.21
N GLY A 103 -3.99 13.58 6.53
CA GLY A 103 -5.18 13.58 7.37
C GLY A 103 -6.02 14.82 7.15
N LEU A 104 -5.37 15.93 6.80
CA LEU A 104 -6.11 17.17 6.49
C LEU A 104 -7.06 16.94 5.30
N ILE A 105 -6.57 16.30 4.24
CA ILE A 105 -7.41 15.99 3.08
C ILE A 105 -8.60 15.12 3.55
N GLN A 106 -8.32 14.13 4.38
CA GLN A 106 -9.38 13.28 4.91
C GLN A 106 -10.41 14.02 5.75
N THR A 107 -9.99 15.04 6.51
CA THR A 107 -10.94 15.87 7.26
C THR A 107 -11.98 16.47 6.35
N ALA A 108 -11.55 16.98 5.20
CA ALA A 108 -12.50 17.56 4.27
C ALA A 108 -13.46 16.49 3.75
N VAL A 109 -12.89 15.36 3.35
CA VAL A 109 -13.70 14.31 2.70
C VAL A 109 -14.70 13.72 3.71
N GLU A 110 -14.21 13.46 4.91
CA GLU A 110 -15.07 12.90 5.99
C GLU A 110 -16.15 13.85 6.49
N THR A 111 -15.80 15.13 6.61
CA THR A 111 -16.72 16.08 7.19
C THR A 111 -17.76 16.52 6.17
N PHE A 112 -17.32 16.80 4.95
CA PHE A 112 -18.16 17.42 3.97
C PHE A 112 -18.41 16.56 2.73
N GLY A 113 -17.81 15.37 2.65
CA GLY A 113 -18.13 14.45 1.54
C GLY A 113 -17.21 14.50 0.34
N GLY A 114 -16.28 15.46 0.31
CA GLY A 114 -15.35 15.54 -0.83
C GLY A 114 -14.45 16.77 -0.63
N LEU A 115 -13.70 17.12 -1.66
CA LEU A 115 -12.80 18.29 -1.62
C LEU A 115 -12.75 18.88 -3.04
N ASP A 116 -12.89 20.19 -3.11
CA ASP A 116 -12.85 20.87 -4.42
C ASP A 116 -11.67 21.83 -4.53
N VAL A 117 -11.28 22.47 -3.42
CA VAL A 117 -10.28 23.53 -3.51
C VAL A 117 -9.30 23.39 -2.35
N LEU A 118 -8.02 23.47 -2.67
CA LEU A 118 -6.96 23.49 -1.66
C LEU A 118 -6.24 24.83 -1.78
N VAL A 119 -6.23 25.58 -0.67
CA VAL A 119 -5.51 26.88 -0.66
C VAL A 119 -4.35 26.73 0.31
N ASN A 120 -3.14 26.67 -0.24
CA ASN A 120 -1.92 26.61 0.55
C ASN A 120 -1.51 28.02 0.93
N ASN A 121 -1.59 28.32 2.22
CA ASN A 121 -1.25 29.68 2.76
C ASN A 121 -0.35 29.69 3.97
N ALA A 122 -0.32 28.57 4.72
CA ALA A 122 0.47 28.51 5.98
C ALA A 122 1.91 28.95 5.74
N GLY A 123 2.42 29.80 6.63
CA GLY A 123 3.81 30.21 6.49
C GLY A 123 4.34 30.76 7.78
N ILE A 124 5.67 30.82 7.87
CA ILE A 124 6.37 31.55 8.93
C ILE A 124 7.51 32.34 8.29
N VAL A 125 8.04 33.32 9.03
CA VAL A 125 9.28 33.99 8.60
C VAL A 125 10.32 33.86 9.72
N ARG A 126 11.56 33.68 9.30
CA ARG A 126 12.72 33.73 10.18
C ARG A 126 13.75 34.53 9.38
N ASP A 127 13.56 35.84 9.30
CA ASP A 127 14.33 36.70 8.40
C ASP A 127 15.77 36.88 8.92
N ARG A 128 16.74 36.52 8.10
CA ARG A 128 18.17 36.67 8.41
C ARG A 128 18.95 36.83 7.11
N MET A 129 20.06 37.56 7.14
CA MET A 129 21.00 37.51 6.02
C MET A 129 21.46 36.07 5.84
N ILE A 130 21.82 35.69 4.62
CA ILE A 130 22.20 34.29 4.37
C ILE A 130 23.35 33.90 5.30
N ALA A 131 24.28 34.84 5.47
CA ALA A 131 25.49 34.64 6.27
C ALA A 131 25.21 34.48 7.75
N ASN A 132 24.02 34.89 8.17
CA ASN A 132 23.63 34.83 9.57
C ASN A 132 22.43 33.91 9.86
N THR A 133 22.14 33.01 8.93
CA THR A 133 20.96 32.15 9.08
C THR A 133 21.37 30.86 9.80
N SER A 134 20.66 30.52 10.87
CA SER A 134 20.92 29.26 11.57
C SER A 134 20.32 28.10 10.79
N GLU A 135 20.81 26.88 11.06
CA GLU A 135 20.24 25.66 10.48
C GLU A 135 18.75 25.58 10.76
N GLU A 136 18.35 25.81 12.02
CA GLU A 136 16.93 25.73 12.37
C GLU A 136 16.09 26.78 11.66
N GLU A 137 16.68 27.95 11.44
CA GLU A 137 15.97 29.05 10.77
C GLU A 137 15.74 28.76 9.28
N PHE A 138 16.74 28.13 8.64
CA PHE A 138 16.55 27.59 7.29
C PHE A 138 15.50 26.46 7.30
N ASP A 139 15.70 25.46 8.16
CA ASP A 139 14.86 24.24 8.14
C ASP A 139 13.40 24.60 8.34
N ALA A 140 13.12 25.44 9.35
CA ALA A 140 11.72 25.72 9.68
C ALA A 140 10.96 26.40 8.55
N VAL A 141 11.62 27.37 7.90
CA VAL A 141 10.97 28.13 6.83
C VAL A 141 10.73 27.21 5.61
N ILE A 142 11.76 26.44 5.24
CA ILE A 142 11.57 25.43 4.16
C ILE A 142 10.45 24.44 4.49
N ALA A 143 10.42 23.92 5.73
CA ALA A 143 9.42 22.93 6.09
C ALA A 143 7.99 23.48 6.02
N VAL A 144 7.74 24.63 6.64
CA VAL A 144 6.35 25.14 6.67
C VAL A 144 5.87 25.54 5.27
N HIS A 145 6.69 26.32 4.56
CA HIS A 145 6.27 26.81 3.24
C HIS A 145 6.35 25.72 2.15
N LEU A 146 7.56 25.24 1.89
CA LEU A 146 7.76 24.39 0.70
C LEU A 146 7.31 22.96 0.94
N LYS A 147 7.77 22.35 2.03
CA LYS A 147 7.26 20.99 2.34
C LYS A 147 5.76 20.98 2.62
N GLY A 148 5.25 21.99 3.34
CA GLY A 148 3.81 22.05 3.61
C GLY A 148 2.98 22.16 2.34
N HIS A 149 3.40 23.05 1.45
CA HIS A 149 2.71 23.16 0.15
C HIS A 149 2.82 21.79 -0.66
N PHE A 150 4.01 21.21 -0.70
CA PHE A 150 4.21 19.97 -1.45
C PHE A 150 3.36 18.82 -0.89
N ALA A 151 3.34 18.70 0.43
CA ALA A 151 2.65 17.59 1.12
C ALA A 151 1.14 17.66 0.85
N THR A 152 0.54 18.83 0.97
CA THR A 152 -0.89 18.92 0.66
C THR A 152 -1.18 18.70 -0.83
N MET A 153 -0.30 19.23 -1.70
CA MET A 153 -0.47 18.94 -3.13
C MET A 153 -0.42 17.43 -3.44
N ARG A 154 0.55 16.75 -2.87
CA ARG A 154 0.75 15.31 -3.01
C ARG A 154 -0.55 14.59 -2.62
N HIS A 155 -1.08 14.91 -1.45
CA HIS A 155 -2.24 14.14 -0.99
C HIS A 155 -3.57 14.52 -1.65
N ALA A 156 -3.73 15.81 -1.96
CA ALA A 156 -4.95 16.24 -2.66
C ALA A 156 -4.94 15.71 -4.10
N ALA A 157 -3.78 15.75 -4.78
CA ALA A 157 -3.75 15.25 -6.14
C ALA A 157 -4.07 13.74 -6.17
N ALA A 158 -3.55 13.00 -5.21
CA ALA A 158 -3.79 11.55 -5.22
C ALA A 158 -5.28 11.31 -5.00
N TYR A 159 -5.90 12.10 -4.12
CA TYR A 159 -7.34 12.03 -3.90
C TYR A 159 -8.12 12.29 -5.20
N TRP A 160 -7.83 13.41 -5.86
CA TRP A 160 -8.55 13.75 -7.08
C TRP A 160 -8.29 12.75 -8.19
N ARG A 161 -7.05 12.32 -8.33
CA ARG A 161 -6.75 11.30 -9.35
C ARG A 161 -7.59 10.04 -9.09
N GLY A 162 -7.74 9.68 -7.83
CA GLY A 162 -8.54 8.49 -7.46
C GLY A 162 -10.00 8.65 -7.84
N LEU A 163 -10.57 9.84 -7.59
CA LEU A 163 -11.94 10.09 -8.06
C LEU A 163 -12.06 9.97 -9.57
N SER A 164 -11.11 10.58 -10.28
CA SER A 164 -11.09 10.48 -11.74
C SER A 164 -10.99 9.02 -12.26
N LYS A 165 -10.15 8.22 -11.62
CA LYS A 165 -10.02 6.81 -11.98
C LYS A 165 -11.38 6.10 -11.80
N ALA A 166 -12.11 6.51 -10.77
CA ALA A 166 -13.42 5.91 -10.46
C ALA A 166 -14.58 6.57 -11.18
N GLY A 167 -14.30 7.43 -12.15
CA GLY A 167 -15.31 7.94 -13.09
C GLY A 167 -16.04 9.15 -12.55
N LYS A 168 -15.59 9.63 -11.39
CA LYS A 168 -16.28 10.70 -10.65
C LYS A 168 -15.92 12.07 -11.16
N ALA A 169 -16.73 13.02 -10.69
CA ALA A 169 -16.65 14.40 -11.15
C ALA A 169 -15.44 15.00 -10.46
N VAL A 170 -14.51 15.51 -11.28
CA VAL A 170 -13.40 16.33 -10.80
C VAL A 170 -13.25 17.68 -11.52
N ASP A 171 -13.35 18.71 -10.72
CA ASP A 171 -13.15 20.09 -11.17
C ASP A 171 -12.44 20.73 -9.99
N GLY A 172 -11.20 20.28 -9.78
CA GLY A 172 -10.49 20.61 -8.53
C GLY A 172 -9.52 21.77 -8.74
N ARG A 173 -9.06 22.33 -7.65
CA ARG A 173 -8.32 23.61 -7.73
C ARG A 173 -7.28 23.65 -6.63
N ILE A 174 -6.05 24.03 -6.99
CA ILE A 174 -5.03 24.28 -5.97
C ILE A 174 -4.60 25.72 -6.16
N ILE A 175 -4.64 26.48 -5.07
CA ILE A 175 -4.09 27.85 -5.12
C ILE A 175 -3.00 27.94 -4.05
N ASN A 176 -1.78 28.16 -4.55
CA ASN A 176 -0.58 28.27 -3.75
C ASN A 176 -0.24 29.72 -3.46
N THR A 177 0.63 29.92 -2.47
CA THR A 177 1.03 31.27 -2.08
C THR A 177 2.53 31.43 -2.29
N SER A 178 2.90 32.12 -3.38
CA SER A 178 4.31 32.48 -3.60
C SER A 178 4.49 33.93 -3.12
N SER A 179 5.44 34.64 -3.71
CA SER A 179 5.77 35.99 -3.27
C SER A 179 6.72 36.58 -4.28
N GLY A 180 6.74 37.90 -4.37
CA GLY A 180 7.82 38.55 -5.14
C GLY A 180 9.17 38.12 -4.59
N ALA A 181 9.25 37.79 -3.32
CA ALA A 181 10.53 37.30 -2.79
C ALA A 181 10.95 36.00 -3.46
N GLY A 182 9.99 35.14 -3.80
CA GLY A 182 10.32 33.89 -4.51
C GLY A 182 10.66 34.15 -5.98
N LEU A 183 10.06 35.17 -6.59
CA LEU A 183 10.27 35.40 -8.03
C LEU A 183 11.57 36.14 -8.34
N GLN A 184 11.81 37.23 -7.62
CA GLN A 184 12.97 38.09 -7.89
C GLN A 184 13.97 38.17 -6.74
N GLY A 185 13.62 37.56 -5.61
CA GLY A 185 14.47 37.57 -4.43
C GLY A 185 14.12 38.70 -3.47
N SER A 186 14.44 38.50 -2.18
CA SER A 186 14.27 39.56 -1.18
C SER A 186 15.44 39.57 -0.20
N VAL A 187 16.19 40.68 -0.17
CA VAL A 187 17.37 40.79 0.74
C VAL A 187 16.95 40.55 2.19
N GLY A 188 17.73 39.74 2.90
CA GLY A 188 17.47 39.46 4.30
C GLY A 188 16.40 38.41 4.45
N GLN A 189 15.99 37.80 3.32
CA GLN A 189 14.93 36.78 3.35
C GLN A 189 15.31 35.62 2.45
N GLY A 190 16.58 35.24 2.45
CA GLY A 190 17.08 34.11 1.62
C GLY A 190 16.30 32.82 1.76
N ASN A 191 16.07 32.41 3.01
CA ASN A 191 15.34 31.17 3.28
C ASN A 191 13.90 31.20 2.72
N TYR A 192 13.22 32.30 3.01
CA TYR A 192 11.82 32.55 2.60
C TYR A 192 11.75 32.68 1.08
N SER A 193 12.71 33.40 0.50
CA SER A 193 12.78 33.58 -0.97
C SER A 193 12.94 32.20 -1.66
N ALA A 194 13.86 31.37 -1.16
CA ALA A 194 14.06 30.04 -1.72
C ALA A 194 12.79 29.21 -1.62
N ALA A 195 12.14 29.24 -0.45
CA ALA A 195 10.91 28.45 -0.31
C ALA A 195 9.80 28.95 -1.26
N LYS A 196 9.63 30.26 -1.39
CA LYS A 196 8.56 30.78 -2.24
C LYS A 196 8.90 30.58 -3.70
N ALA A 197 10.19 30.54 -4.05
CA ALA A 197 10.61 30.16 -5.40
C ALA A 197 10.29 28.71 -5.72
N GLY A 198 10.57 27.81 -4.79
CA GLY A 198 10.18 26.41 -4.94
C GLY A 198 8.68 26.29 -5.17
N ILE A 199 7.90 27.09 -4.43
CA ILE A 199 6.42 27.10 -4.57
C ILE A 199 5.99 27.59 -5.96
N ALA A 200 6.61 28.68 -6.47
CA ALA A 200 6.26 29.15 -7.83
C ALA A 200 6.47 28.04 -8.87
N THR A 201 7.64 27.40 -8.84
CA THR A 201 7.92 26.33 -9.83
C THR A 201 7.07 25.08 -9.62
N LEU A 202 6.77 24.74 -8.36
CA LEU A 202 5.95 23.62 -8.07
C LEU A 202 4.54 23.87 -8.63
N THR A 203 4.10 25.12 -8.59
CA THR A 203 2.82 25.50 -9.22
C THR A 203 2.86 25.20 -10.72
N LEU A 204 3.96 25.55 -11.38
CA LEU A 204 4.05 25.26 -12.83
C LEU A 204 3.99 23.75 -13.09
N VAL A 205 4.73 22.97 -12.29
CA VAL A 205 4.76 21.52 -12.52
C VAL A 205 3.41 20.90 -12.19
N GLY A 206 2.82 21.27 -11.05
CA GLY A 206 1.50 20.76 -10.68
C GLY A 206 0.49 21.00 -11.79
N ALA A 207 0.51 22.22 -12.35
CA ALA A 207 -0.44 22.54 -13.39
C ALA A 207 -0.31 21.56 -14.56
N ALA A 208 0.94 21.29 -14.94
CA ALA A 208 1.23 20.42 -16.07
C ALA A 208 0.82 18.97 -15.82
N GLU A 209 0.99 18.51 -14.58
CA GLU A 209 0.75 17.11 -14.23
C GLU A 209 -0.72 16.80 -13.92
N MET A 210 -1.42 17.77 -13.34
CA MET A 210 -2.73 17.46 -12.75
C MET A 210 -3.93 17.87 -13.64
N GLY A 211 -3.69 18.60 -14.73
CA GLY A 211 -4.78 19.00 -15.63
C GLY A 211 -5.47 17.79 -16.26
N ARG A 212 -4.71 16.69 -16.36
CA ARG A 212 -5.13 15.39 -16.87
C ARG A 212 -6.35 14.85 -16.15
N TYR A 213 -6.43 15.13 -14.84
CA TYR A 213 -7.59 14.69 -14.08
C TYR A 213 -8.38 15.84 -13.47
N GLY A 214 -8.40 16.96 -14.19
CA GLY A 214 -9.38 18.03 -13.96
C GLY A 214 -9.00 18.95 -12.82
N VAL A 215 -7.69 19.08 -12.56
CA VAL A 215 -7.25 19.97 -11.47
C VAL A 215 -6.42 21.11 -12.05
N THR A 216 -6.78 22.35 -11.71
CA THR A 216 -5.91 23.48 -12.04
C THR A 216 -5.01 23.83 -10.86
N VAL A 217 -3.88 24.43 -11.18
CA VAL A 217 -2.92 24.80 -10.14
C VAL A 217 -2.36 26.17 -10.44
N ASN A 218 -2.55 27.11 -9.52
CA ASN A 218 -2.14 28.52 -9.75
C ASN A 218 -1.56 29.05 -8.45
N ALA A 219 -0.98 30.23 -8.48
CA ALA A 219 -0.48 30.80 -7.25
C ALA A 219 -0.83 32.29 -7.20
N ILE A 220 -0.99 32.79 -5.97
CA ILE A 220 -0.98 34.24 -5.77
C ILE A 220 0.30 34.68 -5.05
N ALA A 221 0.66 35.96 -5.21
CA ALA A 221 1.85 36.51 -4.56
C ALA A 221 1.40 37.86 -3.98
N PRO A 222 0.91 37.85 -2.74
CA PRO A 222 0.51 39.11 -2.08
C PRO A 222 1.70 40.04 -1.96
N SER A 223 1.47 41.34 -2.06
CA SER A 223 2.60 42.29 -2.02
C SER A 223 3.20 42.28 -0.62
N ALA A 224 4.46 42.68 -0.49
CA ALA A 224 5.10 42.70 0.83
C ALA A 224 4.44 43.66 1.82
N ARG A 225 3.84 44.73 1.30
CA ARG A 225 3.16 45.72 2.15
C ARG A 225 1.77 45.30 2.57
N THR A 226 1.21 44.25 1.94
CA THR A 226 -0.09 43.76 2.42
C THR A 226 0.04 43.37 3.91
N ARG A 227 -0.93 43.77 4.73
CA ARG A 227 -0.87 43.48 6.17
C ARG A 227 -1.03 41.99 6.42
N MET A 228 0.02 41.31 6.89
CA MET A 228 -0.10 39.85 7.01
CA MET A 228 -0.01 39.84 6.99
C MET A 228 0.07 39.29 8.42
N THR A 229 0.42 40.14 9.36
CA THR A 229 0.46 39.72 10.76
C THR A 229 -0.94 39.85 11.40
N GLU A 230 -1.05 39.37 12.62
CA GLU A 230 -2.36 39.08 13.18
C GLU A 230 -2.45 39.72 14.55
N THR A 231 -3.13 40.86 14.62
CA THR A 231 -3.19 41.60 15.86
C THR A 231 -4.44 41.26 16.63
N VAL A 232 -4.47 41.74 17.87
CA VAL A 232 -5.54 41.37 18.80
C VAL A 232 -6.89 42.02 18.51
N PHE A 233 -6.88 43.31 18.15
CA PHE A 233 -8.12 44.10 18.09
C PHE A 233 -8.50 44.52 16.68
N ALA A 234 -9.77 44.41 16.35
CA ALA A 234 -10.22 44.77 15.00
C ALA A 234 -11.45 45.67 15.11
N GLU A 235 -11.61 46.57 14.15
CA GLU A 235 -12.64 47.62 14.25
C GLU A 235 -12.91 48.14 12.84
N PHE A 244 -10.89 53.30 1.55
CA PHE A 244 -10.24 52.05 0.97
C PHE A 244 -8.87 51.74 1.58
N ASP A 245 -8.75 50.69 2.39
CA ASP A 245 -7.40 50.34 2.86
C ASP A 245 -6.78 49.39 1.84
N ALA A 246 -5.93 49.88 0.94
CA ALA A 246 -5.40 49.00 -0.13
C ALA A 246 -4.59 47.81 0.43
N MET A 247 -4.02 47.97 1.64
CA MET A 247 -3.14 46.91 2.15
C MET A 247 -3.84 45.84 2.99
N ALA A 248 -5.17 45.92 3.12
CA ALA A 248 -5.93 44.98 3.98
C ALA A 248 -5.79 43.61 3.37
N PRO A 249 -5.65 42.57 4.21
CA PRO A 249 -5.49 41.21 3.66
C PRO A 249 -6.75 40.74 2.90
N GLU A 250 -7.91 41.26 3.30
CA GLU A 250 -9.16 40.91 2.61
C GLU A 250 -9.13 41.24 1.11
N ASN A 251 -8.23 42.12 0.67
CA ASN A 251 -8.18 42.48 -0.76
C ASN A 251 -7.51 41.39 -1.61
N VAL A 252 -6.78 40.49 -0.94
CA VAL A 252 -6.05 39.40 -1.64
C VAL A 252 -7.01 38.27 -1.99
N SER A 253 -8.01 38.03 -1.14
CA SER A 253 -8.84 36.84 -1.29
C SER A 253 -9.75 36.75 -2.53
N PRO A 254 -10.31 37.88 -3.06
CA PRO A 254 -11.29 37.73 -4.17
C PRO A 254 -10.77 36.89 -5.33
N LEU A 255 -9.52 37.13 -5.73
CA LEU A 255 -8.96 36.33 -6.84
C LEU A 255 -8.79 34.84 -6.46
N VAL A 256 -8.44 34.57 -5.21
CA VAL A 256 -8.36 33.17 -4.77
C VAL A 256 -9.71 32.48 -4.91
N VAL A 257 -10.74 33.14 -4.39
CA VAL A 257 -12.09 32.60 -4.49
C VAL A 257 -12.48 32.40 -5.94
N TRP A 258 -12.21 33.38 -6.80
CA TRP A 258 -12.57 33.16 -8.22
C TRP A 258 -11.80 31.96 -8.84
N LEU A 259 -10.50 31.89 -8.59
CA LEU A 259 -9.71 30.76 -9.13
C LEU A 259 -10.26 29.42 -8.62
N GLY A 260 -10.84 29.41 -7.43
CA GLY A 260 -11.42 28.16 -6.87
C GLY A 260 -12.79 27.81 -7.47
N SER A 261 -13.31 28.66 -8.36
CA SER A 261 -14.66 28.49 -8.93
C SER A 261 -14.68 27.63 -10.22
N ALA A 262 -15.86 27.15 -10.57
CA ALA A 262 -16.07 26.40 -11.80
C ALA A 262 -15.64 27.21 -13.02
N GLU A 263 -15.88 28.50 -12.98
CA GLU A 263 -15.62 29.39 -14.11
C GLU A 263 -14.13 29.47 -14.48
N ALA A 264 -13.27 29.19 -13.50
CA ALA A 264 -11.82 29.32 -13.66
C ALA A 264 -11.17 28.03 -14.18
N ARG A 265 -11.98 27.16 -14.77
CA ARG A 265 -11.45 25.86 -15.25
C ARG A 265 -10.35 25.96 -16.31
N ASP A 266 -10.33 27.06 -17.08
CA ASP A 266 -9.31 27.22 -18.12
C ASP A 266 -8.10 28.02 -17.72
N VAL A 267 -7.97 28.29 -16.42
CA VAL A 267 -6.82 29.03 -15.94
C VAL A 267 -5.92 28.10 -15.12
N THR A 268 -4.70 27.88 -15.56
CA THR A 268 -3.81 27.01 -14.81
C THR A 268 -2.35 27.40 -15.05
N GLY A 269 -1.50 27.14 -14.06
CA GLY A 269 -0.06 27.41 -14.19
C GLY A 269 0.24 28.89 -14.13
N LYS A 270 -0.66 29.70 -13.57
CA LYS A 270 -0.45 31.15 -13.54
C LYS A 270 -0.02 31.61 -12.17
N VAL A 271 0.76 32.70 -12.15
CA VAL A 271 1.15 33.34 -10.90
C VAL A 271 0.70 34.80 -10.94
N PHE A 272 -0.15 35.19 -10.00
CA PHE A 272 -0.74 36.53 -10.02
C PHE A 272 -0.27 37.29 -8.80
N GLU A 273 0.29 38.47 -9.04
CA GLU A 273 0.73 39.32 -7.96
C GLU A 273 -0.45 40.22 -7.58
N VAL A 274 -0.77 40.34 -6.29
CA VAL A 274 -1.99 41.06 -5.89
C VAL A 274 -1.76 41.97 -4.68
N GLU A 275 -2.45 43.11 -4.69
CA GLU A 275 -2.45 44.04 -3.55
C GLU A 275 -3.65 44.95 -3.81
N GLY A 276 -4.50 45.18 -2.81
CA GLY A 276 -5.57 46.20 -2.96
C GLY A 276 -6.45 45.81 -4.12
N GLY A 277 -6.63 46.74 -5.06
CA GLY A 277 -7.40 46.42 -6.28
C GLY A 277 -6.57 45.98 -7.47
N LYS A 278 -5.28 45.72 -7.25
CA LYS A 278 -4.34 45.46 -8.36
C LYS A 278 -4.21 43.94 -8.54
N ILE A 279 -4.24 43.52 -9.80
CA ILE A 279 -3.86 42.13 -10.14
C ILE A 279 -2.85 42.27 -11.27
N ARG A 280 -1.69 41.61 -11.12
CA ARG A 280 -0.70 41.62 -12.18
C ARG A 280 -0.30 40.18 -12.50
N VAL A 281 -0.15 39.88 -13.77
CA VAL A 281 0.33 38.56 -14.17
C VAL A 281 1.86 38.57 -14.13
N ALA A 282 2.46 37.64 -13.38
CA ALA A 282 3.94 37.48 -13.38
C ALA A 282 4.30 36.63 -14.58
N GLU A 283 5.30 37.07 -15.39
CA GLU A 283 5.72 36.33 -16.59
C GLU A 283 6.99 35.59 -16.27
N GLY A 284 7.01 34.29 -16.60
CA GLY A 284 8.11 33.42 -16.14
C GLY A 284 9.45 33.60 -16.84
N TRP A 285 10.43 32.82 -16.39
CA TRP A 285 11.79 32.87 -16.96
C TRP A 285 11.75 32.64 -18.46
N ALA A 286 12.51 33.47 -19.17
CA ALA A 286 12.55 33.44 -20.64
C ALA A 286 13.94 33.13 -21.17
N HIS A 287 14.01 32.84 -22.47
CA HIS A 287 15.30 32.61 -23.11
C HIS A 287 15.86 33.93 -23.61
N GLY A 288 16.95 34.37 -23.01
CA GLY A 288 17.59 35.61 -23.45
C GLY A 288 18.65 35.32 -24.52
N PRO A 289 19.59 36.26 -24.68
CA PRO A 289 20.61 36.21 -25.73
C PRO A 289 21.41 34.92 -25.65
N GLN A 290 21.76 34.37 -26.82
CA GLN A 290 22.52 33.12 -26.87
C GLN A 290 23.67 33.25 -27.86
N ILE A 291 24.76 32.55 -27.58
CA ILE A 291 25.85 32.43 -28.55
C ILE A 291 26.23 30.95 -28.59
N ASP A 292 26.69 30.48 -29.76
CA ASP A 292 27.08 29.07 -29.89
C ASP A 292 28.43 29.00 -30.59
N LYS A 293 29.45 28.50 -29.90
CA LYS A 293 30.78 28.28 -30.53
C LYS A 293 30.75 27.11 -31.50
N GLY A 294 29.85 26.17 -31.23
CA GLY A 294 29.79 24.93 -32.00
C GLY A 294 31.00 24.06 -31.72
N ALA A 295 31.79 24.44 -30.71
CA ALA A 295 32.91 23.66 -30.19
C ALA A 295 33.07 24.00 -28.69
N ARG A 296 34.04 23.39 -28.00
CA ARG A 296 34.29 23.65 -26.57
CA ARG A 296 34.25 23.68 -26.58
C ARG A 296 34.96 25.01 -26.37
N TRP A 297 34.41 25.81 -25.44
CA TRP A 297 34.96 27.13 -25.11
C TRP A 297 36.30 27.01 -24.37
N ASP A 298 37.22 27.91 -24.71
CA ASP A 298 38.41 28.13 -23.89
C ASP A 298 37.98 29.13 -22.82
N PRO A 299 38.11 28.79 -21.52
CA PRO A 299 37.72 29.74 -20.46
C PRO A 299 38.38 31.13 -20.59
N ALA A 300 39.59 31.19 -21.13
CA ALA A 300 40.28 32.46 -21.31
C ALA A 300 39.59 33.40 -22.28
N GLU A 301 38.79 32.85 -23.20
CA GLU A 301 38.15 33.66 -24.26
C GLU A 301 36.73 34.18 -23.90
N LEU A 302 36.24 33.83 -22.71
CA LEU A 302 34.83 34.10 -22.36
C LEU A 302 34.44 35.51 -21.98
N GLY A 303 35.39 36.29 -21.46
CA GLY A 303 35.13 37.68 -21.09
C GLY A 303 34.34 38.50 -22.10
N PRO A 304 34.86 38.67 -23.32
CA PRO A 304 34.07 39.39 -24.31
C PRO A 304 32.74 38.70 -24.69
N VAL A 305 32.73 37.38 -24.66
CA VAL A 305 31.52 36.62 -25.01
C VAL A 305 30.40 36.90 -24.00
N VAL A 306 30.75 36.86 -22.70
CA VAL A 306 29.81 37.10 -21.60
C VAL A 306 29.39 38.57 -21.57
N ALA A 307 30.35 39.48 -21.75
CA ALA A 307 30.00 40.91 -21.83
C ALA A 307 28.99 41.18 -22.94
N ASP A 308 29.22 40.60 -24.11
CA ASP A 308 28.30 40.76 -25.24
C ASP A 308 26.87 40.32 -24.89
N LEU A 309 26.76 39.13 -24.31
CA LEU A 309 25.46 38.54 -23.98
C LEU A 309 24.72 39.38 -22.96
N LEU A 310 25.44 39.81 -21.93
CA LEU A 310 24.84 40.52 -20.81
C LEU A 310 24.34 41.93 -21.16
N GLY A 311 25.04 42.60 -22.06
CA GLY A 311 24.58 43.92 -22.51
C GLY A 311 23.30 43.81 -23.32
N LYS A 312 23.08 42.65 -23.92
CA LYS A 312 21.93 42.46 -24.78
C LYS A 312 20.71 41.94 -24.00
N ALA A 313 20.96 41.47 -22.79
CA ALA A 313 19.91 40.81 -21.97
C ALA A 313 18.92 41.83 -21.42
N ARG A 314 17.65 41.44 -21.29
CA ARG A 314 16.67 42.30 -20.67
C ARG A 314 17.04 42.68 -19.21
N PRO A 315 16.92 43.97 -18.84
CA PRO A 315 17.12 44.32 -17.43
C PRO A 315 16.12 43.56 -16.54
N PRO A 316 16.61 42.99 -15.44
CA PRO A 316 15.73 42.20 -14.56
C PRO A 316 14.87 43.11 -13.68
N VAL A 317 13.84 42.55 -13.08
CA VAL A 317 13.14 43.20 -11.96
C VAL A 317 14.12 43.07 -10.79
N PRO A 318 14.50 44.20 -10.15
CA PRO A 318 15.52 44.20 -9.10
C PRO A 318 15.12 43.34 -7.92
N VAL A 319 16.11 42.85 -7.19
CA VAL A 319 15.84 42.10 -5.96
C VAL A 319 15.15 43.05 -4.97
N TYR A 320 14.09 42.59 -4.33
CA TYR A 320 13.41 43.38 -3.30
C TYR A 320 14.33 43.70 -2.13
N GLY A 321 14.33 44.96 -1.70
CA GLY A 321 15.13 45.36 -0.55
C GLY A 321 16.59 45.60 -0.88
N ALA A 322 16.94 45.60 -2.17
CA ALA A 322 18.33 45.83 -2.55
C ALA A 322 18.61 47.33 -2.54
N MET B 22 50.11 31.74 -17.60
CA MET B 22 49.32 31.95 -16.35
C MET B 22 47.85 31.52 -16.52
N GLY B 23 47.39 30.61 -15.67
CA GLY B 23 46.00 30.14 -15.69
C GLY B 23 44.96 31.23 -15.42
N VAL B 24 43.76 31.04 -15.97
CA VAL B 24 42.62 31.97 -15.77
C VAL B 24 42.23 32.15 -14.29
N VAL B 25 42.36 31.08 -13.51
CA VAL B 25 42.12 31.11 -12.08
C VAL B 25 43.37 30.76 -11.28
N ASP B 26 44.52 31.18 -11.81
CA ASP B 26 45.78 30.84 -11.21
C ASP B 26 45.76 31.19 -9.72
N GLY B 27 46.09 30.21 -8.89
CA GLY B 27 46.28 30.49 -7.45
C GLY B 27 45.02 30.53 -6.61
N ARG B 28 43.89 30.72 -7.29
CA ARG B 28 42.59 30.71 -6.64
C ARG B 28 42.31 29.38 -5.97
N VAL B 29 41.78 29.43 -4.75
CA VAL B 29 41.40 28.23 -4.04
C VAL B 29 39.89 28.02 -4.28
N VAL B 30 39.53 26.81 -4.74
CA VAL B 30 38.16 26.47 -5.17
C VAL B 30 37.69 25.18 -4.54
N ILE B 31 36.42 25.16 -4.12
CA ILE B 31 35.73 23.95 -3.66
C ILE B 31 34.74 23.56 -4.76
N VAL B 32 34.72 22.28 -5.15
CA VAL B 32 33.66 21.73 -6.00
C VAL B 32 32.97 20.64 -5.22
N THR B 33 31.64 20.74 -5.06
CA THR B 33 30.94 19.69 -4.35
C THR B 33 30.47 18.64 -5.33
N GLY B 34 30.40 17.40 -4.88
CA GLY B 34 30.02 16.29 -5.75
C GLY B 34 31.00 16.16 -6.91
N ALA B 35 32.28 16.31 -6.61
CA ALA B 35 33.27 16.39 -7.67
C ALA B 35 33.95 15.06 -8.03
N GLY B 36 33.40 13.95 -7.53
CA GLY B 36 33.96 12.63 -7.79
C GLY B 36 33.69 12.03 -9.16
N GLY B 37 32.70 12.57 -9.89
CA GLY B 37 32.30 12.07 -11.21
C GLY B 37 31.55 13.11 -12.01
N GLY B 38 31.23 12.80 -13.27
CA GLY B 38 30.37 13.67 -14.09
C GLY B 38 30.81 15.11 -14.20
N ILE B 39 29.85 16.04 -14.21
CA ILE B 39 30.17 17.45 -14.37
C ILE B 39 31.03 17.99 -13.22
N GLY B 40 30.80 17.49 -12.00
CA GLY B 40 31.57 17.91 -10.86
C GLY B 40 33.06 17.60 -11.04
N ARG B 41 33.35 16.41 -11.56
CA ARG B 41 34.71 16.04 -11.96
C ARG B 41 35.24 16.97 -13.05
N ALA B 42 34.46 17.20 -14.10
CA ALA B 42 34.84 18.12 -15.18
C ALA B 42 35.23 19.49 -14.61
N HIS B 43 34.39 20.03 -13.72
CA HIS B 43 34.70 21.31 -13.02
C HIS B 43 36.04 21.26 -12.31
N ALA B 44 36.21 20.28 -11.43
CA ALA B 44 37.46 20.12 -10.67
C ALA B 44 38.71 20.15 -11.56
N LEU B 45 38.72 19.31 -12.59
CA LEU B 45 39.85 19.22 -13.54
C LEU B 45 40.03 20.51 -14.30
N ALA B 46 38.92 21.17 -14.66
CA ALA B 46 39.01 22.40 -15.46
C ALA B 46 39.64 23.53 -14.65
N PHE B 47 39.28 23.63 -13.37
CA PHE B 47 39.85 24.65 -12.48
C PHE B 47 41.37 24.41 -12.29
N ALA B 48 41.74 23.16 -12.05
CA ALA B 48 43.14 22.77 -11.87
C ALA B 48 43.96 23.08 -13.11
N ALA B 49 43.40 22.77 -14.28
CA ALA B 49 44.07 23.04 -15.55
C ALA B 49 44.36 24.53 -15.72
N GLU B 50 43.52 25.38 -15.14
CA GLU B 50 43.75 26.82 -15.20
C GLU B 50 44.38 27.38 -13.93
N GLY B 51 45.05 26.52 -13.17
CA GLY B 51 45.94 26.96 -12.09
C GLY B 51 45.39 27.08 -10.68
N ALA B 52 44.12 26.70 -10.50
CA ALA B 52 43.50 26.71 -9.18
C ALA B 52 43.94 25.54 -8.31
N ARG B 53 43.98 25.77 -7.00
CA ARG B 53 44.13 24.69 -6.04
C ARG B 53 42.72 24.26 -5.64
N VAL B 54 42.46 22.95 -5.76
CA VAL B 54 41.08 22.42 -5.72
C VAL B 54 40.80 21.51 -4.52
N VAL B 55 39.71 21.79 -3.81
CA VAL B 55 39.18 20.87 -2.83
C VAL B 55 38.12 20.04 -3.53
N VAL B 56 38.40 18.75 -3.64
CA VAL B 56 37.50 17.83 -4.29
C VAL B 56 36.61 17.22 -3.23
N ASN B 57 35.38 17.74 -3.15
CA ASN B 57 34.42 17.23 -2.21
C ASN B 57 33.53 16.21 -2.90
N ASP B 58 33.45 15.04 -2.29
CA ASP B 58 32.57 13.96 -2.73
C ASP B 58 32.37 12.97 -1.59
N ILE B 59 31.13 12.57 -1.35
CA ILE B 59 30.85 11.66 -0.24
C ILE B 59 31.13 10.17 -0.52
N GLY B 60 31.43 9.84 -1.79
CA GLY B 60 31.72 8.45 -2.17
C GLY B 60 32.85 7.87 -1.34
N VAL B 61 32.64 6.65 -0.86
CA VAL B 61 33.56 5.99 0.07
C VAL B 61 34.79 5.41 -0.63
N GLY B 62 35.91 5.38 0.08
CA GLY B 62 37.10 4.69 -0.39
C GLY B 62 37.09 3.22 0.01
N LEU B 63 38.27 2.60 -0.01
CA LEU B 63 38.37 1.18 0.30
C LEU B 63 38.08 0.87 1.77
N ASP B 64 38.44 1.80 2.67
CA ASP B 64 38.15 1.61 4.11
C ASP B 64 36.67 1.85 4.48
N GLY B 65 35.85 2.29 3.53
CA GLY B 65 34.42 2.42 3.75
C GLY B 65 33.98 3.77 4.25
N SER B 66 34.94 4.70 4.37
CA SER B 66 34.66 6.06 4.79
C SER B 66 34.72 7.04 3.60
N PRO B 67 33.97 8.17 3.69
CA PRO B 67 33.91 9.06 2.52
C PRO B 67 35.25 9.72 2.13
N ALA B 68 35.57 9.67 0.84
CA ALA B 68 36.71 10.38 0.25
C ALA B 68 38.08 9.93 0.73
N SER B 69 38.19 8.65 1.08
CA SER B 69 39.48 8.06 1.50
C SER B 69 40.30 7.50 0.33
N GLY B 70 41.37 6.73 0.65
CA GLY B 70 42.15 6.06 -0.40
C GLY B 70 41.25 5.11 -1.20
N GLY B 71 41.37 5.13 -2.54
CA GLY B 71 40.45 4.35 -3.39
C GLY B 71 39.06 4.96 -3.69
N SER B 72 38.77 6.15 -3.15
CA SER B 72 37.48 6.84 -3.40
C SER B 72 37.40 7.55 -4.75
N ALA B 73 36.20 8.01 -5.11
CA ALA B 73 36.03 8.82 -6.31
C ALA B 73 36.75 10.17 -6.17
N ALA B 74 36.60 10.80 -5.01
CA ALA B 74 37.28 12.07 -4.72
C ALA B 74 38.79 11.95 -4.92
N GLN B 75 39.38 10.95 -4.27
CA GLN B 75 40.84 10.78 -4.31
C GLN B 75 41.32 10.46 -5.71
N SER B 76 40.56 9.62 -6.41
CA SER B 76 40.83 9.35 -7.82
C SER B 76 40.98 10.62 -8.64
N VAL B 77 40.05 11.54 -8.46
CA VAL B 77 40.09 12.80 -9.18
C VAL B 77 41.27 13.65 -8.72
N VAL B 78 41.55 13.63 -7.42
CA VAL B 78 42.70 14.34 -6.88
C VAL B 78 44.01 13.83 -7.54
N ASP B 79 44.09 12.51 -7.74
CA ASP B 79 45.25 11.87 -8.38
C ASP B 79 45.36 12.35 -9.82
N GLU B 80 44.21 12.58 -10.46
CA GLU B 80 44.20 13.05 -11.83
C GLU B 80 44.81 14.43 -11.88
N ILE B 81 44.42 15.28 -10.92
CA ILE B 81 44.91 16.66 -10.84
C ILE B 81 46.44 16.74 -10.61
N THR B 82 46.94 16.01 -9.61
CA THR B 82 48.39 15.98 -9.29
C THR B 82 49.24 15.55 -10.48
N ALA B 83 48.77 14.53 -11.20
CA ALA B 83 49.52 13.90 -12.30
C ALA B 83 49.59 14.78 -13.53
N ALA B 84 48.63 15.69 -13.66
CA ALA B 84 48.72 16.74 -14.66
C ALA B 84 49.53 17.92 -14.09
N GLY B 85 50.01 17.76 -12.86
CA GLY B 85 50.83 18.79 -12.20
C GLY B 85 50.12 19.87 -11.41
N GLY B 86 48.93 19.57 -10.89
CA GLY B 86 48.18 20.52 -10.07
C GLY B 86 48.25 20.19 -8.58
N GLU B 87 47.50 20.97 -7.80
CA GLU B 87 47.39 20.81 -6.35
C GLU B 87 45.92 20.65 -5.96
N ALA B 88 45.61 19.59 -5.20
CA ALA B 88 44.21 19.25 -4.84
C ALA B 88 44.17 18.43 -3.55
N VAL B 89 43.07 18.53 -2.82
CA VAL B 89 42.83 17.71 -1.63
C VAL B 89 41.41 17.11 -1.67
N ALA B 90 41.26 15.88 -1.19
CA ALA B 90 39.96 15.22 -1.09
C ALA B 90 39.26 15.58 0.21
N ASP B 91 37.93 15.78 0.14
CA ASP B 91 37.14 16.07 1.32
C ASP B 91 35.81 15.32 1.25
N GLY B 92 35.42 14.73 2.38
CA GLY B 92 34.30 13.81 2.39
C GLY B 92 32.98 14.37 2.89
N SER B 93 32.94 15.69 3.14
CA SER B 93 31.80 16.28 3.85
C SER B 93 30.53 16.09 3.05
N ASN B 94 29.46 15.74 3.76
CA ASN B 94 28.11 15.74 3.20
C ASN B 94 27.51 17.14 3.40
N VAL B 95 27.36 17.88 2.31
CA VAL B 95 26.96 19.29 2.40
C VAL B 95 25.52 19.50 2.88
N ALA B 96 24.72 18.43 2.84
CA ALA B 96 23.36 18.40 3.42
C ALA B 96 23.38 18.45 4.94
N ASP B 97 24.51 18.03 5.53
CA ASP B 97 24.76 18.15 6.95
C ASP B 97 25.39 19.51 7.21
N TRP B 98 24.70 20.34 7.97
CA TRP B 98 25.07 21.73 8.21
C TRP B 98 26.49 21.86 8.76
N ASP B 99 26.79 21.07 9.79
CA ASP B 99 28.11 21.13 10.43
C ASP B 99 29.23 20.66 9.49
N GLN B 100 28.94 19.64 8.69
CA GLN B 100 29.91 19.19 7.69
C GLN B 100 30.16 20.22 6.58
N ALA B 101 29.13 20.98 6.22
CA ALA B 101 29.31 22.05 5.26
C ALA B 101 30.23 23.14 5.83
N ALA B 102 30.04 23.47 7.11
CA ALA B 102 30.94 24.41 7.80
C ALA B 102 32.39 23.90 7.77
N GLY B 103 32.55 22.59 7.95
CA GLY B 103 33.89 21.96 7.99
C GLY B 103 34.54 21.90 6.62
N LEU B 104 33.71 21.81 5.56
CA LEU B 104 34.21 21.86 4.19
C LEU B 104 34.84 23.21 3.87
N ILE B 105 34.21 24.29 4.31
CA ILE B 105 34.81 25.63 4.18
C ILE B 105 36.15 25.64 4.94
N GLN B 106 36.15 25.15 6.18
CA GLN B 106 37.36 25.16 7.02
C GLN B 106 38.49 24.34 6.41
N THR B 107 38.15 23.23 5.75
CA THR B 107 39.14 22.40 5.08
C THR B 107 39.91 23.19 4.00
N ALA B 108 39.19 23.98 3.22
CA ALA B 108 39.80 24.84 2.20
C ALA B 108 40.77 25.83 2.86
N VAL B 109 40.30 26.48 3.92
CA VAL B 109 41.07 27.53 4.59
C VAL B 109 42.31 26.96 5.31
N GLU B 110 42.16 25.79 5.93
CA GLU B 110 43.28 25.17 6.63
C GLU B 110 44.29 24.53 5.69
N THR B 111 43.82 24.05 4.55
CA THR B 111 44.69 23.35 3.60
C THR B 111 45.46 24.31 2.69
N PHE B 112 44.76 25.27 2.09
CA PHE B 112 45.43 26.21 1.17
C PHE B 112 45.46 27.65 1.67
N GLY B 113 45.03 27.88 2.91
CA GLY B 113 45.15 29.21 3.52
C GLY B 113 44.06 30.22 3.17
N GLY B 114 43.06 29.78 2.41
CA GLY B 114 42.03 30.69 1.93
C GLY B 114 40.97 30.01 1.07
N LEU B 115 39.97 30.79 0.68
CA LEU B 115 38.93 30.32 -0.24
C LEU B 115 38.60 31.45 -1.20
N ASP B 116 38.69 31.17 -2.49
CA ASP B 116 38.23 32.13 -3.48
C ASP B 116 36.94 31.75 -4.23
N VAL B 117 36.71 30.45 -4.44
CA VAL B 117 35.57 29.97 -5.25
C VAL B 117 34.83 28.80 -4.63
N LEU B 118 33.50 28.89 -4.59
CA LEU B 118 32.64 27.79 -4.13
C LEU B 118 31.77 27.39 -5.31
N VAL B 119 31.86 26.15 -5.76
CA VAL B 119 31.02 25.65 -6.84
C VAL B 119 30.12 24.59 -6.26
N ASN B 120 28.82 24.93 -6.17
CA ASN B 120 27.83 24.01 -5.66
C ASN B 120 27.31 23.18 -6.79
N ASN B 121 27.61 21.89 -6.78
CA ASN B 121 27.25 20.94 -7.85
C ASN B 121 26.55 19.67 -7.36
N ALA B 122 26.74 19.30 -6.10
CA ALA B 122 26.26 18.01 -5.62
C ALA B 122 24.75 17.88 -5.85
N GLY B 123 24.32 16.73 -6.37
CA GLY B 123 22.88 16.57 -6.69
C GLY B 123 22.42 15.13 -6.89
N ILE B 124 21.13 14.89 -6.66
CA ILE B 124 20.52 13.61 -6.91
C ILE B 124 19.14 13.83 -7.55
N VAL B 125 18.61 12.79 -8.17
CA VAL B 125 17.21 12.81 -8.64
C VAL B 125 16.49 11.64 -8.05
N ARG B 126 15.22 11.84 -7.70
CA ARG B 126 14.34 10.76 -7.25
C ARG B 126 12.99 11.08 -7.89
N ASP B 127 12.89 10.81 -9.18
CA ASP B 127 11.77 11.33 -9.99
C ASP B 127 10.47 10.64 -9.66
N ARG B 128 9.40 11.42 -9.57
CA ARG B 128 8.03 10.91 -9.36
C ARG B 128 7.10 12.04 -9.68
N MET B 129 5.92 11.71 -10.18
CA MET B 129 4.86 12.71 -10.27
C MET B 129 4.54 13.20 -8.86
N ILE B 130 4.07 14.45 -8.72
CA ILE B 130 3.79 14.96 -7.40
C ILE B 130 2.81 14.05 -6.64
N ALA B 131 1.79 13.55 -7.32
CA ALA B 131 0.74 12.73 -6.71
C ALA B 131 1.26 11.41 -6.11
N ASN B 132 2.44 11.01 -6.55
CA ASN B 132 3.06 9.73 -6.16
C ASN B 132 4.36 9.88 -5.36
N THR B 133 4.70 11.11 -5.00
CA THR B 133 5.99 11.39 -4.36
C THR B 133 5.91 10.97 -2.89
N SER B 134 6.87 10.15 -2.43
CA SER B 134 6.90 9.82 -0.98
C SER B 134 7.62 10.95 -0.20
N GLU B 135 7.47 10.94 1.13
CA GLU B 135 8.17 11.92 1.95
C GLU B 135 9.67 11.83 1.74
N GLU B 136 10.20 10.60 1.67
CA GLU B 136 11.64 10.43 1.50
C GLU B 136 12.13 11.00 0.16
N GLU B 137 11.33 10.82 -0.89
CA GLU B 137 11.69 11.34 -2.23
C GLU B 137 11.72 12.87 -2.22
N PHE B 138 10.79 13.47 -1.49
CA PHE B 138 10.84 14.92 -1.35
C PHE B 138 12.06 15.33 -0.50
N ASP B 139 12.17 14.75 0.70
CA ASP B 139 13.18 15.21 1.65
C ASP B 139 14.59 15.06 1.09
N ALA B 140 14.87 13.96 0.39
CA ALA B 140 16.26 13.69 0.00
C ALA B 140 16.69 14.66 -1.06
N VAL B 141 15.78 14.94 -1.99
CA VAL B 141 16.09 15.84 -3.09
C VAL B 141 16.27 17.27 -2.60
N ILE B 142 15.37 17.73 -1.74
CA ILE B 142 15.50 19.05 -1.14
C ILE B 142 16.81 19.17 -0.33
N ALA B 143 17.12 18.14 0.46
CA ALA B 143 18.30 18.18 1.32
C ALA B 143 19.56 18.32 0.52
N VAL B 144 19.76 17.43 -0.46
CA VAL B 144 21.02 17.44 -1.20
C VAL B 144 21.18 18.75 -1.97
N HIS B 145 20.13 19.14 -2.70
CA HIS B 145 20.23 20.30 -3.59
C HIS B 145 20.12 21.62 -2.85
N LEU B 146 18.96 21.87 -2.25
CA LEU B 146 18.65 23.18 -1.70
C LEU B 146 19.36 23.44 -0.35
N LYS B 147 19.24 22.50 0.59
CA LYS B 147 19.97 22.63 1.88
C LYS B 147 21.48 22.59 1.69
N GLY B 148 21.94 21.65 0.86
CA GLY B 148 23.37 21.55 0.50
C GLY B 148 23.90 22.88 -0.05
N HIS B 149 23.18 23.44 -1.01
CA HIS B 149 23.54 24.74 -1.57
C HIS B 149 23.53 25.86 -0.51
N PHE B 150 22.45 25.93 0.28
CA PHE B 150 22.30 27.01 1.24
C PHE B 150 23.38 26.89 2.33
N ALA B 151 23.59 25.68 2.80
CA ALA B 151 24.58 25.44 3.87
C ALA B 151 25.97 25.94 3.48
N THR B 152 26.43 25.61 2.28
CA THR B 152 27.77 26.02 1.88
C THR B 152 27.84 27.52 1.65
N MET B 153 26.77 28.10 1.09
CA MET B 153 26.72 29.54 0.89
C MET B 153 26.77 30.27 2.24
N ARG B 154 26.04 29.72 3.23
CA ARG B 154 25.96 30.35 4.53
C ARG B 154 27.34 30.39 5.17
N HIS B 155 28.05 29.28 5.11
CA HIS B 155 29.36 29.20 5.78
C HIS B 155 30.44 29.91 5.04
N ALA B 156 30.41 29.88 3.70
CA ALA B 156 31.39 30.62 2.90
C ALA B 156 31.19 32.12 3.03
N ALA B 157 29.94 32.58 3.04
CA ALA B 157 29.61 33.99 3.28
C ALA B 157 30.00 34.51 4.67
N ALA B 158 29.79 33.70 5.71
CA ALA B 158 30.14 34.12 7.07
C ALA B 158 31.65 34.31 7.15
N TYR B 159 32.38 33.47 6.41
CA TYR B 159 33.85 33.53 6.32
C TYR B 159 34.36 34.74 5.52
N TRP B 160 33.81 34.95 4.32
CA TRP B 160 34.18 36.11 3.51
C TRP B 160 33.79 37.43 4.19
N ARG B 161 32.62 37.44 4.83
CA ARG B 161 32.15 38.58 5.60
C ARG B 161 33.12 38.94 6.72
N GLY B 162 33.58 37.92 7.44
CA GLY B 162 34.63 38.05 8.46
C GLY B 162 35.85 38.75 7.93
N LEU B 163 36.45 38.20 6.88
CA LEU B 163 37.64 38.79 6.26
C LEU B 163 37.42 40.26 5.88
N SER B 164 36.28 40.54 5.26
CA SER B 164 35.97 41.87 4.78
C SER B 164 35.79 42.88 5.93
N LYS B 165 35.08 42.47 6.98
CA LYS B 165 34.89 43.33 8.15
C LYS B 165 36.22 43.57 8.88
N ALA B 166 37.21 42.73 8.58
CA ALA B 166 38.55 42.91 9.16
C ALA B 166 39.48 43.70 8.24
N GLY B 167 38.96 44.15 7.10
CA GLY B 167 39.73 44.93 6.14
C GLY B 167 40.70 44.11 5.31
N LYS B 168 40.44 42.80 5.22
CA LYS B 168 41.27 41.91 4.41
C LYS B 168 40.75 41.80 2.97
N ALA B 169 41.56 41.17 2.11
CA ALA B 169 41.20 41.04 0.69
C ALA B 169 40.12 39.99 0.45
N VAL B 170 39.01 40.40 -0.18
CA VAL B 170 37.97 39.45 -0.63
C VAL B 170 37.64 39.72 -2.10
N ASP B 171 37.84 38.70 -2.93
CA ASP B 171 37.40 38.69 -4.32
C ASP B 171 36.82 37.29 -4.60
N GLY B 172 35.65 37.05 -4.00
CA GLY B 172 35.07 35.70 -3.88
C GLY B 172 34.00 35.42 -4.92
N ARG B 173 33.66 34.14 -5.05
CA ARG B 173 32.83 33.66 -6.14
C ARG B 173 32.05 32.46 -5.67
N ILE B 174 30.74 32.49 -5.90
CA ILE B 174 29.89 31.34 -5.71
C ILE B 174 29.20 31.05 -7.03
N ILE B 175 29.37 29.83 -7.54
CA ILE B 175 28.65 29.41 -8.72
C ILE B 175 27.79 28.23 -8.32
N ASN B 176 26.48 28.45 -8.42
CA ASN B 176 25.48 27.44 -8.07
C ASN B 176 24.99 26.67 -9.28
N THR B 177 24.38 25.51 -9.05
CA THR B 177 23.85 24.72 -10.16
C THR B 177 22.34 24.67 -10.10
N SER B 178 21.69 25.47 -10.94
CA SER B 178 20.23 25.39 -11.08
C SER B 178 19.94 24.45 -12.28
N SER B 179 18.79 24.61 -12.94
CA SER B 179 18.39 23.72 -14.03
C SER B 179 17.21 24.40 -14.70
N GLY B 180 17.01 24.12 -15.99
CA GLY B 180 15.75 24.47 -16.64
C GLY B 180 14.55 23.94 -15.83
N ALA B 181 14.72 22.84 -15.09
CA ALA B 181 13.65 22.31 -14.23
C ALA B 181 13.25 23.34 -13.18
N GLY B 182 14.23 24.04 -12.63
CA GLY B 182 13.94 25.13 -11.67
C GLY B 182 13.31 26.36 -12.29
N LEU B 183 13.66 26.64 -13.53
CA LEU B 183 13.22 27.86 -14.18
C LEU B 183 11.81 27.75 -14.73
N GLN B 184 11.54 26.66 -15.45
CA GLN B 184 10.24 26.52 -16.11
C GLN B 184 9.46 25.29 -15.62
N GLY B 185 10.11 24.49 -14.76
CA GLY B 185 9.50 23.24 -14.28
C GLY B 185 9.80 22.05 -15.16
N SER B 186 9.71 20.87 -14.57
CA SER B 186 9.88 19.62 -15.34
C SER B 186 8.94 18.54 -14.84
N VAL B 187 8.08 18.06 -15.75
CA VAL B 187 7.10 17.03 -15.44
C VAL B 187 7.73 15.76 -14.91
N GLY B 188 7.16 15.21 -13.84
CA GLY B 188 7.72 13.99 -13.24
C GLY B 188 8.90 14.28 -12.31
N GLN B 189 9.22 15.56 -12.12
CA GLN B 189 10.39 15.98 -11.33
C GLN B 189 10.04 17.16 -10.47
N GLY B 190 8.84 17.16 -9.88
CA GLY B 190 8.41 18.33 -9.07
C GLY B 190 9.38 18.58 -7.92
N ASN B 191 9.83 17.53 -7.25
CA ASN B 191 10.83 17.68 -6.19
C ASN B 191 12.12 18.37 -6.63
N TYR B 192 12.73 17.84 -7.69
CA TYR B 192 13.93 18.41 -8.28
C TYR B 192 13.70 19.85 -8.77
N SER B 193 12.55 20.07 -9.44
CA SER B 193 12.23 21.41 -9.97
C SER B 193 12.13 22.41 -8.82
N ALA B 194 11.47 22.02 -7.73
CA ALA B 194 11.33 22.96 -6.60
C ALA B 194 12.69 23.30 -6.01
N ALA B 195 13.52 22.28 -5.82
CA ALA B 195 14.87 22.48 -5.28
C ALA B 195 15.70 23.41 -6.19
N LYS B 196 15.71 23.13 -7.48
CA LYS B 196 16.43 24.00 -8.43
C LYS B 196 15.90 25.43 -8.54
N ALA B 197 14.57 25.59 -8.39
CA ALA B 197 14.01 26.93 -8.33
C ALA B 197 14.51 27.67 -7.09
N GLY B 198 14.53 26.99 -5.94
CA GLY B 198 15.00 27.65 -4.71
C GLY B 198 16.45 28.10 -4.94
N ILE B 199 17.23 27.26 -5.61
CA ILE B 199 18.63 27.61 -5.90
C ILE B 199 18.73 28.84 -6.81
N ALA B 200 17.88 28.91 -7.83
CA ALA B 200 17.93 30.08 -8.74
C ALA B 200 17.69 31.38 -7.94
N THR B 201 16.65 31.39 -7.10
CA THR B 201 16.34 32.62 -6.38
C THR B 201 17.37 32.90 -5.28
N LEU B 202 17.88 31.83 -4.66
CA LEU B 202 18.96 31.97 -3.67
C LEU B 202 20.19 32.65 -4.26
N THR B 203 20.43 32.39 -5.55
CA THR B 203 21.52 32.97 -6.30
C THR B 203 21.25 34.48 -6.41
N LEU B 204 20.01 34.87 -6.70
CA LEU B 204 19.68 36.28 -6.81
C LEU B 204 19.85 36.99 -5.48
N VAL B 205 19.39 36.37 -4.40
CA VAL B 205 19.46 37.00 -3.08
C VAL B 205 20.95 37.05 -2.63
N GLY B 206 21.65 35.93 -2.80
CA GLY B 206 23.12 35.88 -2.48
C GLY B 206 23.89 36.99 -3.18
N ALA B 207 23.63 37.16 -4.48
CA ALA B 207 24.26 38.23 -5.25
C ALA B 207 24.01 39.62 -4.65
N ALA B 208 22.75 39.89 -4.26
CA ALA B 208 22.40 41.18 -3.65
C ALA B 208 23.05 41.38 -2.28
N GLU B 209 23.14 40.31 -1.50
CA GLU B 209 23.64 40.43 -0.13
C GLU B 209 25.18 40.46 -0.06
N MET B 210 25.83 39.70 -0.93
CA MET B 210 27.26 39.40 -0.75
C MET B 210 28.18 40.31 -1.55
N GLY B 211 27.60 41.06 -2.47
CA GLY B 211 28.35 42.09 -3.19
C GLY B 211 28.98 43.11 -2.25
N ARG B 212 28.33 43.35 -1.10
CA ARG B 212 28.83 44.29 -0.07
C ARG B 212 30.24 43.93 0.38
N TYR B 213 30.54 42.63 0.40
CA TYR B 213 31.89 42.19 0.77
C TYR B 213 32.66 41.47 -0.34
N GLY B 214 32.50 41.94 -1.57
CA GLY B 214 33.30 41.48 -2.72
C GLY B 214 33.10 40.04 -3.16
N VAL B 215 31.84 39.56 -3.09
CA VAL B 215 31.54 38.19 -3.50
C VAL B 215 30.44 38.23 -4.57
N THR B 216 30.72 37.62 -5.72
CA THR B 216 29.71 37.49 -6.76
C THR B 216 29.02 36.13 -6.60
N VAL B 217 27.76 36.08 -7.01
CA VAL B 217 26.98 34.84 -6.92
C VAL B 217 26.21 34.64 -8.24
N ASN B 218 26.49 33.53 -8.91
CA ASN B 218 25.90 33.23 -10.21
C ASN B 218 25.47 31.76 -10.23
N ALA B 219 24.67 31.41 -11.24
CA ALA B 219 24.36 30.00 -11.41
C ALA B 219 24.46 29.57 -12.86
N ILE B 220 24.72 28.28 -13.04
CA ILE B 220 24.57 27.64 -14.32
C ILE B 220 23.40 26.67 -14.32
N ALA B 221 22.83 26.47 -15.50
CA ALA B 221 21.79 25.50 -15.72
C ALA B 221 22.23 24.67 -16.92
N PRO B 222 22.92 23.56 -16.65
CA PRO B 222 23.34 22.71 -17.79
C PRO B 222 22.11 22.13 -18.53
N SER B 223 22.17 22.05 -19.86
CA SER B 223 20.99 21.61 -20.64
C SER B 223 20.60 20.16 -20.31
N ALA B 224 19.32 19.84 -20.57
CA ALA B 224 18.75 18.50 -20.39
C ALA B 224 19.58 17.40 -21.05
N ARG B 225 20.09 17.67 -22.25
CA ARG B 225 20.75 16.64 -23.04
C ARG B 225 22.23 16.44 -22.66
N THR B 226 22.81 17.37 -21.89
CA THR B 226 24.17 17.24 -21.32
C THR B 226 24.32 15.96 -20.48
N ARG B 227 25.37 15.17 -20.72
CA ARG B 227 25.48 13.85 -20.06
C ARG B 227 25.96 13.92 -18.61
N PHE B 244 33.28 16.71 -32.32
CA PHE B 244 32.79 17.49 -31.16
C PHE B 244 31.57 16.85 -30.52
N ASP B 245 31.73 16.47 -29.25
CA ASP B 245 30.64 15.84 -28.52
C ASP B 245 29.94 16.92 -27.68
N ALA B 246 28.83 17.45 -28.19
CA ALA B 246 28.17 18.61 -27.57
C ALA B 246 27.70 18.31 -26.14
N MET B 247 27.29 17.07 -25.89
CA MET B 247 26.68 16.67 -24.61
C MET B 247 27.69 16.29 -23.54
N ALA B 248 28.98 16.28 -23.89
CA ALA B 248 30.07 15.98 -22.95
C ALA B 248 30.08 16.99 -21.79
N PRO B 249 30.21 16.51 -20.53
CA PRO B 249 30.14 17.40 -19.36
C PRO B 249 31.24 18.45 -19.31
N GLU B 250 32.34 18.16 -19.98
CA GLU B 250 33.49 19.05 -20.05
C GLU B 250 33.16 20.39 -20.68
N ASN B 251 32.14 20.38 -21.55
CA ASN B 251 31.70 21.58 -22.25
C ASN B 251 31.03 22.60 -21.33
N VAL B 252 30.56 22.16 -20.17
CA VAL B 252 29.88 23.08 -19.25
C VAL B 252 30.92 23.87 -18.44
N SER B 253 32.02 23.22 -18.08
CA SER B 253 33.01 23.79 -17.15
C SER B 253 33.65 25.13 -17.53
N PRO B 254 33.87 25.40 -18.84
CA PRO B 254 34.65 26.61 -19.10
C PRO B 254 34.01 27.89 -18.57
N LEU B 255 32.68 28.01 -18.62
CA LEU B 255 32.04 29.20 -18.08
C LEU B 255 32.16 29.30 -16.57
N VAL B 256 32.09 28.17 -15.87
CA VAL B 256 32.26 28.14 -14.43
C VAL B 256 33.68 28.60 -14.02
N VAL B 257 34.68 28.08 -14.73
CA VAL B 257 36.06 28.51 -14.50
C VAL B 257 36.15 30.02 -14.72
N TRP B 258 35.62 30.51 -15.84
CA TRP B 258 35.66 31.96 -16.11
C TRP B 258 34.96 32.77 -15.03
N LEU B 259 33.76 32.34 -14.62
CA LEU B 259 33.02 33.03 -13.55
C LEU B 259 33.80 33.10 -12.23
N GLY B 260 34.65 32.10 -11.98
CA GLY B 260 35.42 32.10 -10.75
C GLY B 260 36.65 32.98 -10.86
N SER B 261 36.87 33.59 -12.01
CA SER B 261 38.10 34.33 -12.27
C SER B 261 38.02 35.77 -11.80
N ALA B 262 39.19 36.36 -11.64
CA ALA B 262 39.30 37.77 -11.31
C ALA B 262 38.57 38.65 -12.32
N GLU B 263 38.62 38.25 -13.59
CA GLU B 263 38.03 39.03 -14.68
C GLU B 263 36.51 39.13 -14.52
N ALA B 264 35.93 38.20 -13.78
CA ALA B 264 34.47 38.08 -13.68
C ALA B 264 33.86 38.88 -12.53
N ARG B 265 34.67 39.77 -11.95
CA ARG B 265 34.29 40.62 -10.80
C ARG B 265 32.98 41.41 -10.95
N ASP B 266 32.59 41.74 -12.19
CA ASP B 266 31.41 42.58 -12.44
C ASP B 266 30.19 41.81 -12.94
N VAL B 267 30.28 40.48 -12.87
CA VAL B 267 29.16 39.60 -13.26
C VAL B 267 28.59 39.00 -11.98
N THR B 268 27.35 39.39 -11.63
CA THR B 268 26.72 38.80 -10.46
C THR B 268 25.21 38.72 -10.68
N GLY B 269 24.59 37.75 -10.02
CA GLY B 269 23.15 37.57 -10.07
C GLY B 269 22.63 36.97 -11.36
N LYS B 270 23.51 36.31 -12.12
CA LYS B 270 23.14 35.83 -13.44
C LYS B 270 22.92 34.33 -13.44
N VAL B 271 22.03 33.90 -14.32
CA VAL B 271 21.78 32.48 -14.55
C VAL B 271 22.03 32.18 -16.02
N PHE B 272 22.99 31.30 -16.28
CA PHE B 272 23.35 31.00 -17.64
C PHE B 272 22.95 29.57 -17.99
N GLU B 273 22.28 29.39 -19.11
CA GLU B 273 21.95 28.04 -19.58
C GLU B 273 23.08 27.59 -20.50
N VAL B 274 23.62 26.39 -20.27
CA VAL B 274 24.86 25.94 -20.93
CA VAL B 274 24.81 25.95 -21.01
C VAL B 274 24.73 24.52 -21.52
N GLU B 275 25.17 24.35 -22.77
CA GLU B 275 25.28 23.03 -23.43
C GLU B 275 26.30 23.15 -24.56
N GLY B 276 27.24 22.22 -24.64
CA GLY B 276 28.21 22.26 -25.73
C GLY B 276 28.88 23.61 -25.84
N GLY B 277 28.81 24.20 -27.03
CA GLY B 277 29.31 25.54 -27.30
C GLY B 277 28.27 26.63 -27.05
N LYS B 278 27.10 26.26 -26.55
CA LYS B 278 26.04 27.26 -26.30
C LYS B 278 26.08 27.85 -24.90
N ILE B 279 25.99 29.18 -24.85
CA ILE B 279 25.71 29.90 -23.60
C ILE B 279 24.52 30.82 -23.86
N ARG B 280 23.52 30.72 -22.99
CA ARG B 280 22.32 31.55 -23.10
C ARG B 280 22.03 32.21 -21.74
N VAL B 281 21.74 33.51 -21.73
CA VAL B 281 21.36 34.18 -20.47
C VAL B 281 19.87 33.90 -20.21
N ALA B 282 19.54 33.38 -19.03
CA ALA B 282 18.13 33.25 -18.67
C ALA B 282 17.66 34.57 -18.11
N GLU B 283 16.48 35.01 -18.56
CA GLU B 283 15.92 36.29 -18.15
C GLU B 283 14.81 35.99 -17.13
N GLY B 284 14.92 36.66 -15.99
CA GLY B 284 14.07 36.40 -14.81
C GLY B 284 12.61 36.80 -14.94
N TRP B 285 11.86 36.43 -13.91
CA TRP B 285 10.44 36.77 -13.82
C TRP B 285 10.22 38.24 -14.09
N ALA B 286 9.24 38.53 -14.91
CA ALA B 286 8.98 39.89 -15.31
C ALA B 286 7.59 40.33 -14.89
N HIS B 287 7.40 41.65 -14.91
CA HIS B 287 6.07 42.19 -14.65
C HIS B 287 5.23 42.17 -15.91
N GLY B 288 4.16 41.38 -15.88
CA GLY B 288 3.24 41.29 -17.02
C GLY B 288 2.11 42.30 -16.89
N PRO B 289 1.01 42.09 -17.64
CA PRO B 289 -0.13 43.02 -17.59
C PRO B 289 -0.73 43.17 -16.20
N GLN B 290 -1.23 44.36 -15.90
CA GLN B 290 -1.85 44.63 -14.61
C GLN B 290 -3.11 45.44 -14.80
N ILE B 291 -4.06 45.22 -13.90
CA ILE B 291 -5.28 46.00 -13.85
C ILE B 291 -5.49 46.43 -12.39
N ASP B 292 -6.07 47.62 -12.18
CA ASP B 292 -6.31 48.13 -10.83
C ASP B 292 -7.73 48.66 -10.70
N LYS B 293 -8.57 48.01 -9.87
CA LYS B 293 -9.94 48.46 -9.62
C LYS B 293 -9.93 49.73 -8.77
N GLY B 294 -8.88 49.90 -7.97
CA GLY B 294 -8.84 51.01 -6.98
C GLY B 294 -9.84 50.80 -5.83
N ALA B 295 -10.29 49.57 -5.69
CA ALA B 295 -11.27 49.15 -4.66
C ALA B 295 -11.19 47.62 -4.60
N ARG B 296 -11.85 46.99 -3.62
CA ARG B 296 -11.75 45.51 -3.48
CA ARG B 296 -11.82 45.53 -3.44
C ARG B 296 -12.57 44.86 -4.59
N TRP B 297 -11.97 43.84 -5.22
CA TRP B 297 -12.71 43.09 -6.24
C TRP B 297 -13.83 42.26 -5.65
N ASP B 298 -14.87 42.06 -6.44
CA ASP B 298 -15.92 41.09 -6.11
C ASP B 298 -15.52 39.81 -6.86
N PRO B 299 -15.43 38.66 -6.15
CA PRO B 299 -14.98 37.46 -6.88
C PRO B 299 -15.87 37.15 -8.10
N ALA B 300 -17.13 37.53 -8.04
CA ALA B 300 -18.03 37.23 -9.16
C ALA B 300 -17.68 37.96 -10.48
N GLU B 301 -16.88 39.01 -10.40
CA GLU B 301 -16.67 39.85 -11.60
C GLU B 301 -15.32 39.56 -12.24
N LEU B 302 -14.57 38.63 -11.66
CA LEU B 302 -13.17 38.43 -12.10
C LEU B 302 -12.96 37.60 -13.39
N GLY B 303 -13.97 36.88 -13.85
CA GLY B 303 -13.85 36.10 -15.09
C GLY B 303 -13.27 36.89 -16.28
N PRO B 304 -13.97 37.95 -16.69
CA PRO B 304 -13.51 38.73 -17.84
C PRO B 304 -12.22 39.49 -17.53
N VAL B 305 -12.04 39.87 -16.26
CA VAL B 305 -10.83 40.57 -15.85
C VAL B 305 -9.62 39.69 -16.04
N VAL B 306 -9.71 38.45 -15.54
CA VAL B 306 -8.60 37.53 -15.68
C VAL B 306 -8.42 37.16 -17.17
N ALA B 307 -9.52 36.96 -17.89
CA ALA B 307 -9.42 36.64 -19.33
C ALA B 307 -8.66 37.72 -20.10
N ASP B 308 -9.01 38.98 -19.83
CA ASP B 308 -8.31 40.11 -20.43
C ASP B 308 -6.82 40.14 -20.10
N LEU B 309 -6.48 40.00 -18.82
CA LEU B 309 -5.08 40.00 -18.44
C LEU B 309 -4.32 38.89 -19.14
N LEU B 310 -4.87 37.68 -19.12
CA LEU B 310 -4.17 36.53 -19.70
C LEU B 310 -4.01 36.68 -21.22
N GLY B 311 -4.96 37.37 -21.84
CA GLY B 311 -4.87 37.63 -23.28
C GLY B 311 -3.71 38.54 -23.66
N LYS B 312 -3.26 39.34 -22.71
CA LYS B 312 -2.16 40.30 -22.92
C LYS B 312 -0.82 39.78 -22.42
N ALA B 313 -0.85 38.69 -21.66
CA ALA B 313 0.34 38.18 -21.00
C ALA B 313 1.20 37.36 -21.94
N ARG B 314 2.51 37.42 -21.77
CA ARG B 314 3.41 36.71 -22.67
C ARG B 314 3.30 35.18 -22.49
N PRO B 315 3.18 34.42 -23.59
CA PRO B 315 3.15 32.96 -23.38
C PRO B 315 4.44 32.47 -22.74
N PRO B 316 4.34 31.55 -21.77
CA PRO B 316 5.56 31.09 -21.10
C PRO B 316 6.37 30.11 -21.96
N VAL B 317 7.66 29.97 -21.64
CA VAL B 317 8.44 28.83 -22.05
C VAL B 317 7.76 27.62 -21.38
N PRO B 318 7.44 26.56 -22.17
CA PRO B 318 6.64 25.46 -21.60
C PRO B 318 7.39 24.69 -20.55
N VAL B 319 6.62 24.05 -19.67
CA VAL B 319 7.20 23.11 -18.71
C VAL B 319 7.94 21.99 -19.49
N TYR B 320 9.16 21.71 -19.08
CA TYR B 320 9.92 20.59 -19.69
C TYR B 320 9.16 19.28 -19.48
N GLY B 321 9.07 18.48 -20.54
CA GLY B 321 8.43 17.17 -20.43
C GLY B 321 6.93 17.18 -20.58
N ALA B 322 6.34 18.35 -20.79
CA ALA B 322 4.90 18.46 -20.98
C ALA B 322 4.51 18.11 -22.42
N MET C 22 -37.87 -25.19 -3.76
CA MET C 22 -37.37 -23.79 -3.97
C MET C 22 -36.06 -23.83 -4.75
N GLY C 23 -36.01 -23.11 -5.86
CA GLY C 23 -34.80 -23.11 -6.69
C GLY C 23 -33.65 -22.35 -6.07
N VAL C 24 -32.44 -22.84 -6.33
CA VAL C 24 -31.18 -22.27 -5.84
C VAL C 24 -31.01 -20.80 -6.27
N VAL C 25 -31.59 -20.45 -7.42
CA VAL C 25 -31.50 -19.07 -7.92
C VAL C 25 -32.90 -18.51 -8.23
N ASP C 26 -33.88 -18.92 -7.43
CA ASP C 26 -35.23 -18.50 -7.68
C ASP C 26 -35.39 -16.99 -7.84
N GLY C 27 -35.93 -16.56 -8.97
CA GLY C 27 -36.28 -15.13 -9.19
C GLY C 27 -35.08 -14.28 -9.63
N ARG C 28 -33.90 -14.85 -9.60
CA ARG C 28 -32.71 -14.11 -10.11
C ARG C 28 -32.69 -13.97 -11.62
N VAL C 29 -32.22 -12.81 -12.11
CA VAL C 29 -32.16 -12.53 -13.54
C VAL C 29 -30.71 -12.79 -13.97
N VAL C 30 -30.52 -13.70 -14.91
CA VAL C 30 -29.19 -14.17 -15.34
C VAL C 30 -29.04 -13.94 -16.84
N ILE C 31 -27.90 -13.35 -17.23
CA ILE C 31 -27.47 -13.32 -18.62
C ILE C 31 -26.41 -14.41 -18.84
N VAL C 32 -26.59 -15.24 -19.87
CA VAL C 32 -25.52 -16.15 -20.28
C VAL C 32 -25.12 -15.82 -21.72
N THR C 33 -23.83 -15.55 -21.96
CA THR C 33 -23.38 -15.21 -23.31
C THR C 33 -22.94 -16.50 -24.05
N GLY C 34 -23.11 -16.50 -25.37
CA GLY C 34 -22.87 -17.69 -26.19
C GLY C 34 -23.70 -18.89 -25.72
N ALA C 35 -24.97 -18.63 -25.40
CA ALA C 35 -25.81 -19.63 -24.76
C ALA C 35 -26.65 -20.46 -25.74
N GLY C 36 -26.40 -20.33 -27.05
CA GLY C 36 -27.21 -21.06 -28.03
C GLY C 36 -26.81 -22.52 -28.19
N GLY C 37 -25.66 -22.90 -27.67
CA GLY C 37 -25.21 -24.28 -27.85
C GLY C 37 -24.20 -24.66 -26.79
N GLY C 38 -23.85 -25.95 -26.75
CA GLY C 38 -22.70 -26.39 -25.95
C GLY C 38 -22.81 -26.04 -24.47
N ILE C 39 -21.68 -25.62 -23.88
CA ILE C 39 -21.65 -25.35 -22.48
C ILE C 39 -22.53 -24.12 -22.07
N GLY C 40 -22.60 -23.10 -22.92
CA GLY C 40 -23.46 -21.94 -22.64
C GLY C 40 -24.94 -22.35 -22.55
N ARG C 41 -25.37 -23.20 -23.48
CA ARG C 41 -26.75 -23.71 -23.44
C ARG C 41 -26.96 -24.51 -22.16
N ALA C 42 -25.96 -25.33 -21.81
CA ALA C 42 -26.07 -26.08 -20.53
C ALA C 42 -26.25 -25.12 -19.34
N HIS C 43 -25.52 -24.00 -19.31
CA HIS C 43 -25.66 -23.01 -18.23
C HIS C 43 -27.07 -22.42 -18.22
N ALA C 44 -27.54 -22.03 -19.40
CA ALA C 44 -28.85 -21.41 -19.50
C ALA C 44 -29.95 -22.33 -18.96
N LEU C 45 -29.91 -23.60 -19.38
CA LEU C 45 -30.93 -24.58 -18.92
C LEU C 45 -30.81 -24.84 -17.43
N ALA C 46 -29.58 -24.88 -16.92
CA ALA C 46 -29.35 -25.13 -15.49
C ALA C 46 -29.87 -24.00 -14.59
N PHE C 47 -29.65 -22.76 -15.01
CA PHE C 47 -30.17 -21.62 -14.30
C PHE C 47 -31.69 -21.59 -14.26
N ALA C 48 -32.31 -21.80 -15.42
CA ALA C 48 -33.77 -21.83 -15.54
C ALA C 48 -34.36 -22.93 -14.68
N ALA C 49 -33.67 -24.08 -14.61
CA ALA C 49 -34.17 -25.24 -13.88
C ALA C 49 -34.14 -24.98 -12.38
N GLU C 50 -33.30 -24.02 -11.97
CA GLU C 50 -33.22 -23.59 -10.57
C GLU C 50 -33.92 -22.26 -10.32
N GLY C 51 -34.76 -21.89 -11.27
CA GLY C 51 -35.74 -20.82 -11.05
C GLY C 51 -35.35 -19.43 -11.49
N ALA C 52 -34.25 -19.33 -12.25
CA ALA C 52 -33.81 -18.04 -12.77
C ALA C 52 -34.57 -17.65 -14.03
N ARG C 53 -34.68 -16.35 -14.29
CA ARG C 53 -35.18 -15.80 -15.54
C ARG C 53 -33.96 -15.48 -16.39
N VAL C 54 -33.91 -16.03 -17.59
CA VAL C 54 -32.64 -16.12 -18.33
C VAL C 54 -32.64 -15.29 -19.61
N VAL C 55 -31.61 -14.46 -19.80
CA VAL C 55 -31.38 -13.84 -21.09
C VAL C 55 -30.40 -14.75 -21.79
N VAL C 56 -30.88 -15.36 -22.89
CA VAL C 56 -30.08 -16.31 -23.66
C VAL C 56 -29.45 -15.48 -24.77
N ASN C 57 -28.17 -15.15 -24.60
CA ASN C 57 -27.45 -14.32 -25.57
C ASN C 57 -26.62 -15.21 -26.49
N ASP C 58 -26.80 -15.05 -27.80
CA ASP C 58 -25.98 -15.77 -28.76
C ASP C 58 -26.04 -15.05 -30.08
N ILE C 59 -24.93 -14.92 -30.79
CA ILE C 59 -24.93 -14.18 -32.06
C ILE C 59 -25.44 -14.99 -33.23
N GLY C 60 -25.65 -16.30 -33.03
CA GLY C 60 -26.03 -17.18 -34.14
C GLY C 60 -27.30 -16.65 -34.81
N VAL C 61 -27.32 -16.59 -36.14
CA VAL C 61 -28.45 -15.98 -36.84
C VAL C 61 -29.70 -16.84 -36.87
N GLY C 62 -30.84 -16.19 -36.97
CA GLY C 62 -32.09 -16.95 -37.26
C GLY C 62 -32.27 -17.03 -38.76
N LEU C 63 -33.45 -17.50 -39.18
CA LEU C 63 -33.70 -17.67 -40.60
C LEU C 63 -33.70 -16.36 -41.39
N ASP C 64 -34.04 -15.27 -40.74
CA ASP C 64 -34.00 -13.96 -41.43
C ASP C 64 -32.57 -13.39 -41.57
N GLY C 65 -31.60 -14.08 -40.98
CA GLY C 65 -30.19 -13.70 -41.15
C GLY C 65 -29.70 -12.75 -40.10
N SER C 66 -30.57 -12.38 -39.15
CA SER C 66 -30.16 -11.53 -38.03
CA SER C 66 -30.18 -11.53 -38.03
C SER C 66 -29.95 -12.34 -36.75
N PRO C 67 -29.05 -11.86 -35.84
CA PRO C 67 -28.72 -12.62 -34.62
C PRO C 67 -29.90 -12.89 -33.73
N ALA C 68 -30.03 -14.14 -33.27
CA ALA C 68 -30.98 -14.55 -32.23
C ALA C 68 -32.47 -14.38 -32.59
N SER C 69 -32.76 -14.31 -33.88
CA SER C 69 -34.14 -14.22 -34.35
C SER C 69 -34.84 -15.58 -34.43
N GLY C 70 -36.07 -15.62 -34.99
CA GLY C 70 -36.76 -16.91 -35.11
C GLY C 70 -35.90 -17.91 -35.87
N GLY C 71 -35.87 -19.16 -35.41
CA GLY C 71 -35.08 -20.21 -36.06
C GLY C 71 -33.60 -20.23 -35.62
N SER C 72 -33.23 -19.30 -34.73
CA SER C 72 -31.83 -19.19 -34.24
C SER C 72 -31.56 -20.17 -33.11
N ALA C 73 -30.27 -20.39 -32.83
CA ALA C 73 -29.85 -21.19 -31.66
C ALA C 73 -30.35 -20.59 -30.34
N ALA C 74 -30.23 -19.27 -30.18
CA ALA C 74 -30.71 -18.65 -28.95
C ALA C 74 -32.21 -18.88 -28.78
N GLN C 75 -32.98 -18.68 -29.85
CA GLN C 75 -34.45 -18.84 -29.68
C GLN C 75 -34.82 -20.30 -29.41
N SER C 76 -34.05 -21.22 -29.99
CA SER C 76 -34.21 -22.65 -29.74
C SER C 76 -34.03 -23.00 -28.26
N VAL C 77 -32.99 -22.44 -27.63
CA VAL C 77 -32.78 -22.61 -26.19
C VAL C 77 -33.88 -21.95 -25.35
N VAL C 78 -34.31 -20.75 -25.73
CA VAL C 78 -35.43 -20.06 -25.05
C VAL C 78 -36.66 -20.99 -25.07
N ASP C 79 -36.91 -21.60 -26.24
CA ASP C 79 -38.06 -22.51 -26.40
C ASP C 79 -37.94 -23.74 -25.50
N GLU C 80 -36.74 -24.26 -25.35
CA GLU C 80 -36.49 -25.34 -24.39
C GLU C 80 -36.83 -24.94 -22.97
N ILE C 81 -36.35 -23.77 -22.57
CA ILE C 81 -36.66 -23.22 -21.25
C ILE C 81 -38.16 -22.99 -21.04
N THR C 82 -38.82 -22.36 -22.00
CA THR C 82 -40.26 -22.13 -21.91
C THR C 82 -41.01 -23.46 -21.80
N ALA C 83 -40.64 -24.44 -22.62
CA ALA C 83 -41.31 -25.76 -22.62
C ALA C 83 -41.20 -26.48 -21.26
N ALA C 84 -40.11 -26.23 -20.54
CA ALA C 84 -39.89 -26.81 -19.21
C ALA C 84 -40.55 -25.98 -18.09
N GLY C 85 -41.25 -24.92 -18.48
CA GLY C 85 -41.98 -24.07 -17.52
C GLY C 85 -41.20 -22.89 -16.95
N GLY C 86 -40.10 -22.51 -17.61
CA GLY C 86 -39.25 -21.38 -17.19
C GLY C 86 -39.52 -20.13 -18.00
N GLU C 87 -38.82 -19.04 -17.69
CA GLU C 87 -38.92 -17.80 -18.45
C GLU C 87 -37.55 -17.46 -19.04
N ALA C 88 -37.54 -17.06 -20.30
CA ALA C 88 -36.27 -16.68 -20.95
C ALA C 88 -36.59 -15.78 -22.13
N VAL C 89 -35.61 -15.03 -22.59
CA VAL C 89 -35.72 -14.22 -23.79
C VAL C 89 -34.38 -14.33 -24.56
N ALA C 90 -34.44 -14.29 -25.89
CA ALA C 90 -33.25 -14.34 -26.75
C ALA C 90 -32.67 -12.95 -26.94
N ASP C 91 -31.35 -12.88 -27.08
CA ASP C 91 -30.70 -11.59 -27.34
C ASP C 91 -29.52 -11.87 -28.23
N GLY C 92 -29.35 -11.07 -29.28
CA GLY C 92 -28.33 -11.33 -30.31
C GLY C 92 -27.11 -10.41 -30.26
N SER C 93 -26.91 -9.72 -29.12
CA SER C 93 -25.77 -8.79 -28.92
C SER C 93 -24.46 -9.51 -29.16
N ASN C 94 -23.59 -8.87 -29.94
CA ASN C 94 -22.21 -9.29 -30.11
C ASN C 94 -21.39 -8.61 -28.99
N VAL C 95 -20.98 -9.37 -27.98
CA VAL C 95 -20.42 -8.74 -26.79
C VAL C 95 -19.04 -8.12 -27.04
N ALA C 96 -18.42 -8.44 -28.16
CA ALA C 96 -17.17 -7.81 -28.58
C ALA C 96 -17.39 -6.35 -29.01
N ASP C 97 -18.65 -6.00 -29.30
CA ASP C 97 -18.99 -4.64 -29.68
C ASP C 97 -19.47 -3.94 -28.40
N TRP C 98 -18.80 -2.85 -28.05
CA TRP C 98 -18.99 -2.20 -26.77
C TRP C 98 -20.42 -1.74 -26.55
N ASP C 99 -21.01 -1.10 -27.57
CA ASP C 99 -22.39 -0.65 -27.44
C ASP C 99 -23.37 -1.81 -27.34
N GLN C 100 -23.08 -2.90 -28.06
CA GLN C 100 -24.03 -4.02 -28.01
C GLN C 100 -23.92 -4.71 -26.65
N ALA C 101 -22.72 -4.76 -26.09
CA ALA C 101 -22.57 -5.29 -24.72
C ALA C 101 -23.41 -4.47 -23.73
N ALA C 102 -23.40 -3.14 -23.88
CA ALA C 102 -24.23 -2.29 -23.02
C ALA C 102 -25.72 -2.61 -23.22
N GLY C 103 -26.11 -2.79 -24.47
CA GLY C 103 -27.48 -3.10 -24.86
C GLY C 103 -27.94 -4.41 -24.25
N LEU C 104 -27.02 -5.36 -24.12
CA LEU C 104 -27.35 -6.65 -23.53
C LEU C 104 -27.72 -6.51 -22.06
N ILE C 105 -26.92 -5.75 -21.31
CA ILE C 105 -27.28 -5.45 -19.93
C ILE C 105 -28.67 -4.79 -19.87
N GLN C 106 -28.91 -3.81 -20.74
CA GLN C 106 -30.24 -3.19 -20.80
C GLN C 106 -31.39 -4.15 -21.14
N THR C 107 -31.14 -5.15 -21.99
CA THR C 107 -32.14 -6.19 -22.28
C THR C 107 -32.64 -6.89 -21.00
N ALA C 108 -31.70 -7.33 -20.15
CA ALA C 108 -32.08 -7.95 -18.89
C ALA C 108 -32.91 -7.01 -18.02
N VAL C 109 -32.44 -5.77 -17.87
CA VAL C 109 -33.12 -4.80 -16.97
C VAL C 109 -34.50 -4.44 -17.51
N GLU C 110 -34.60 -4.18 -18.81
CA GLU C 110 -35.90 -3.86 -19.43
C GLU C 110 -36.87 -5.01 -19.49
N THR C 111 -36.36 -6.23 -19.67
CA THR C 111 -37.24 -7.40 -19.81
C THR C 111 -37.70 -7.92 -18.46
N PHE C 112 -36.77 -8.07 -17.52
CA PHE C 112 -37.08 -8.73 -16.27
C PHE C 112 -37.00 -7.80 -15.05
N GLY C 113 -36.64 -6.55 -15.26
CA GLY C 113 -36.68 -5.55 -14.17
C GLY C 113 -35.40 -5.37 -13.37
N GLY C 114 -34.36 -6.13 -13.69
CA GLY C 114 -33.11 -5.99 -12.96
C GLY C 114 -32.11 -6.98 -13.53
N LEU C 115 -30.95 -7.04 -12.92
CA LEU C 115 -29.92 -8.02 -13.31
C LEU C 115 -29.22 -8.52 -12.05
N ASP C 116 -29.08 -9.83 -11.91
CA ASP C 116 -28.40 -10.40 -10.77
C ASP C 116 -27.13 -11.16 -11.09
N VAL C 117 -27.08 -11.79 -12.29
CA VAL C 117 -25.96 -12.69 -12.59
C VAL C 117 -25.53 -12.48 -14.04
N LEU C 118 -24.23 -12.35 -14.27
CA LEU C 118 -23.69 -12.28 -15.64
C LEU C 118 -22.73 -13.44 -15.80
N VAL C 119 -23.01 -14.31 -16.74
CA VAL C 119 -22.14 -15.47 -17.02
C VAL C 119 -21.53 -15.22 -18.38
N ASN C 120 -20.23 -14.92 -18.39
CA ASN C 120 -19.49 -14.70 -19.63
C ASN C 120 -18.97 -16.03 -20.13
N ASN C 121 -19.47 -16.47 -21.29
CA ASN C 121 -19.11 -17.78 -21.84
C ASN C 121 -18.74 -17.73 -23.33
N ALA C 122 -19.22 -16.70 -24.04
CA ALA C 122 -19.09 -16.70 -25.50
C ALA C 122 -17.61 -16.88 -25.86
N GLY C 123 -17.34 -17.70 -26.87
CA GLY C 123 -15.95 -17.93 -27.24
C GLY C 123 -15.80 -18.42 -28.66
N ILE C 124 -14.59 -18.31 -29.20
CA ILE C 124 -14.23 -18.93 -30.47
C ILE C 124 -12.80 -19.43 -30.34
N VAL C 125 -12.41 -20.39 -31.19
CA VAL C 125 -10.99 -20.77 -31.27
C VAL C 125 -10.48 -20.54 -32.69
N ARG C 126 -9.24 -20.09 -32.78
CA ARG C 126 -8.53 -20.01 -34.06
C ARG C 126 -7.11 -20.51 -33.76
N ASP C 127 -7.01 -21.82 -33.52
CA ASP C 127 -5.78 -22.43 -32.98
C ASP C 127 -4.66 -22.42 -34.02
N ARG C 128 -3.52 -21.81 -33.63
CA ARG C 128 -2.30 -21.70 -34.45
CA ARG C 128 -2.30 -21.77 -34.46
C ARG C 128 -1.10 -21.60 -33.53
N MET C 129 0.05 -22.17 -33.91
CA MET C 129 1.32 -21.81 -33.27
C MET C 129 1.44 -20.29 -33.37
N ILE C 130 2.14 -19.67 -32.43
CA ILE C 130 2.34 -18.21 -32.44
C ILE C 130 2.95 -17.82 -33.80
N ALA C 131 3.98 -18.55 -34.22
CA ALA C 131 4.67 -18.26 -35.52
C ALA C 131 3.79 -18.40 -36.77
N ASN C 132 2.63 -19.04 -36.62
CA ASN C 132 1.70 -19.29 -37.71
C ASN C 132 0.44 -18.43 -37.64
N THR C 133 0.33 -17.59 -36.61
CA THR C 133 -0.92 -16.84 -36.35
C THR C 133 -1.07 -15.59 -37.26
N SER C 134 -2.20 -15.49 -37.96
CA SER C 134 -2.50 -14.27 -38.74
C SER C 134 -2.99 -13.15 -37.81
N GLU C 135 -2.96 -11.89 -38.29
CA GLU C 135 -3.52 -10.79 -37.47
C GLU C 135 -4.99 -11.03 -37.16
N GLU C 136 -5.74 -11.51 -38.16
CA GLU C 136 -7.16 -11.79 -37.97
C GLU C 136 -7.40 -12.86 -36.89
N GLU C 137 -6.55 -13.89 -36.87
CA GLU C 137 -6.73 -15.00 -35.94
C GLU C 137 -6.44 -14.54 -34.49
N PHE C 138 -5.44 -13.70 -34.33
CA PHE C 138 -5.16 -13.05 -33.05
C PHE C 138 -6.33 -12.13 -32.69
N ASP C 139 -6.70 -11.20 -33.59
CA ASP C 139 -7.71 -10.18 -33.22
C ASP C 139 -9.05 -10.80 -32.84
N ALA C 140 -9.47 -11.83 -33.57
CA ALA C 140 -10.80 -12.36 -33.37
C ALA C 140 -10.90 -13.04 -32.04
N VAL C 141 -9.86 -13.80 -31.69
CA VAL C 141 -9.87 -14.55 -30.43
C VAL C 141 -9.81 -13.57 -29.27
N ILE C 142 -8.92 -12.59 -29.38
CA ILE C 142 -8.89 -11.54 -28.32
C ILE C 142 -10.25 -10.82 -28.19
N ALA C 143 -10.83 -10.45 -29.33
CA ALA C 143 -12.09 -9.68 -29.31
C ALA C 143 -13.21 -10.46 -28.67
N VAL C 144 -13.42 -11.70 -29.11
CA VAL C 144 -14.60 -12.41 -28.57
C VAL C 144 -14.40 -12.73 -27.10
N HIS C 145 -13.22 -13.23 -26.74
CA HIS C 145 -13.02 -13.69 -25.36
C HIS C 145 -12.74 -12.52 -24.42
N LEU C 146 -11.66 -11.82 -24.67
CA LEU C 146 -11.20 -10.81 -23.71
C LEU C 146 -12.02 -9.52 -23.76
N LYS C 147 -12.14 -8.92 -24.95
CA LYS C 147 -12.94 -7.73 -25.04
C LYS C 147 -14.40 -8.01 -24.68
N GLY C 148 -14.96 -9.15 -25.11
CA GLY C 148 -16.37 -9.45 -24.79
C GLY C 148 -16.56 -9.64 -23.28
N HIS C 149 -15.64 -10.34 -22.62
CA HIS C 149 -15.78 -10.46 -21.15
C HIS C 149 -15.66 -9.05 -20.50
N PHE C 150 -14.70 -8.27 -20.99
CA PHE C 150 -14.45 -6.96 -20.34
C PHE C 150 -15.64 -6.03 -20.56
N ALA C 151 -16.18 -6.03 -21.79
CA ALA C 151 -17.27 -5.13 -22.10
C ALA C 151 -18.50 -5.40 -21.24
N THR C 152 -18.88 -6.68 -21.07
CA THR C 152 -20.04 -6.97 -20.26
C THR C 152 -19.75 -6.64 -18.79
N MET C 153 -18.52 -6.92 -18.32
CA MET C 153 -18.16 -6.55 -16.95
C MET C 153 -18.27 -5.04 -16.73
N ARG C 154 -17.75 -4.27 -17.68
CA ARG C 154 -17.82 -2.80 -17.64
C ARG C 154 -19.25 -2.30 -17.50
N HIS C 155 -20.17 -2.78 -18.34
CA HIS C 155 -21.53 -2.28 -18.32
C HIS C 155 -22.37 -2.86 -17.18
N ALA C 156 -22.14 -4.12 -16.81
CA ALA C 156 -22.85 -4.67 -15.63
C ALA C 156 -22.37 -3.98 -14.36
N ALA C 157 -21.06 -3.78 -14.24
CA ALA C 157 -20.51 -3.11 -13.03
C ALA C 157 -21.04 -1.68 -12.88
N ALA C 158 -21.13 -0.96 -13.99
CA ALA C 158 -21.60 0.43 -13.94
C ALA C 158 -23.07 0.44 -13.48
N TYR C 159 -23.84 -0.56 -13.95
CA TYR C 159 -25.24 -0.71 -13.55
C TYR C 159 -25.36 -0.98 -12.05
N TRP C 160 -24.65 -2.00 -11.56
CA TRP C 160 -24.67 -2.33 -10.13
C TRP C 160 -24.12 -1.21 -9.26
N ARG C 161 -23.03 -0.58 -9.68
CA ARG C 161 -22.45 0.48 -8.89
C ARG C 161 -23.47 1.62 -8.71
N GLY C 162 -24.20 1.93 -9.79
CA GLY C 162 -25.22 2.98 -9.76
C GLY C 162 -26.33 2.65 -8.78
N LEU C 163 -26.77 1.39 -8.76
CA LEU C 163 -27.81 0.96 -7.79
C LEU C 163 -27.31 1.07 -6.36
N SER C 164 -26.13 0.51 -6.11
CA SER C 164 -25.52 0.58 -4.79
C SER C 164 -25.42 2.02 -4.29
N LYS C 165 -24.97 2.92 -5.15
CA LYS C 165 -24.79 4.34 -4.81
C LYS C 165 -26.12 5.00 -4.48
N ALA C 166 -27.18 4.53 -5.14
CA ALA C 166 -28.54 5.02 -4.90
C ALA C 166 -29.20 4.30 -3.73
N GLY C 167 -28.42 3.53 -2.97
CA GLY C 167 -28.91 2.73 -1.83
C GLY C 167 -29.88 1.61 -2.17
N LYS C 168 -29.85 1.13 -3.42
CA LYS C 168 -30.73 0.03 -3.82
C LYS C 168 -30.06 -1.31 -3.51
N ALA C 169 -30.86 -2.37 -3.47
CA ALA C 169 -30.34 -3.70 -3.18
C ALA C 169 -29.47 -4.20 -4.33
N VAL C 170 -28.25 -4.62 -4.00
CA VAL C 170 -27.38 -5.34 -4.96
C VAL C 170 -26.79 -6.60 -4.33
N ASP C 171 -26.96 -7.73 -4.99
CA ASP C 171 -26.37 -9.00 -4.57
C ASP C 171 -26.01 -9.71 -5.89
N GLY C 172 -25.05 -9.10 -6.60
CA GLY C 172 -24.76 -9.40 -8.00
C GLY C 172 -23.58 -10.35 -8.14
N ARG C 173 -23.49 -10.97 -9.32
CA ARG C 173 -22.54 -12.03 -9.50
C ARG C 173 -22.04 -11.97 -10.92
N ILE C 174 -20.73 -12.07 -11.08
CA ILE C 174 -20.14 -12.25 -12.40
C ILE C 174 -19.38 -13.58 -12.39
N ILE C 175 -19.66 -14.45 -13.36
CA ILE C 175 -18.91 -15.69 -13.50
C ILE C 175 -18.32 -15.69 -14.91
N ASN C 176 -16.99 -15.66 -14.97
CA ASN C 176 -16.25 -15.65 -16.22
C ASN C 176 -15.77 -17.05 -16.60
N THR C 177 -15.30 -17.20 -17.84
CA THR C 177 -14.82 -18.47 -18.29
C THR C 177 -13.37 -18.32 -18.71
N SER C 178 -12.48 -18.86 -17.88
CA SER C 178 -11.08 -18.92 -18.28
C SER C 178 -10.82 -20.36 -18.76
N SER C 179 -9.56 -20.80 -18.65
CA SER C 179 -9.15 -22.13 -19.11
C SER C 179 -7.79 -22.44 -18.52
N GLY C 180 -7.48 -23.73 -18.32
CA GLY C 180 -6.07 -24.13 -18.03
C GLY C 180 -5.11 -23.53 -19.06
N ALA C 181 -5.57 -23.33 -20.30
CA ALA C 181 -4.71 -22.65 -21.31
C ALA C 181 -4.30 -21.25 -20.85
N GLY C 182 -5.21 -20.55 -20.18
CA GLY C 182 -4.89 -19.20 -19.66
C GLY C 182 -3.99 -19.23 -18.43
N LEU C 183 -4.10 -20.31 -17.66
CA LEU C 183 -3.34 -20.41 -16.41
C LEU C 183 -1.91 -20.87 -16.65
N GLN C 184 -1.75 -21.99 -17.38
CA GLN C 184 -0.43 -22.57 -17.60
C GLN C 184 0.06 -22.47 -19.06
N GLY C 185 -0.82 -21.97 -19.94
CA GLY C 185 -0.51 -21.96 -21.41
C GLY C 185 -0.88 -23.24 -22.13
N SER C 186 -1.12 -23.14 -23.45
CA SER C 186 -1.46 -24.32 -24.24
C SER C 186 -0.80 -24.17 -25.58
N VAL C 187 0.04 -25.13 -25.92
CA VAL C 187 0.71 -25.18 -27.25
C VAL C 187 -0.27 -25.20 -28.41
N GLY C 188 0.01 -24.39 -29.41
CA GLY C 188 -0.86 -24.23 -30.55
C GLY C 188 -2.08 -23.39 -30.28
N GLN C 189 -2.12 -22.76 -29.09
CA GLN C 189 -3.26 -21.93 -28.71
C GLN C 189 -2.80 -20.64 -28.04
N GLY C 190 -1.72 -20.04 -28.54
CA GLY C 190 -1.20 -18.83 -27.84
C GLY C 190 -2.20 -17.68 -27.77
N ASN C 191 -2.93 -17.46 -28.88
CA ASN C 191 -3.97 -16.43 -28.92
C ASN C 191 -5.04 -16.66 -27.81
N TYR C 192 -5.58 -17.88 -27.77
CA TYR C 192 -6.64 -18.26 -26.82
C TYR C 192 -6.03 -18.26 -25.41
N SER C 193 -4.79 -18.71 -25.25
CA SER C 193 -4.16 -18.74 -23.90
C SER C 193 -4.02 -17.32 -23.36
N ALA C 194 -3.59 -16.40 -24.22
CA ALA C 194 -3.43 -15.02 -23.76
C ALA C 194 -4.78 -14.42 -23.37
N ALA C 195 -5.81 -14.68 -24.17
CA ALA C 195 -7.15 -14.15 -23.89
C ALA C 195 -7.66 -14.69 -22.55
N LYS C 196 -7.48 -16.00 -22.33
CA LYS C 196 -8.02 -16.66 -21.11
C LYS C 196 -7.23 -16.24 -19.86
N ALA C 197 -5.95 -15.97 -20.05
CA ALA C 197 -5.10 -15.39 -19.00
C ALA C 197 -5.60 -14.00 -18.61
N GLY C 198 -5.84 -13.16 -19.61
CA GLY C 198 -6.40 -11.83 -19.36
C GLY C 198 -7.71 -11.95 -18.55
N ILE C 199 -8.52 -12.94 -18.87
CA ILE C 199 -9.80 -13.17 -18.20
C ILE C 199 -9.57 -13.60 -16.75
N ALA C 200 -8.60 -14.48 -16.52
CA ALA C 200 -8.32 -14.93 -15.14
C ALA C 200 -7.92 -13.73 -14.27
N THR C 201 -7.03 -12.90 -14.76
CA THR C 201 -6.62 -11.73 -13.98
C THR C 201 -7.69 -10.64 -13.87
N LEU C 202 -8.45 -10.43 -14.94
CA LEU C 202 -9.60 -9.54 -14.91
C LEU C 202 -10.59 -9.95 -13.81
N THR C 203 -10.74 -11.27 -13.61
CA THR C 203 -11.59 -11.82 -12.54
C THR C 203 -11.08 -11.36 -11.18
N LEU C 204 -9.76 -11.48 -10.97
CA LEU C 204 -9.15 -10.97 -9.71
C LEU C 204 -9.39 -9.50 -9.44
N VAL C 205 -9.20 -8.69 -10.49
CA VAL C 205 -9.35 -7.24 -10.36
C VAL C 205 -10.81 -6.90 -10.15
N GLY C 206 -11.70 -7.50 -10.92
CA GLY C 206 -13.16 -7.23 -10.76
C GLY C 206 -13.60 -7.56 -9.34
N ALA C 207 -13.14 -8.70 -8.82
CA ALA C 207 -13.51 -9.11 -7.43
C ALA C 207 -13.11 -8.00 -6.44
N ALA C 208 -11.88 -7.54 -6.59
CA ALA C 208 -11.33 -6.50 -5.71
C ALA C 208 -12.05 -5.15 -5.82
N GLU C 209 -12.45 -4.77 -7.05
CA GLU C 209 -13.14 -3.49 -7.25
C GLU C 209 -14.63 -3.51 -6.93
N MET C 210 -15.29 -4.62 -7.20
CA MET C 210 -16.77 -4.61 -7.19
C MET C 210 -17.40 -5.13 -5.89
N GLY C 211 -16.60 -5.76 -5.03
CA GLY C 211 -17.07 -6.21 -3.70
C GLY C 211 -17.72 -5.10 -2.89
N ARG C 212 -17.13 -3.91 -2.98
CA ARG C 212 -17.63 -2.67 -2.33
C ARG C 212 -19.09 -2.42 -2.66
N TYR C 213 -19.51 -2.78 -3.87
CA TYR C 213 -20.92 -2.60 -4.20
C TYR C 213 -21.80 -3.83 -4.34
N GLY C 214 -21.44 -4.90 -3.64
CA GLY C 214 -22.31 -6.06 -3.51
C GLY C 214 -22.20 -7.06 -4.63
N VAL C 215 -21.04 -7.09 -5.32
CA VAL C 215 -20.91 -7.97 -6.49
C VAL C 215 -19.70 -8.88 -6.31
N THR C 216 -19.88 -10.19 -6.49
CA THR C 216 -18.73 -11.11 -6.50
C THR C 216 -18.33 -11.39 -7.95
N VAL C 217 -17.06 -11.74 -8.14
CA VAL C 217 -16.56 -12.00 -9.48
C VAL C 217 -15.68 -13.23 -9.39
N ASN C 218 -16.04 -14.31 -10.08
CA ASN C 218 -15.29 -15.58 -10.01
C ASN C 218 -15.17 -16.11 -11.45
N ALA C 219 -14.37 -17.15 -11.65
CA ALA C 219 -14.26 -17.76 -12.98
C ALA C 219 -14.28 -19.28 -12.87
N ILE C 220 -14.74 -19.92 -13.94
CA ILE C 220 -14.58 -21.37 -14.04
C ILE C 220 -13.63 -21.65 -15.18
N ALA C 221 -12.95 -22.79 -15.12
CA ALA C 221 -12.06 -23.22 -16.20
C ALA C 221 -12.40 -24.67 -16.52
N PRO C 222 -13.34 -24.89 -17.45
CA PRO C 222 -13.66 -26.29 -17.83
C PRO C 222 -12.44 -27.00 -18.42
N SER C 223 -12.27 -28.30 -18.13
CA SER C 223 -11.11 -29.04 -18.64
C SER C 223 -11.16 -29.06 -20.17
N ALA C 224 -9.99 -29.29 -20.78
CA ALA C 224 -9.86 -29.37 -22.24
C ALA C 224 -10.74 -30.49 -22.84
N ARG C 225 -10.83 -31.62 -22.14
CA ARG C 225 -11.59 -32.77 -22.63
C ARG C 225 -13.12 -32.60 -22.47
N THR C 226 -13.56 -31.61 -21.70
CA THR C 226 -15.00 -31.35 -21.59
C THR C 226 -15.51 -31.00 -23.00
N ARG C 227 -16.64 -31.61 -23.38
CA ARG C 227 -17.17 -31.39 -24.73
C ARG C 227 -17.95 -30.07 -24.74
N MET C 228 -17.23 -28.98 -24.92
CA MET C 228 -17.77 -27.64 -24.70
C MET C 228 -18.62 -27.06 -25.84
N THR C 229 -18.49 -27.66 -27.02
CA THR C 229 -19.11 -27.12 -28.23
C THR C 229 -20.37 -27.90 -28.66
N GLU C 230 -20.37 -29.22 -28.46
CA GLU C 230 -21.48 -30.05 -28.93
C GLU C 230 -22.76 -29.86 -28.10
N THR C 231 -23.88 -29.92 -28.83
CA THR C 231 -25.20 -29.78 -28.27
C THR C 231 -25.91 -31.12 -28.39
N VAL C 232 -26.35 -31.64 -27.24
CA VAL C 232 -27.06 -32.92 -27.15
C VAL C 232 -28.44 -32.69 -26.52
N PHE C 233 -29.47 -33.33 -27.08
CA PHE C 233 -30.82 -33.12 -26.56
C PHE C 233 -31.27 -34.26 -25.68
N PHE C 244 -21.90 -42.75 -15.98
CA PHE C 244 -21.55 -41.33 -15.84
C PHE C 244 -20.65 -40.85 -16.99
N ASP C 245 -21.13 -39.85 -17.71
CA ASP C 245 -20.38 -39.26 -18.80
C ASP C 245 -19.72 -37.96 -18.30
N ALA C 246 -18.47 -38.08 -17.83
CA ALA C 246 -17.77 -37.01 -17.13
C ALA C 246 -17.56 -35.79 -18.01
N MET C 247 -17.36 -36.02 -19.30
CA MET C 247 -17.03 -34.91 -20.20
C MET C 247 -18.25 -34.13 -20.70
N ALA C 248 -19.45 -34.48 -20.24
CA ALA C 248 -20.67 -33.78 -20.69
C ALA C 248 -20.64 -32.35 -20.14
N PRO C 249 -20.97 -31.35 -20.99
CA PRO C 249 -20.84 -29.97 -20.49
C PRO C 249 -21.85 -29.63 -19.40
N GLU C 250 -22.97 -30.36 -19.32
CA GLU C 250 -23.94 -30.15 -18.26
C GLU C 250 -23.30 -30.34 -16.87
N ASN C 251 -22.16 -31.02 -16.81
CA ASN C 251 -21.47 -31.26 -15.52
C ASN C 251 -20.81 -30.01 -14.96
N VAL C 252 -20.55 -29.04 -15.84
CA VAL C 252 -19.87 -27.81 -15.42
C VAL C 252 -20.86 -26.80 -14.79
N SER C 253 -22.11 -26.83 -15.24
CA SER C 253 -23.07 -25.80 -14.88
C SER C 253 -23.44 -25.73 -13.39
N PRO C 254 -23.43 -26.86 -12.67
CA PRO C 254 -23.91 -26.74 -11.28
C PRO C 254 -23.13 -25.73 -10.43
N LEU C 255 -21.81 -25.69 -10.58
CA LEU C 255 -21.02 -24.72 -9.82
C LEU C 255 -21.35 -23.28 -10.26
N VAL C 256 -21.53 -23.07 -11.58
CA VAL C 256 -21.90 -21.75 -12.05
C VAL C 256 -23.20 -21.29 -11.42
N VAL C 257 -24.17 -22.20 -11.37
CA VAL C 257 -25.45 -21.86 -10.77
C VAL C 257 -25.30 -21.52 -9.28
N TRP C 258 -24.57 -22.36 -8.54
CA TRP C 258 -24.34 -22.08 -7.13
C TRP C 258 -23.63 -20.71 -6.92
N LEU C 259 -22.58 -20.43 -7.72
CA LEU C 259 -21.91 -19.14 -7.63
C LEU C 259 -22.86 -17.96 -7.83
N GLY C 260 -23.88 -18.15 -8.67
CA GLY C 260 -24.85 -17.09 -8.94
C GLY C 260 -25.89 -16.91 -7.84
N SER C 261 -25.82 -17.75 -6.81
CA SER C 261 -26.88 -17.78 -5.78
C SER C 261 -26.58 -16.80 -4.63
N ALA C 262 -27.62 -16.46 -3.86
CA ALA C 262 -27.45 -15.67 -2.63
C ALA C 262 -26.43 -16.26 -1.66
N GLU C 263 -26.43 -17.59 -1.54
CA GLU C 263 -25.57 -18.30 -0.57
C GLU C 263 -24.07 -18.11 -0.88
N ALA C 264 -23.77 -17.80 -2.13
CA ALA C 264 -22.38 -17.61 -2.57
C ALA C 264 -21.84 -16.18 -2.40
N ARG C 265 -22.53 -15.37 -1.62
CA ARG C 265 -22.06 -13.97 -1.39
C ARG C 265 -20.64 -13.77 -0.87
N ASP C 266 -20.06 -14.76 -0.20
CA ASP C 266 -18.71 -14.58 0.40
C ASP C 266 -17.59 -15.24 -0.43
N VAL C 267 -17.94 -15.70 -1.62
CA VAL C 267 -16.92 -16.32 -2.48
C VAL C 267 -16.64 -15.35 -3.62
N THR C 268 -15.41 -14.85 -3.70
CA THR C 268 -15.08 -13.88 -4.75
C THR C 268 -13.61 -14.01 -5.09
N GLY C 269 -13.27 -13.71 -6.35
CA GLY C 269 -11.89 -13.72 -6.80
C GLY C 269 -11.32 -15.11 -6.99
N LYS C 270 -12.19 -16.11 -7.07
CA LYS C 270 -11.77 -17.49 -7.24
C LYS C 270 -11.84 -17.96 -8.68
N VAL C 271 -10.91 -18.86 -9.02
CA VAL C 271 -10.89 -19.55 -10.31
C VAL C 271 -10.98 -21.05 -9.99
N PHE C 272 -12.05 -21.69 -10.47
CA PHE C 272 -12.29 -23.12 -10.24
C PHE C 272 -12.15 -23.91 -11.54
N GLU C 273 -11.26 -24.90 -11.53
CA GLU C 273 -11.13 -25.82 -12.67
C GLU C 273 -12.18 -26.92 -12.49
N VAL C 274 -12.92 -27.22 -13.55
CA VAL C 274 -14.12 -28.08 -13.41
C VAL C 274 -14.15 -29.13 -14.53
N GLU C 275 -14.51 -30.37 -14.17
CA GLU C 275 -14.76 -31.43 -15.17
C GLU C 275 -15.53 -32.53 -14.46
N GLY C 276 -16.64 -32.98 -15.07
CA GLY C 276 -17.42 -34.05 -14.45
C GLY C 276 -17.84 -33.70 -13.04
N GLY C 277 -17.49 -34.59 -12.09
CA GLY C 277 -17.75 -34.38 -10.66
C GLY C 277 -16.61 -33.66 -9.94
N LYS C 278 -15.55 -33.27 -10.68
CA LYS C 278 -14.39 -32.57 -10.08
C LYS C 278 -14.51 -31.04 -10.03
N ILE C 279 -14.20 -30.49 -8.85
CA ILE C 279 -14.01 -29.03 -8.70
C ILE C 279 -12.67 -28.84 -8.02
N ARG C 280 -11.79 -28.08 -8.67
CA ARG C 280 -10.46 -27.81 -8.12
C ARG C 280 -10.25 -26.32 -7.99
N VAL C 281 -9.73 -25.87 -6.86
CA VAL C 281 -9.35 -24.44 -6.74
C VAL C 281 -8.01 -24.24 -7.45
N ALA C 282 -7.98 -23.33 -8.44
CA ALA C 282 -6.70 -22.98 -9.02
C ALA C 282 -6.00 -21.97 -8.11
N GLU C 283 -4.72 -22.19 -7.81
CA GLU C 283 -4.01 -21.29 -6.91
C GLU C 283 -3.15 -20.35 -7.74
N GLY C 284 -3.22 -19.07 -7.46
CA GLY C 284 -2.60 -18.06 -8.31
C GLY C 284 -1.10 -17.92 -8.16
N TRP C 285 -0.55 -17.01 -8.96
CA TRP C 285 0.89 -16.70 -8.98
C TRP C 285 1.38 -16.40 -7.58
N ALA C 286 2.56 -16.92 -7.28
CA ALA C 286 3.07 -16.86 -5.91
C ALA C 286 4.47 -16.27 -5.94
N HIS C 287 4.94 -15.82 -4.78
CA HIS C 287 6.30 -15.28 -4.70
C HIS C 287 7.29 -16.42 -4.44
N GLY C 288 8.14 -16.69 -5.43
CA GLY C 288 9.15 -17.75 -5.30
C GLY C 288 10.44 -17.21 -4.70
N PRO C 289 11.55 -17.95 -4.86
CA PRO C 289 12.84 -17.59 -4.25
C PRO C 289 13.28 -16.23 -4.71
N GLN C 290 13.93 -15.50 -3.80
CA GLN C 290 14.44 -14.16 -4.06
C GLN C 290 15.87 -14.02 -3.61
N ILE C 291 16.65 -13.22 -4.33
CA ILE C 291 18.01 -12.84 -3.92
C ILE C 291 18.07 -11.30 -4.04
N ASP C 292 18.78 -10.64 -3.12
CA ASP C 292 18.92 -9.17 -3.14
C ASP C 292 20.38 -8.78 -3.01
N LYS C 293 20.97 -8.23 -4.08
CA LYS C 293 22.34 -7.76 -4.01
C LYS C 293 22.45 -6.50 -3.16
N GLY C 294 21.35 -5.75 -3.08
CA GLY C 294 21.32 -4.44 -2.41
C GLY C 294 22.11 -3.38 -3.18
N ALA C 295 22.34 -3.63 -4.46
CA ALA C 295 23.07 -2.74 -5.37
C ALA C 295 22.77 -3.24 -6.79
N ARG C 296 23.15 -2.48 -7.81
CA ARG C 296 22.88 -2.89 -9.20
C ARG C 296 23.67 -4.15 -9.58
N TRP C 297 22.98 -5.14 -10.17
CA TRP C 297 23.70 -6.32 -10.70
C TRP C 297 24.55 -5.99 -11.90
N ASP C 298 25.70 -6.66 -12.01
CA ASP C 298 26.49 -6.72 -13.20
C ASP C 298 25.93 -7.91 -14.02
N PRO C 299 25.49 -7.64 -15.27
CA PRO C 299 24.89 -8.73 -16.07
C PRO C 299 25.84 -9.93 -16.18
N ALA C 300 27.15 -9.68 -16.20
CA ALA C 300 28.15 -10.75 -16.29
C ALA C 300 28.16 -11.73 -15.11
N GLU C 301 27.55 -11.35 -13.98
CA GLU C 301 27.58 -12.18 -12.78
C GLU C 301 26.33 -12.99 -12.54
N LEU C 302 25.31 -12.82 -13.39
CA LEU C 302 24.00 -13.38 -13.13
C LEU C 302 23.77 -14.88 -13.39
N GLY C 303 24.64 -15.53 -14.15
CA GLY C 303 24.45 -16.97 -14.46
C GLY C 303 24.23 -17.83 -13.23
N PRO C 304 25.21 -17.84 -12.32
CA PRO C 304 25.09 -18.63 -11.09
C PRO C 304 23.94 -18.16 -10.19
N VAL C 305 23.70 -16.85 -10.19
CA VAL C 305 22.60 -16.26 -9.39
C VAL C 305 21.27 -16.82 -9.87
N VAL C 306 21.05 -16.78 -11.18
CA VAL C 306 19.78 -17.25 -11.75
C VAL C 306 19.63 -18.77 -11.61
N ALA C 307 20.75 -19.48 -11.76
CA ALA C 307 20.72 -20.94 -11.66
C ALA C 307 20.32 -21.34 -10.23
N ASP C 308 20.84 -20.60 -9.26
CA ASP C 308 20.52 -20.86 -7.85
C ASP C 308 19.04 -20.62 -7.55
N LEU C 309 18.51 -19.46 -7.96
CA LEU C 309 17.08 -19.19 -7.77
C LEU C 309 16.18 -20.23 -8.37
N LEU C 310 16.49 -20.61 -9.62
CA LEU C 310 15.61 -21.54 -10.32
C LEU C 310 15.63 -22.91 -9.65
N GLY C 311 16.78 -23.29 -9.09
CA GLY C 311 16.95 -24.59 -8.41
C GLY C 311 16.12 -24.66 -7.14
N LYS C 312 15.84 -23.50 -6.56
CA LYS C 312 15.05 -23.37 -5.34
C LYS C 312 13.55 -23.23 -5.58
N ALA C 313 13.17 -22.95 -6.83
CA ALA C 313 11.77 -22.66 -7.16
C ALA C 313 10.90 -23.92 -7.26
N ARG C 314 9.61 -23.82 -6.95
CA ARG C 314 8.68 -24.93 -7.22
C ARG C 314 8.60 -25.13 -8.73
N PRO C 315 8.69 -26.40 -9.18
CA PRO C 315 8.58 -26.67 -10.62
C PRO C 315 7.22 -26.19 -11.12
N PRO C 316 7.18 -25.68 -12.35
CA PRO C 316 5.87 -25.24 -12.85
C PRO C 316 4.95 -26.40 -13.22
N VAL C 317 3.66 -26.12 -13.18
CA VAL C 317 2.69 -26.98 -13.84
C VAL C 317 2.97 -26.80 -15.33
N PRO C 318 3.21 -27.92 -16.07
CA PRO C 318 3.65 -27.75 -17.48
C PRO C 318 2.62 -27.08 -18.39
N VAL C 319 3.11 -26.57 -19.51
CA VAL C 319 2.24 -26.02 -20.55
C VAL C 319 1.46 -27.19 -21.14
N TYR C 320 0.14 -27.01 -21.29
CA TYR C 320 -0.70 -28.00 -21.96
C TYR C 320 -0.21 -28.26 -23.38
N GLY C 321 -0.17 -29.53 -23.76
CA GLY C 321 0.25 -29.89 -25.12
C GLY C 321 1.75 -29.85 -25.38
N ALA C 322 2.55 -29.64 -24.35
CA ALA C 322 4.01 -29.68 -24.50
C ALA C 322 4.49 -31.12 -24.33
N GLY D 23 32.28 -8.18 -23.62
CA GLY D 23 30.82 -7.81 -23.46
C GLY D 23 29.90 -9.03 -23.42
N VAL D 24 28.91 -9.01 -22.54
CA VAL D 24 28.04 -10.16 -22.28
C VAL D 24 27.22 -10.56 -23.51
N VAL D 25 26.88 -9.56 -24.35
CA VAL D 25 26.09 -9.78 -25.56
C VAL D 25 26.86 -9.26 -26.75
N ASP D 26 28.18 -9.45 -26.72
CA ASP D 26 29.01 -8.91 -27.79
C ASP D 26 28.59 -9.43 -29.16
N GLY D 27 28.37 -8.52 -30.10
CA GLY D 27 28.00 -8.84 -31.46
C GLY D 27 26.51 -9.12 -31.66
N ARG D 28 25.76 -9.29 -30.58
CA ARG D 28 24.36 -9.64 -30.75
C ARG D 28 23.51 -8.48 -31.21
N VAL D 29 22.48 -8.78 -32.00
CA VAL D 29 21.60 -7.72 -32.48
C VAL D 29 20.32 -7.74 -31.64
N VAL D 30 19.99 -6.59 -31.06
CA VAL D 30 18.86 -6.52 -30.10
C VAL D 30 17.86 -5.44 -30.52
N ILE D 31 16.56 -5.80 -30.52
CA ILE D 31 15.49 -4.80 -30.67
C ILE D 31 14.95 -4.51 -29.29
N VAL D 32 14.85 -3.24 -28.92
CA VAL D 32 14.10 -2.86 -27.72
C VAL D 32 12.90 -2.01 -28.14
N THR D 33 11.68 -2.42 -27.79
CA THR D 33 10.52 -1.57 -28.14
C THR D 33 10.25 -0.51 -27.07
N GLY D 34 9.76 0.65 -27.49
CA GLY D 34 9.48 1.76 -26.56
C GLY D 34 10.73 2.20 -25.83
N ALA D 35 11.82 2.31 -26.58
CA ALA D 35 13.14 2.47 -26.00
C ALA D 35 13.62 3.95 -25.93
N GLY D 36 12.71 4.88 -26.16
CA GLY D 36 13.06 6.31 -26.17
C GLY D 36 13.21 6.94 -24.80
N GLY D 37 12.68 6.28 -23.77
CA GLY D 37 12.81 6.79 -22.42
C GLY D 37 12.54 5.69 -21.44
N GLY D 38 12.70 6.01 -20.17
CA GLY D 38 12.33 5.13 -19.07
C GLY D 38 13.09 3.81 -19.08
N ILE D 39 12.40 2.73 -18.76
CA ILE D 39 13.04 1.43 -18.64
C ILE D 39 13.58 0.97 -20.01
N GLY D 40 12.83 1.29 -21.08
CA GLY D 40 13.20 0.87 -22.43
C GLY D 40 14.54 1.51 -22.80
N ARG D 41 14.69 2.77 -22.44
CA ARG D 41 15.98 3.45 -22.68
C ARG D 41 17.09 2.79 -21.89
N ALA D 42 16.82 2.47 -20.62
CA ALA D 42 17.79 1.79 -19.77
C ALA D 42 18.24 0.47 -20.40
N HIS D 43 17.29 -0.28 -20.94
CA HIS D 43 17.59 -1.54 -21.63
C HIS D 43 18.53 -1.32 -22.81
N ALA D 44 18.16 -0.36 -23.68
CA ALA D 44 18.94 -0.07 -24.88
C ALA D 44 20.38 0.30 -24.54
N LEU D 45 20.55 1.20 -23.55
CA LEU D 45 21.89 1.59 -23.09
C LEU D 45 22.65 0.40 -22.52
N ALA D 46 21.99 -0.41 -21.71
CA ALA D 46 22.64 -1.56 -21.09
C ALA D 46 23.12 -2.60 -22.09
N PHE D 47 22.32 -2.86 -23.11
CA PHE D 47 22.70 -3.85 -24.16
C PHE D 47 23.90 -3.31 -24.91
N ALA D 48 23.86 -2.02 -25.25
CA ALA D 48 24.97 -1.40 -26.01
C ALA D 48 26.25 -1.47 -25.21
N ALA D 49 26.16 -1.22 -23.90
CA ALA D 49 27.32 -1.26 -23.00
C ALA D 49 27.98 -2.64 -22.91
N GLU D 50 27.17 -3.67 -23.15
CA GLU D 50 27.69 -5.01 -23.21
C GLU D 50 27.94 -5.51 -24.64
N GLY D 51 28.01 -4.57 -25.58
CA GLY D 51 28.48 -4.87 -26.93
C GLY D 51 27.46 -5.24 -27.97
N ALA D 52 26.17 -5.12 -27.63
CA ALA D 52 25.12 -5.41 -28.59
C ALA D 52 24.98 -4.29 -29.58
N ARG D 53 24.56 -4.61 -30.80
CA ARG D 53 24.10 -3.61 -31.76
C ARG D 53 22.58 -3.47 -31.59
N VAL D 54 22.11 -2.23 -31.40
CA VAL D 54 20.75 -2.02 -30.91
C VAL D 54 19.82 -1.29 -31.88
N VAL D 55 18.65 -1.89 -32.12
CA VAL D 55 17.53 -1.17 -32.77
C VAL D 55 16.67 -0.48 -31.68
N VAL D 56 16.76 0.84 -31.63
CA VAL D 56 16.02 1.64 -30.63
C VAL D 56 14.65 1.97 -31.24
N ASN D 57 13.63 1.22 -30.84
CA ASN D 57 12.29 1.45 -31.38
C ASN D 57 11.50 2.34 -30.45
N ASP D 58 10.91 3.40 -31.00
CA ASP D 58 10.02 4.26 -30.22
C ASP D 58 9.18 5.07 -31.18
N ILE D 59 7.91 5.28 -30.85
CA ILE D 59 7.07 6.07 -31.74
C ILE D 59 7.20 7.58 -31.58
N GLY D 60 7.91 8.03 -30.54
CA GLY D 60 8.05 9.47 -30.26
C GLY D 60 8.59 10.23 -31.45
N VAL D 61 7.97 11.38 -31.76
CA VAL D 61 8.25 12.07 -33.01
C VAL D 61 9.49 12.95 -32.87
N GLY D 62 10.14 13.22 -33.99
CA GLY D 62 11.28 14.13 -33.98
C GLY D 62 10.83 15.56 -34.21
N LEU D 63 11.78 16.43 -34.57
CA LEU D 63 11.48 17.83 -34.91
C LEU D 63 10.52 17.94 -36.10
N ASP D 64 10.72 17.10 -37.12
CA ASP D 64 9.86 17.05 -38.32
C ASP D 64 8.46 16.46 -38.08
N GLY D 65 8.19 15.97 -36.87
CA GLY D 65 6.87 15.40 -36.55
C GLY D 65 6.63 13.95 -36.96
N SER D 66 7.69 13.27 -37.41
CA SER D 66 7.61 11.86 -37.80
C SER D 66 8.26 10.96 -36.74
N PRO D 67 7.76 9.70 -36.60
CA PRO D 67 8.22 8.84 -35.51
C PRO D 67 9.70 8.51 -35.63
N ALA D 68 10.44 8.74 -34.55
CA ALA D 68 11.87 8.36 -34.41
C ALA D 68 12.91 9.14 -35.23
N SER D 69 12.53 10.30 -35.74
CA SER D 69 13.43 11.07 -36.63
C SER D 69 14.41 11.96 -35.83
N GLY D 70 15.11 12.86 -36.53
CA GLY D 70 16.08 13.74 -35.87
C GLY D 70 15.35 14.51 -34.78
N GLY D 71 15.97 14.64 -33.61
CA GLY D 71 15.35 15.40 -32.51
C GLY D 71 14.41 14.58 -31.64
N SER D 72 14.17 13.32 -32.02
CA SER D 72 13.27 12.43 -31.26
C SER D 72 13.93 11.75 -30.05
N ALA D 73 13.10 11.20 -29.18
CA ALA D 73 13.57 10.39 -28.07
C ALA D 73 14.44 9.21 -28.59
N ALA D 74 13.99 8.50 -29.63
CA ALA D 74 14.75 7.34 -30.16
C ALA D 74 16.12 7.80 -30.63
N GLN D 75 16.13 8.85 -31.46
CA GLN D 75 17.41 9.36 -31.97
C GLN D 75 18.34 9.82 -30.84
N SER D 76 17.77 10.47 -29.83
CA SER D 76 18.53 10.90 -28.68
C SER D 76 19.23 9.71 -27.97
N VAL D 77 18.52 8.58 -27.83
CA VAL D 77 19.12 7.39 -27.24
C VAL D 77 20.20 6.80 -28.15
N VAL D 78 19.93 6.76 -29.44
CA VAL D 78 20.90 6.27 -30.42
C VAL D 78 22.20 7.10 -30.29
N ASP D 79 22.06 8.41 -30.17
CA ASP D 79 23.19 9.35 -30.05
C ASP D 79 24.02 9.04 -28.80
N GLU D 80 23.32 8.76 -27.69
CA GLU D 80 23.97 8.38 -26.44
C GLU D 80 24.81 7.15 -26.66
N ILE D 81 24.22 6.13 -27.30
CA ILE D 81 24.91 4.89 -27.57
C ILE D 81 26.19 5.16 -28.39
N THR D 82 26.02 5.81 -29.53
CA THR D 82 27.12 6.24 -30.42
C THR D 82 28.20 7.06 -29.71
N ALA D 83 27.80 8.09 -28.96
CA ALA D 83 28.78 8.90 -28.24
C ALA D 83 29.67 8.00 -27.37
N ALA D 84 29.04 7.00 -26.74
CA ALA D 84 29.78 6.03 -25.92
C ALA D 84 30.52 4.95 -26.74
N GLY D 85 30.48 5.06 -28.07
CA GLY D 85 31.19 4.14 -28.96
C GLY D 85 30.48 2.86 -29.40
N GLY D 86 29.19 2.74 -29.09
CA GLY D 86 28.39 1.60 -29.58
C GLY D 86 27.78 1.84 -30.96
N GLU D 87 27.02 0.86 -31.47
CA GLU D 87 26.24 1.01 -32.70
C GLU D 87 24.75 0.85 -32.43
N ALA D 88 23.96 1.71 -33.05
CA ALA D 88 22.49 1.69 -32.85
C ALA D 88 21.81 2.40 -33.98
N VAL D 89 20.55 2.05 -34.22
CA VAL D 89 19.71 2.72 -35.20
C VAL D 89 18.34 2.97 -34.58
N ALA D 90 17.72 4.11 -34.92
CA ALA D 90 16.36 4.41 -34.50
C ALA D 90 15.33 3.77 -35.43
N ASP D 91 14.17 3.43 -34.89
CA ASP D 91 13.07 2.85 -35.67
C ASP D 91 11.76 3.33 -35.04
N GLY D 92 10.84 3.81 -35.89
CA GLY D 92 9.56 4.36 -35.45
C GLY D 92 8.32 3.50 -35.60
N SER D 93 8.50 2.17 -35.82
CA SER D 93 7.38 1.26 -35.96
C SER D 93 6.48 1.30 -34.73
N ASN D 94 5.17 1.35 -34.98
CA ASN D 94 4.17 1.17 -33.95
C ASN D 94 3.89 -0.34 -33.84
N VAL D 95 4.36 -0.97 -32.77
CA VAL D 95 4.21 -2.44 -32.67
C VAL D 95 2.76 -2.98 -32.64
N ALA D 96 1.81 -2.12 -32.28
CA ALA D 96 0.38 -2.48 -32.27
C ALA D 96 -0.15 -2.67 -33.68
N ASP D 97 0.56 -2.07 -34.64
CA ASP D 97 0.24 -2.25 -36.05
C ASP D 97 1.01 -3.46 -36.55
N TRP D 98 0.29 -4.49 -36.94
CA TRP D 98 0.89 -5.79 -37.22
C TRP D 98 1.93 -5.74 -38.32
N ASP D 99 1.69 -4.92 -39.35
CA ASP D 99 2.64 -4.81 -40.45
C ASP D 99 3.87 -4.03 -40.04
N GLN D 100 3.68 -3.00 -39.21
CA GLN D 100 4.83 -2.24 -38.72
C GLN D 100 5.66 -3.09 -37.78
N ALA D 101 5.00 -3.98 -37.03
CA ALA D 101 5.77 -4.92 -36.20
C ALA D 101 6.70 -5.82 -37.05
N ALA D 102 6.17 -6.36 -38.14
CA ALA D 102 6.99 -7.13 -39.10
C ALA D 102 8.12 -6.28 -39.67
N GLY D 103 7.80 -5.02 -39.99
CA GLY D 103 8.80 -4.05 -40.49
C GLY D 103 9.94 -3.86 -39.51
N LEU D 104 9.63 -3.86 -38.22
CA LEU D 104 10.65 -3.64 -37.19
C LEU D 104 11.68 -4.79 -37.18
N ILE D 105 11.19 -6.02 -37.29
CA ILE D 105 12.08 -7.18 -37.41
C ILE D 105 12.96 -6.98 -38.64
N GLN D 106 12.35 -6.56 -39.75
CA GLN D 106 13.12 -6.33 -40.99
C GLN D 106 14.23 -5.30 -40.81
N THR D 107 13.95 -4.25 -40.04
CA THR D 107 14.96 -3.24 -39.73
C THR D 107 16.23 -3.81 -39.11
N ALA D 108 16.06 -4.70 -38.14
CA ALA D 108 17.18 -5.36 -37.52
C ALA D 108 17.92 -6.19 -38.55
N VAL D 109 17.16 -6.97 -39.32
CA VAL D 109 17.75 -7.89 -40.29
C VAL D 109 18.52 -7.10 -41.37
N GLU D 110 17.90 -6.04 -41.87
CA GLU D 110 18.52 -5.24 -42.97
C GLU D 110 19.67 -4.31 -42.50
N THR D 111 19.59 -3.84 -41.26
CA THR D 111 20.61 -2.91 -40.76
C THR D 111 21.85 -3.64 -40.28
N PHE D 112 21.63 -4.74 -39.55
CA PHE D 112 22.73 -5.42 -38.86
C PHE D 112 22.97 -6.85 -39.29
N GLY D 113 22.13 -7.35 -40.19
CA GLY D 113 22.36 -8.67 -40.80
C GLY D 113 21.67 -9.84 -40.12
N GLY D 114 20.81 -9.53 -39.15
CA GLY D 114 20.06 -10.57 -38.48
C GLY D 114 19.44 -10.04 -37.19
N LEU D 115 19.07 -10.96 -36.31
CA LEU D 115 18.41 -10.61 -35.03
C LEU D 115 18.71 -11.69 -33.99
N ASP D 116 19.07 -11.30 -32.77
CA ASP D 116 19.31 -12.29 -31.73
C ASP D 116 18.39 -12.13 -30.55
N VAL D 117 18.00 -10.88 -30.25
CA VAL D 117 17.23 -10.61 -29.03
C VAL D 117 16.09 -9.66 -29.35
N LEU D 118 14.89 -10.03 -28.92
CA LEU D 118 13.73 -9.13 -28.96
C LEU D 118 13.31 -8.79 -27.55
N VAL D 119 13.32 -7.50 -27.21
CA VAL D 119 12.89 -7.03 -25.90
C VAL D 119 11.60 -6.24 -26.08
N ASN D 120 10.48 -6.85 -25.67
CA ASN D 120 9.16 -6.23 -25.74
C ASN D 120 8.96 -5.39 -24.48
N ASN D 121 8.93 -4.06 -24.65
CA ASN D 121 8.83 -3.11 -23.53
C ASN D 121 7.77 -2.01 -23.71
N ALA D 122 7.42 -1.68 -24.94
CA ALA D 122 6.52 -0.56 -25.18
C ALA D 122 5.23 -0.73 -24.42
N GLY D 123 4.77 0.35 -23.79
CA GLY D 123 3.52 0.25 -23.03
C GLY D 123 2.95 1.63 -22.82
N ILE D 124 1.66 1.65 -22.50
CA ILE D 124 0.95 2.84 -22.06
C ILE D 124 0.02 2.44 -20.90
N VAL D 125 -0.45 3.40 -20.12
CA VAL D 125 -1.47 3.10 -19.09
C VAL D 125 -2.61 4.07 -19.29
N ARG D 126 -3.81 3.57 -19.08
CA ARG D 126 -5.04 4.37 -19.09
C ARG D 126 -5.81 3.84 -17.90
N ASP D 127 -5.40 4.25 -16.69
CA ASP D 127 -5.99 3.68 -15.47
C ASP D 127 -7.41 4.16 -15.20
N ARG D 128 -8.34 3.20 -15.09
CA ARG D 128 -9.73 3.43 -14.72
C ARG D 128 -10.26 2.18 -14.04
N MET D 129 -11.18 2.36 -13.11
CA MET D 129 -11.96 1.23 -12.58
C MET D 129 -12.67 0.56 -13.76
N ILE D 130 -12.84 -0.75 -13.66
CA ILE D 130 -13.51 -1.48 -14.75
C ILE D 130 -14.86 -0.84 -15.12
N ALA D 131 -15.63 -0.47 -14.09
CA ALA D 131 -16.97 0.10 -14.26
C ALA D 131 -17.04 1.42 -15.08
N ASN D 132 -15.91 2.10 -15.23
CA ASN D 132 -15.92 3.31 -16.05
C ASN D 132 -14.77 3.39 -17.02
N THR D 133 -14.31 2.22 -17.46
CA THR D 133 -13.27 2.19 -18.49
C THR D 133 -13.98 2.44 -19.85
N SER D 134 -13.41 3.34 -20.67
CA SER D 134 -14.03 3.54 -22.00
C SER D 134 -13.53 2.47 -22.95
N GLU D 135 -14.23 2.33 -24.07
CA GLU D 135 -13.76 1.40 -25.10
C GLU D 135 -12.36 1.76 -25.54
N GLU D 136 -12.11 3.06 -25.77
CA GLU D 136 -10.82 3.47 -26.31
C GLU D 136 -9.71 3.16 -25.32
N GLU D 137 -10.02 3.30 -24.02
CA GLU D 137 -9.00 3.05 -22.95
C GLU D 137 -8.68 1.55 -22.84
N PHE D 138 -9.69 0.73 -23.00
CA PHE D 138 -9.45 -0.71 -23.09
C PHE D 138 -8.64 -1.03 -24.35
N ASP D 139 -9.15 -0.58 -25.51
CA ASP D 139 -8.54 -0.98 -26.78
C ASP D 139 -7.07 -0.59 -26.84
N ALA D 140 -6.75 0.64 -26.41
CA ALA D 140 -5.39 1.17 -26.59
C ALA D 140 -4.39 0.40 -25.72
N VAL D 141 -4.80 0.07 -24.50
CA VAL D 141 -3.88 -0.61 -23.59
C VAL D 141 -3.63 -2.05 -24.10
N ILE D 142 -4.70 -2.73 -24.51
CA ILE D 142 -4.59 -4.08 -25.06
C ILE D 142 -3.76 -4.07 -26.34
N ALA D 143 -3.96 -3.04 -27.17
CA ALA D 143 -3.24 -2.97 -28.43
C ALA D 143 -1.74 -2.78 -28.24
N VAL D 144 -1.32 -1.80 -27.44
CA VAL D 144 0.13 -1.53 -27.32
C VAL D 144 0.84 -2.69 -26.59
N HIS D 145 0.25 -3.14 -25.48
CA HIS D 145 0.92 -4.15 -24.68
C HIS D 145 0.75 -5.54 -25.28
N LEU D 146 -0.49 -5.99 -25.39
CA LEU D 146 -0.72 -7.42 -25.73
C LEU D 146 -0.57 -7.68 -27.23
N LYS D 147 -1.26 -6.92 -28.08
CA LYS D 147 -1.05 -7.08 -29.53
C LYS D 147 0.39 -6.78 -29.93
N GLY D 148 0.95 -5.72 -29.33
CA GLY D 148 2.34 -5.34 -29.64
C GLY D 148 3.33 -6.45 -29.33
N HIS D 149 3.23 -7.03 -28.14
CA HIS D 149 4.06 -8.18 -27.77
C HIS D 149 3.80 -9.39 -28.69
N PHE D 150 2.53 -9.68 -28.99
CA PHE D 150 2.19 -10.87 -29.80
C PHE D 150 2.74 -10.69 -31.21
N ALA D 151 2.56 -9.48 -31.74
CA ALA D 151 2.94 -9.22 -33.14
C ALA D 151 4.43 -9.38 -33.35
N THR D 152 5.23 -8.78 -32.47
CA THR D 152 6.68 -8.91 -32.66
C THR D 152 7.13 -10.36 -32.41
N MET D 153 6.52 -11.05 -31.43
CA MET D 153 6.85 -12.47 -31.24
C MET D 153 6.55 -13.27 -32.50
N ARG D 154 5.40 -13.02 -33.09
CA ARG D 154 4.93 -13.77 -34.25
C ARG D 154 5.92 -13.59 -35.39
N HIS D 155 6.35 -12.34 -35.61
CA HIS D 155 7.23 -12.11 -36.79
C HIS D 155 8.68 -12.53 -36.52
N ALA D 156 9.16 -12.27 -35.30
CA ALA D 156 10.48 -12.76 -34.89
C ALA D 156 10.59 -14.29 -34.97
N ALA D 157 9.59 -14.99 -34.42
CA ALA D 157 9.62 -16.48 -34.46
C ALA D 157 9.61 -16.99 -35.90
N ALA D 158 8.80 -16.36 -36.76
CA ALA D 158 8.74 -16.82 -38.15
C ALA D 158 10.13 -16.63 -38.81
N TYR D 159 10.79 -15.53 -38.46
CA TYR D 159 12.13 -15.22 -39.01
C TYR D 159 13.15 -16.28 -38.52
N TRP D 160 13.18 -16.48 -37.20
CA TRP D 160 14.08 -17.48 -36.59
C TRP D 160 13.80 -18.91 -37.06
N ARG D 161 12.53 -19.32 -37.15
CA ARG D 161 12.23 -20.66 -37.62
C ARG D 161 12.74 -20.82 -39.07
N GLY D 162 12.57 -19.76 -39.85
CA GLY D 162 13.06 -19.76 -41.24
C GLY D 162 14.56 -19.99 -41.33
N LEU D 163 15.32 -19.29 -40.50
CA LEU D 163 16.78 -19.51 -40.46
C LEU D 163 17.13 -20.93 -40.02
N SER D 164 16.43 -21.42 -38.99
CA SER D 164 16.69 -22.77 -38.49
C SER D 164 16.45 -23.81 -39.59
N LYS D 165 15.31 -23.70 -40.29
CA LYS D 165 14.97 -24.62 -41.35
C LYS D 165 15.94 -24.51 -42.54
N ALA D 166 16.55 -23.34 -42.72
CA ALA D 166 17.49 -23.10 -43.82
C ALA D 166 18.90 -23.58 -43.41
N GLY D 167 19.02 -24.08 -42.17
CA GLY D 167 20.29 -24.68 -41.69
C GLY D 167 21.20 -23.73 -40.97
N LYS D 168 20.70 -22.55 -40.62
CA LYS D 168 21.53 -21.53 -39.97
C LYS D 168 21.51 -21.74 -38.45
N ALA D 169 22.56 -21.26 -37.80
CA ALA D 169 22.59 -21.25 -36.32
C ALA D 169 21.64 -20.22 -35.75
N VAL D 170 20.80 -20.65 -34.81
CA VAL D 170 19.92 -19.69 -34.11
C VAL D 170 20.14 -19.82 -32.62
N ASP D 171 20.38 -18.71 -31.93
CA ASP D 171 20.46 -18.72 -30.47
C ASP D 171 19.72 -17.46 -30.01
N GLY D 172 18.38 -17.50 -30.17
CA GLY D 172 17.54 -16.30 -30.12
C GLY D 172 16.85 -16.18 -28.79
N ARG D 173 16.37 -14.97 -28.51
CA ARG D 173 15.89 -14.63 -27.14
C ARG D 173 14.77 -13.63 -27.26
N ILE D 174 13.68 -13.89 -26.55
CA ILE D 174 12.63 -12.91 -26.43
C ILE D 174 12.50 -12.67 -24.95
N ILE D 175 12.53 -11.39 -24.58
CA ILE D 175 12.25 -11.01 -23.21
C ILE D 175 11.05 -10.08 -23.23
N ASN D 176 10.01 -10.51 -22.53
CA ASN D 176 8.73 -9.77 -22.51
C ASN D 176 8.63 -9.02 -21.19
N THR D 177 7.73 -8.05 -21.15
CA THR D 177 7.55 -7.27 -19.93
C THR D 177 6.15 -7.49 -19.41
N SER D 178 6.05 -8.27 -18.33
CA SER D 178 4.78 -8.39 -17.63
C SER D 178 4.80 -7.44 -16.41
N SER D 179 4.02 -7.75 -15.35
CA SER D 179 3.94 -6.88 -14.16
C SER D 179 3.26 -7.69 -13.10
N GLY D 180 3.46 -7.34 -11.84
CA GLY D 180 2.62 -7.92 -10.78
C GLY D 180 1.13 -7.64 -11.04
N ALA D 181 0.81 -6.55 -11.75
CA ALA D 181 -0.61 -6.30 -12.11
C ALA D 181 -1.17 -7.46 -12.94
N GLY D 182 -0.35 -8.01 -13.83
CA GLY D 182 -0.78 -9.16 -14.66
C GLY D 182 -0.84 -10.46 -13.86
N LEU D 183 -0.02 -10.55 -12.80
CA LEU D 183 0.09 -11.83 -12.08
C LEU D 183 -0.97 -11.93 -10.97
N GLN D 184 -1.12 -10.86 -10.19
CA GLN D 184 -2.06 -10.86 -9.06
C GLN D 184 -3.21 -9.89 -9.28
N GLY D 185 -3.15 -9.07 -10.31
CA GLY D 185 -4.18 -8.01 -10.51
C GLY D 185 -3.77 -6.69 -9.87
N SER D 186 -4.25 -5.57 -10.43
CA SER D 186 -4.08 -4.25 -9.80
C SER D 186 -5.37 -3.41 -9.90
N VAL D 187 -5.86 -2.95 -8.75
CA VAL D 187 -7.08 -2.16 -8.65
C VAL D 187 -6.90 -0.86 -9.47
N GLY D 188 -7.91 -0.53 -10.27
CA GLY D 188 -7.87 0.68 -11.11
C GLY D 188 -7.07 0.46 -12.38
N GLN D 189 -6.61 -0.79 -12.59
CA GLN D 189 -5.81 -1.13 -13.76
C GLN D 189 -6.27 -2.42 -14.43
N GLY D 190 -7.59 -2.63 -14.50
CA GLY D 190 -8.13 -3.87 -15.12
C GLY D 190 -7.60 -4.09 -16.54
N ASN D 191 -7.68 -3.04 -17.34
CA ASN D 191 -7.12 -3.13 -18.70
C ASN D 191 -5.65 -3.56 -18.78
N TYR D 192 -4.82 -2.85 -18.05
CA TYR D 192 -3.39 -3.13 -18.02
C TYR D 192 -3.11 -4.47 -17.40
N SER D 193 -3.81 -4.81 -16.32
CA SER D 193 -3.62 -6.12 -15.69
C SER D 193 -3.97 -7.25 -16.67
N ALA D 194 -5.09 -7.11 -17.37
CA ALA D 194 -5.44 -8.13 -18.41
C ALA D 194 -4.35 -8.27 -19.44
N ALA D 195 -3.87 -7.14 -19.96
CA ALA D 195 -2.81 -7.17 -20.97
C ALA D 195 -1.53 -7.84 -20.43
N LYS D 196 -1.12 -7.46 -19.22
CA LYS D 196 0.11 -8.04 -18.65
C LYS D 196 -0.04 -9.54 -18.30
N ALA D 197 -1.25 -9.94 -17.94
CA ALA D 197 -1.57 -11.35 -17.70
C ALA D 197 -1.46 -12.13 -19.02
N GLY D 198 -2.01 -11.57 -20.09
CA GLY D 198 -1.90 -12.21 -21.40
C GLY D 198 -0.44 -12.36 -21.77
N ILE D 199 0.37 -11.34 -21.47
CA ILE D 199 1.81 -11.39 -21.78
C ILE D 199 2.53 -12.49 -20.99
N ALA D 200 2.17 -12.62 -19.71
CA ALA D 200 2.82 -13.66 -18.88
C ALA D 200 2.57 -15.03 -19.47
N THR D 201 1.30 -15.30 -19.81
CA THR D 201 0.96 -16.63 -20.34
C THR D 201 1.51 -16.83 -21.75
N LEU D 202 1.55 -15.76 -22.54
CA LEU D 202 2.12 -15.83 -23.87
C LEU D 202 3.61 -16.17 -23.82
N THR D 203 4.27 -15.71 -22.78
CA THR D 203 5.67 -16.07 -22.52
C THR D 203 5.80 -17.60 -22.30
N LEU D 204 4.88 -18.18 -21.50
CA LEU D 204 4.93 -19.63 -21.24
C LEU D 204 4.74 -20.40 -22.53
N VAL D 205 3.78 -19.97 -23.35
CA VAL D 205 3.45 -20.68 -24.59
C VAL D 205 4.59 -20.53 -25.58
N GLY D 206 5.11 -19.31 -25.68
CA GLY D 206 6.24 -19.02 -26.60
C GLY D 206 7.44 -19.88 -26.25
N ALA D 207 7.75 -20.01 -24.95
CA ALA D 207 8.88 -20.84 -24.55
C ALA D 207 8.69 -22.30 -24.98
N ALA D 208 7.47 -22.82 -24.86
CA ALA D 208 7.16 -24.18 -25.24
C ALA D 208 7.24 -24.42 -26.76
N GLU D 209 6.86 -23.42 -27.56
CA GLU D 209 6.79 -23.57 -29.00
C GLU D 209 8.10 -23.27 -29.72
N MET D 210 8.91 -22.38 -29.16
CA MET D 210 10.04 -21.83 -29.90
C MET D 210 11.40 -22.42 -29.57
N GLY D 211 11.47 -23.21 -28.49
CA GLY D 211 12.71 -23.85 -28.11
C GLY D 211 13.24 -24.77 -29.23
N ARG D 212 12.35 -25.36 -30.01
CA ARG D 212 12.76 -26.30 -31.07
C ARG D 212 13.60 -25.64 -32.17
N TYR D 213 13.47 -24.33 -32.34
CA TYR D 213 14.43 -23.68 -33.22
C TYR D 213 15.39 -22.70 -32.52
N GLY D 214 15.70 -22.99 -31.26
CA GLY D 214 16.81 -22.34 -30.59
C GLY D 214 16.48 -20.98 -30.00
N VAL D 215 15.21 -20.77 -29.66
CA VAL D 215 14.77 -19.47 -29.07
C VAL D 215 14.22 -19.70 -27.67
N THR D 216 14.71 -18.91 -26.71
CA THR D 216 14.14 -18.90 -25.36
C THR D 216 13.19 -17.73 -25.24
N VAL D 217 12.24 -17.84 -24.30
CA VAL D 217 11.23 -16.78 -24.16
C VAL D 217 11.03 -16.65 -22.66
N ASN D 218 11.30 -15.45 -22.12
CA ASN D 218 11.17 -15.21 -20.65
C ASN D 218 10.51 -13.85 -20.43
N ALA D 219 10.15 -13.53 -19.21
CA ALA D 219 9.59 -12.19 -18.98
C ALA D 219 10.16 -11.59 -17.71
N ILE D 220 10.22 -10.26 -17.67
CA ILE D 220 10.51 -9.56 -16.43
C ILE D 220 9.26 -8.81 -15.97
N ALA D 221 9.15 -8.61 -14.66
CA ALA D 221 8.03 -7.86 -14.11
C ALA D 221 8.64 -6.81 -13.15
N PRO D 222 8.92 -5.62 -13.65
CA PRO D 222 9.38 -4.52 -12.78
C PRO D 222 8.39 -4.21 -11.70
N SER D 223 8.90 -3.91 -10.50
CA SER D 223 8.03 -3.63 -9.36
C SER D 223 7.19 -2.38 -9.64
N ALA D 224 6.08 -2.29 -8.93
CA ALA D 224 5.18 -1.15 -9.10
C ALA D 224 5.89 0.20 -8.84
N ARG D 225 6.80 0.24 -7.86
CA ARG D 225 7.51 1.50 -7.52
C ARG D 225 8.77 1.78 -8.36
N THR D 226 9.16 0.85 -9.25
CA THR D 226 10.26 1.14 -10.18
C THR D 226 9.86 2.36 -11.03
N ARG D 227 10.80 3.28 -11.17
CA ARG D 227 10.49 4.57 -11.78
C ARG D 227 10.20 4.37 -13.25
N MET D 228 8.98 4.74 -13.62
CA MET D 228 8.54 4.63 -15.00
CA MET D 228 8.51 4.64 -15.00
C MET D 228 8.37 6.00 -15.70
N THR D 229 8.49 7.09 -14.95
CA THR D 229 8.51 8.44 -15.55
C THR D 229 9.64 8.50 -16.60
N GLU D 230 9.46 9.34 -17.61
CA GLU D 230 10.51 9.56 -18.61
C GLU D 230 10.72 11.04 -18.52
N THR D 231 11.77 11.45 -17.83
CA THR D 231 11.94 12.87 -17.53
C THR D 231 13.11 13.47 -18.28
N VAL D 232 13.15 14.79 -18.31
CA VAL D 232 14.11 15.52 -19.08
C VAL D 232 15.49 15.57 -18.38
N PHE D 233 15.52 15.79 -17.07
CA PHE D 233 16.78 16.12 -16.39
C PHE D 233 17.29 14.99 -15.50
N ALA D 234 18.59 14.82 -15.46
CA ALA D 234 19.22 13.77 -14.64
C ALA D 234 20.47 14.32 -13.96
N GLU D 235 20.75 13.84 -12.75
CA GLU D 235 21.90 14.31 -11.93
C GLU D 235 22.29 13.14 -11.05
N PHE D 244 22.75 4.85 -3.99
CA PHE D 244 21.95 3.79 -4.67
C PHE D 244 20.43 4.02 -4.60
N ASP D 245 19.83 4.31 -5.74
CA ASP D 245 18.39 4.44 -5.83
C ASP D 245 17.81 3.08 -6.28
N ALA D 246 17.24 2.32 -5.35
CA ALA D 246 16.72 0.98 -5.68
C ALA D 246 15.62 1.02 -6.75
N MET D 247 14.88 2.13 -6.84
CA MET D 247 13.79 2.23 -7.80
C MET D 247 14.22 2.69 -9.22
N ALA D 248 15.49 2.95 -9.43
CA ALA D 248 15.92 3.42 -10.75
C ALA D 248 15.67 2.36 -11.82
N PRO D 249 15.24 2.77 -13.03
CA PRO D 249 14.95 1.79 -14.11
C PRO D 249 16.19 0.99 -14.56
N GLU D 250 17.38 1.59 -14.45
CA GLU D 250 18.64 0.93 -14.81
C GLU D 250 18.89 -0.31 -13.97
N ASN D 251 18.17 -0.47 -12.86
CA ASN D 251 18.37 -1.68 -12.06
C ASN D 251 17.67 -2.90 -12.66
N VAL D 252 16.72 -2.66 -13.56
CA VAL D 252 15.95 -3.78 -14.14
C VAL D 252 16.77 -4.41 -15.28
N SER D 253 17.53 -3.58 -15.98
CA SER D 253 18.17 -4.01 -17.19
C SER D 253 19.20 -5.14 -17.10
N PRO D 254 20.00 -5.23 -16.00
CA PRO D 254 21.02 -6.31 -15.97
C PRO D 254 20.47 -7.69 -16.26
N LEU D 255 19.33 -8.05 -15.66
CA LEU D 255 18.78 -9.37 -15.89
C LEU D 255 18.33 -9.56 -17.34
N VAL D 256 17.78 -8.49 -17.93
CA VAL D 256 17.36 -8.54 -19.32
C VAL D 256 18.57 -8.80 -20.22
N VAL D 257 19.64 -8.05 -19.99
CA VAL D 257 20.87 -8.29 -20.73
C VAL D 257 21.38 -9.74 -20.54
N TRP D 258 21.47 -10.23 -19.31
CA TRP D 258 21.93 -11.63 -19.11
C TRP D 258 21.02 -12.66 -19.81
N LEU D 259 19.71 -12.48 -19.72
CA LEU D 259 18.79 -13.38 -20.42
C LEU D 259 19.02 -13.36 -21.93
N GLY D 260 19.40 -12.21 -22.46
CA GLY D 260 19.70 -12.04 -23.88
C GLY D 260 21.02 -12.69 -24.35
N SER D 261 21.79 -13.24 -23.41
CA SER D 261 23.15 -13.76 -23.71
C SER D 261 23.17 -15.25 -24.10
N ALA D 262 24.27 -15.68 -24.68
CA ALA D 262 24.50 -17.09 -25.00
C ALA D 262 24.40 -17.95 -23.74
N GLU D 263 24.86 -17.42 -22.61
CA GLU D 263 24.93 -18.20 -21.39
C GLU D 263 23.55 -18.60 -20.86
N ALA D 264 22.53 -17.83 -21.28
CA ALA D 264 21.17 -18.04 -20.77
C ALA D 264 20.37 -19.03 -21.64
N ARG D 265 21.08 -19.81 -22.47
CA ARG D 265 20.43 -20.79 -23.37
C ARG D 265 19.49 -21.78 -22.68
N ASP D 266 19.71 -22.09 -21.42
CA ASP D 266 18.89 -23.09 -20.75
C ASP D 266 17.81 -22.49 -19.86
N VAL D 267 17.61 -21.17 -19.90
CA VAL D 267 16.55 -20.52 -19.11
C VAL D 267 15.43 -20.11 -20.09
N THR D 268 14.26 -20.73 -19.94
CA THR D 268 13.12 -20.42 -20.81
C THR D 268 11.82 -20.59 -20.05
N GLY D 269 10.82 -19.77 -20.40
CA GLY D 269 9.48 -19.86 -19.77
C GLY D 269 9.44 -19.30 -18.36
N LYS D 270 10.39 -18.45 -18.00
CA LYS D 270 10.48 -17.95 -16.62
C LYS D 270 9.97 -16.52 -16.54
N VAL D 271 9.31 -16.22 -15.42
CA VAL D 271 8.89 -14.87 -15.12
C VAL D 271 9.64 -14.39 -13.86
N PHE D 272 10.40 -13.30 -14.00
CA PHE D 272 11.20 -12.77 -12.90
C PHE D 272 10.68 -11.41 -12.46
N GLU D 273 10.43 -11.27 -11.16
CA GLU D 273 10.08 -9.96 -10.59
C GLU D 273 11.34 -9.24 -10.21
N VAL D 274 11.44 -7.95 -10.55
CA VAL D 274 12.73 -7.23 -10.36
C VAL D 274 12.53 -5.85 -9.79
N GLU D 275 13.44 -5.45 -8.91
CA GLU D 275 13.51 -4.08 -8.38
C GLU D 275 14.86 -3.93 -7.73
N GLY D 276 15.60 -2.86 -8.07
CA GLY D 276 16.88 -2.59 -7.38
C GLY D 276 17.81 -3.77 -7.52
N GLY D 277 18.29 -4.29 -6.40
CA GLY D 277 19.14 -5.48 -6.41
C GLY D 277 18.38 -6.79 -6.29
N LYS D 278 17.05 -6.71 -6.30
CA LYS D 278 16.23 -7.90 -6.03
C LYS D 278 15.80 -8.59 -7.32
N ILE D 279 15.96 -9.92 -7.35
CA ILE D 279 15.37 -10.78 -8.39
C ILE D 279 14.58 -11.88 -7.69
N ARG D 280 13.30 -12.02 -8.05
CA ARG D 280 12.41 -13.03 -7.48
C ARG D 280 11.79 -13.86 -8.62
N VAL D 281 11.80 -15.18 -8.47
CA VAL D 281 11.13 -16.01 -9.44
C VAL D 281 9.63 -16.00 -9.11
N ALA D 282 8.80 -15.63 -10.09
CA ALA D 282 7.35 -15.71 -9.89
C ALA D 282 6.95 -17.15 -10.16
N GLU D 283 6.14 -17.73 -9.26
CA GLU D 283 5.74 -19.12 -9.43
C GLU D 283 4.31 -19.13 -9.95
N GLY D 284 4.12 -19.88 -11.02
CA GLY D 284 2.85 -19.91 -11.75
C GLY D 284 1.68 -20.59 -11.08
N TRP D 285 0.55 -20.54 -11.78
CA TRP D 285 -0.70 -21.09 -11.28
C TRP D 285 -0.53 -22.56 -10.94
N ALA D 286 -1.12 -22.96 -9.84
CA ALA D 286 -0.91 -24.31 -9.30
C ALA D 286 -2.22 -25.03 -9.16
N HIS D 287 -2.17 -26.35 -8.99
CA HIS D 287 -3.38 -27.10 -8.72
C HIS D 287 -3.63 -27.12 -7.21
N GLY D 288 -4.69 -26.45 -6.78
CA GLY D 288 -5.08 -26.45 -5.38
C GLY D 288 -5.93 -27.64 -5.00
N PRO D 289 -6.68 -27.52 -3.89
CA PRO D 289 -7.51 -28.63 -3.38
C PRO D 289 -8.61 -28.96 -4.38
N GLN D 290 -8.93 -30.25 -4.47
CA GLN D 290 -9.92 -30.75 -5.39
C GLN D 290 -10.83 -31.72 -4.66
N ILE D 291 -12.11 -31.72 -5.03
CA ILE D 291 -13.08 -32.69 -4.56
C ILE D 291 -13.68 -33.34 -5.79
N ASP D 292 -14.09 -34.60 -5.69
CA ASP D 292 -14.66 -35.27 -6.85
C ASP D 292 -15.89 -36.06 -6.44
N LYS D 293 -17.05 -35.65 -6.95
CA LYS D 293 -18.31 -36.35 -6.63
C LYS D 293 -18.39 -37.71 -7.36
N GLY D 294 -17.74 -37.79 -8.52
CA GLY D 294 -17.86 -38.92 -9.45
C GLY D 294 -19.26 -39.02 -10.08
N ALA D 295 -19.98 -37.91 -10.06
CA ALA D 295 -21.33 -37.80 -10.62
C ALA D 295 -21.66 -36.32 -10.72
N ARG D 296 -22.78 -35.97 -11.36
CA ARG D 296 -23.13 -34.54 -11.46
C ARG D 296 -23.51 -33.94 -10.12
N TRP D 297 -22.96 -32.77 -9.81
CA TRP D 297 -23.36 -32.03 -8.63
C TRP D 297 -24.78 -31.50 -8.73
N ASP D 298 -25.46 -31.52 -7.58
CA ASP D 298 -26.69 -30.76 -7.40
C ASP D 298 -26.18 -29.37 -6.97
N PRO D 299 -26.61 -28.29 -7.68
CA PRO D 299 -26.13 -26.96 -7.26
C PRO D 299 -26.54 -26.61 -5.83
N ALA D 300 -27.67 -27.15 -5.36
CA ALA D 300 -28.15 -26.91 -3.99
C ALA D 300 -27.21 -27.42 -2.89
N GLU D 301 -26.32 -28.34 -3.24
CA GLU D 301 -25.44 -28.99 -2.25
C GLU D 301 -24.03 -28.41 -2.19
N LEU D 302 -23.73 -27.46 -3.08
CA LEU D 302 -22.37 -26.98 -3.24
C LEU D 302 -21.83 -26.00 -2.21
N GLY D 303 -22.71 -25.38 -1.41
CA GLY D 303 -22.25 -24.43 -0.38
C GLY D 303 -21.19 -25.00 0.56
N PRO D 304 -21.51 -26.10 1.28
CA PRO D 304 -20.52 -26.73 2.19
C PRO D 304 -19.30 -27.24 1.45
N VAL D 305 -19.48 -27.68 0.20
CA VAL D 305 -18.40 -28.21 -0.66
C VAL D 305 -17.37 -27.14 -1.04
N VAL D 306 -17.87 -26.01 -1.55
CA VAL D 306 -17.00 -24.87 -1.86
C VAL D 306 -16.34 -24.32 -0.59
N ALA D 307 -17.12 -24.22 0.49
CA ALA D 307 -16.56 -23.79 1.78
C ALA D 307 -15.38 -24.66 2.22
N ASP D 308 -15.53 -26.00 2.15
CA ASP D 308 -14.45 -26.92 2.53
CA ASP D 308 -14.44 -26.95 2.48
C ASP D 308 -13.21 -26.72 1.63
N LEU D 309 -13.43 -26.58 0.32
CA LEU D 309 -12.32 -26.44 -0.62
C LEU D 309 -11.50 -25.20 -0.34
N LEU D 310 -12.21 -24.08 -0.23
CA LEU D 310 -11.55 -22.79 -0.02
C LEU D 310 -10.81 -22.79 1.31
N GLY D 311 -11.39 -23.50 2.29
CA GLY D 311 -10.74 -23.65 3.60
C GLY D 311 -9.39 -24.37 3.54
N LYS D 312 -9.16 -25.16 2.49
CA LYS D 312 -7.91 -25.91 2.34
C LYS D 312 -6.94 -25.24 1.37
N ALA D 313 -7.40 -24.19 0.69
CA ALA D 313 -6.59 -23.57 -0.34
C ALA D 313 -5.56 -22.62 0.27
N ARG D 314 -4.43 -22.46 -0.40
CA ARG D 314 -3.43 -21.47 0.02
C ARG D 314 -4.00 -20.05 -0.19
N PRO D 315 -3.85 -19.16 0.81
CA PRO D 315 -4.36 -17.81 0.58
C PRO D 315 -3.70 -17.14 -0.64
N PRO D 316 -4.51 -16.43 -1.44
CA PRO D 316 -3.93 -15.70 -2.58
C PRO D 316 -2.95 -14.61 -2.16
N VAL D 317 -1.95 -14.34 -2.99
CA VAL D 317 -1.22 -13.08 -2.89
C VAL D 317 -2.25 -12.03 -3.31
N PRO D 318 -2.43 -10.97 -2.50
CA PRO D 318 -3.56 -10.07 -2.75
C PRO D 318 -3.39 -9.24 -4.00
N VAL D 319 -4.51 -8.72 -4.48
CA VAL D 319 -4.51 -7.79 -5.61
C VAL D 319 -3.78 -6.49 -5.21
N TYR D 320 -2.92 -5.99 -6.09
CA TYR D 320 -2.24 -4.72 -5.84
C TYR D 320 -3.27 -3.62 -5.70
N GLY D 321 -3.11 -2.79 -4.68
CA GLY D 321 -4.06 -1.66 -4.49
C GLY D 321 -5.39 -1.98 -3.84
N ALA D 322 -5.56 -3.22 -3.38
CA ALA D 322 -6.78 -3.61 -2.70
C ALA D 322 -6.74 -3.15 -1.24
N GLY E 23 27.41 -16.66 16.98
CA GLY E 23 26.04 -17.22 17.21
C GLY E 23 25.00 -16.12 17.38
N VAL E 24 23.80 -16.36 16.86
CA VAL E 24 22.72 -15.37 16.83
C VAL E 24 22.26 -14.88 18.21
N VAL E 25 22.37 -15.74 19.22
CA VAL E 25 22.00 -15.37 20.60
C VAL E 25 23.14 -15.63 21.58
N ASP E 26 24.38 -15.50 21.10
CA ASP E 26 25.55 -15.78 21.92
C ASP E 26 25.54 -15.08 23.27
N GLY E 27 25.74 -15.85 24.34
CA GLY E 27 25.80 -15.30 25.69
C GLY E 27 24.44 -15.06 26.35
N ARG E 28 23.38 -15.05 25.55
CA ARG E 28 22.05 -14.78 26.09
C ARG E 28 21.48 -15.95 26.89
N VAL E 29 20.81 -15.65 27.99
CA VAL E 29 20.23 -16.67 28.87
C VAL E 29 18.75 -16.87 28.53
N VAL E 30 18.41 -18.10 28.13
CA VAL E 30 17.06 -18.43 27.65
C VAL E 30 16.40 -19.49 28.53
N ILE E 31 15.15 -19.24 28.93
CA ILE E 31 14.30 -20.27 29.53
C ILE E 31 13.36 -20.79 28.44
N VAL E 32 13.27 -22.12 28.29
CA VAL E 32 12.21 -22.74 27.50
C VAL E 32 11.36 -23.66 28.38
N THR E 33 10.05 -23.39 28.48
CA THR E 33 9.17 -24.23 29.31
C THR E 33 8.68 -25.48 28.51
N GLY E 34 8.48 -26.60 29.20
CA GLY E 34 8.07 -27.85 28.57
C GLY E 34 9.07 -28.28 27.49
N ALA E 35 10.36 -28.19 27.79
CA ALA E 35 11.37 -28.40 26.77
C ALA E 35 11.99 -29.80 26.78
N GLY E 36 11.35 -30.74 27.46
CA GLY E 36 11.89 -32.09 27.53
C GLY E 36 11.61 -32.92 26.28
N GLY E 37 10.74 -32.44 25.39
CA GLY E 37 10.36 -33.22 24.20
C GLY E 37 9.70 -32.29 23.20
N GLY E 38 9.49 -32.79 21.99
CA GLY E 38 8.71 -32.03 21.01
C GLY E 38 9.28 -30.69 20.61
N ILE E 39 8.38 -29.77 20.32
CA ILE E 39 8.79 -28.48 19.81
C ILE E 39 9.59 -27.67 20.86
N GLY E 40 9.26 -27.89 22.13
CA GLY E 40 10.03 -27.26 23.20
C GLY E 40 11.49 -27.71 23.18
N ARG E 41 11.71 -29.03 23.08
CA ARG E 41 13.07 -29.55 22.89
C ARG E 41 13.75 -28.93 21.67
N ALA E 42 13.02 -28.85 20.55
CA ALA E 42 13.58 -28.20 19.36
C ALA E 42 14.06 -26.78 19.65
N HIS E 43 13.23 -25.98 20.36
CA HIS E 43 13.61 -24.59 20.70
C HIS E 43 14.89 -24.57 21.54
N ALA E 44 14.92 -25.41 22.56
CA ALA E 44 16.06 -25.44 23.48
C ALA E 44 17.38 -25.78 22.73
N LEU E 45 17.32 -26.78 21.85
CA LEU E 45 18.48 -27.18 21.06
C LEU E 45 18.89 -26.08 20.08
N ALA E 46 17.89 -25.44 19.46
CA ALA E 46 18.11 -24.38 18.47
C ALA E 46 18.79 -23.17 19.10
N PHE E 47 18.32 -22.78 20.29
CA PHE E 47 18.94 -21.67 21.05
C PHE E 47 20.38 -21.98 21.44
N ALA E 48 20.63 -23.19 21.93
CA ALA E 48 21.99 -23.52 22.39
C ALA E 48 22.98 -23.62 21.22
N ALA E 49 22.45 -24.02 20.06
CA ALA E 49 23.23 -24.09 18.82
C ALA E 49 23.66 -22.71 18.33
N GLU E 50 22.91 -21.68 18.72
CA GLU E 50 23.22 -20.31 18.35
C GLU E 50 23.83 -19.55 19.53
N GLY E 51 24.36 -20.31 20.47
CA GLY E 51 25.20 -19.77 21.52
C GLY E 51 24.54 -19.40 22.84
N ALA E 52 23.27 -19.77 23.05
CA ALA E 52 22.59 -19.38 24.28
C ALA E 52 22.89 -20.33 25.44
N ARG E 53 22.79 -19.82 26.66
CA ARG E 53 22.85 -20.66 27.85
C ARG E 53 21.40 -20.95 28.22
N VAL E 54 21.03 -22.23 28.23
CA VAL E 54 19.61 -22.60 28.23
C VAL E 54 19.15 -23.21 29.55
N VAL E 55 18.02 -22.73 30.07
CA VAL E 55 17.37 -23.43 31.17
C VAL E 55 16.28 -24.30 30.55
N VAL E 56 16.48 -25.61 30.61
CA VAL E 56 15.58 -26.61 30.03
C VAL E 56 14.57 -26.95 31.11
N ASN E 57 13.37 -26.37 31.00
CA ASN E 57 12.34 -26.55 32.03
C ASN E 57 11.38 -27.63 31.59
N ASP E 58 11.18 -28.64 32.43
CA ASP E 58 10.23 -29.69 32.10
C ASP E 58 9.90 -30.40 33.40
N ILE E 59 8.63 -30.75 33.60
CA ILE E 59 8.27 -31.43 34.84
C ILE E 59 8.50 -32.95 34.86
N GLY E 60 8.81 -33.55 33.71
CA GLY E 60 9.05 -35.00 33.66
C GLY E 60 10.03 -35.43 34.75
N VAL E 61 9.68 -36.49 35.47
CA VAL E 61 10.55 -36.96 36.56
C VAL E 61 11.76 -37.77 36.08
N GLY E 62 12.82 -37.72 36.90
CA GLY E 62 13.97 -38.56 36.69
C GLY E 62 13.88 -39.88 37.43
N LEU E 63 15.00 -40.60 37.43
CA LEU E 63 15.00 -41.94 37.98
C LEU E 63 14.78 -41.99 39.50
N ASP E 64 15.02 -40.89 40.20
CA ASP E 64 14.73 -40.81 41.65
C ASP E 64 13.27 -40.40 41.95
N GLY E 65 12.49 -40.16 40.90
CA GLY E 65 11.09 -39.73 41.05
C GLY E 65 10.84 -38.23 41.19
N SER E 66 11.91 -37.42 41.14
CA SER E 66 11.74 -35.97 41.22
CA SER E 66 11.81 -35.96 41.24
C SER E 66 11.84 -35.27 39.86
N PRO E 67 11.15 -34.12 39.71
CA PRO E 67 11.13 -33.41 38.41
C PRO E 67 12.51 -33.01 37.94
N ALA E 68 12.78 -33.28 36.67
CA ALA E 68 13.98 -32.81 35.97
C ALA E 68 15.33 -33.29 36.53
N SER E 69 15.34 -34.39 37.28
CA SER E 69 16.59 -34.90 37.87
C SER E 69 17.31 -35.84 36.88
N GLY E 70 18.33 -36.57 37.35
CA GLY E 70 19.01 -37.50 36.43
C GLY E 70 18.07 -38.52 35.82
N GLY E 71 18.22 -38.76 34.51
CA GLY E 71 17.35 -39.71 33.79
C GLY E 71 16.02 -39.10 33.30
N SER E 72 15.84 -37.80 33.53
CA SER E 72 14.59 -37.11 33.14
C SER E 72 14.66 -36.61 31.70
N ALA E 73 13.48 -36.29 31.15
CA ALA E 73 13.41 -35.57 29.86
C ALA E 73 14.29 -34.31 29.83
N ALA E 74 14.16 -33.43 30.84
CA ALA E 74 14.93 -32.19 30.86
C ALA E 74 16.43 -32.48 30.83
N GLN E 75 16.88 -33.40 31.68
CA GLN E 75 18.30 -33.71 31.76
C GLN E 75 18.79 -34.36 30.46
N SER E 76 17.94 -35.15 29.81
CA SER E 76 18.31 -35.73 28.52
C SER E 76 18.63 -34.63 27.49
N VAL E 77 17.78 -33.62 27.46
CA VAL E 77 18.00 -32.45 26.60
C VAL E 77 19.23 -31.63 27.04
N VAL E 78 19.40 -31.42 28.35
CA VAL E 78 20.62 -30.74 28.84
C VAL E 78 21.84 -31.49 28.30
N ASP E 79 21.81 -32.81 28.41
CA ASP E 79 22.91 -33.66 27.93
C ASP E 79 23.18 -33.52 26.42
N GLU E 80 22.13 -33.44 25.60
CA GLU E 80 22.30 -33.19 24.17
C GLU E 80 23.01 -31.88 23.94
N ILE E 81 22.58 -30.84 24.65
CA ILE E 81 23.17 -29.52 24.53
C ILE E 81 24.65 -29.52 24.92
N THR E 82 24.97 -30.17 26.04
CA THR E 82 26.36 -30.27 26.50
C THR E 82 27.22 -31.05 25.50
N ALA E 83 26.70 -32.19 25.04
CA ALA E 83 27.42 -33.05 24.10
C ALA E 83 27.76 -32.25 22.84
N ALA E 84 26.84 -31.35 22.45
CA ALA E 84 26.97 -30.58 21.22
C ALA E 84 27.82 -29.33 21.43
N GLY E 85 28.45 -29.23 22.61
CA GLY E 85 29.31 -28.10 22.93
C GLY E 85 28.66 -26.88 23.59
N GLY E 86 27.38 -27.01 24.01
CA GLY E 86 26.66 -25.91 24.66
C GLY E 86 26.62 -25.92 26.19
N GLU E 87 25.92 -24.93 26.75
CA GLU E 87 25.70 -24.85 28.19
C GLU E 87 24.20 -24.88 28.46
N ALA E 88 23.77 -25.72 29.39
CA ALA E 88 22.36 -25.79 29.78
C ALA E 88 22.22 -26.34 31.19
N VAL E 89 21.08 -26.05 31.82
CA VAL E 89 20.75 -26.63 33.11
C VAL E 89 19.29 -27.06 33.10
N ALA E 90 18.99 -28.13 33.85
CA ALA E 90 17.62 -28.64 33.94
C ALA E 90 16.87 -27.99 35.09
N ASP E 91 15.57 -27.75 34.89
CA ASP E 91 14.73 -27.19 35.93
C ASP E 91 13.36 -27.84 35.90
N GLY E 92 12.81 -28.17 37.06
CA GLY E 92 11.59 -29.01 37.13
C GLY E 92 10.32 -28.27 37.54
N SER E 93 10.38 -26.95 37.54
CA SER E 93 9.24 -26.10 37.92
C SER E 93 8.00 -26.39 37.10
N ASN E 94 6.87 -26.46 37.79
CA ASN E 94 5.54 -26.53 37.16
C ASN E 94 5.02 -25.10 37.01
N VAL E 95 5.01 -24.56 35.78
CA VAL E 95 4.72 -23.15 35.60
C VAL E 95 3.27 -22.74 35.91
N ALA E 96 2.37 -23.71 36.01
CA ALA E 96 0.99 -23.47 36.44
C ALA E 96 0.94 -23.19 37.94
N ASP E 97 2.03 -23.48 38.64
CA ASP E 97 2.16 -23.14 40.04
C ASP E 97 2.91 -21.80 40.11
N TRP E 98 2.23 -20.80 40.69
CA TRP E 98 2.69 -19.40 40.64
C TRP E 98 4.04 -19.23 41.29
N ASP E 99 4.23 -19.85 42.44
CA ASP E 99 5.50 -19.76 43.17
C ASP E 99 6.61 -20.54 42.44
N GLN E 100 6.27 -21.67 41.82
CA GLN E 100 7.29 -22.39 41.04
C GLN E 100 7.71 -21.62 39.80
N ALA E 101 6.74 -20.94 39.18
CA ALA E 101 7.07 -20.09 38.01
C ALA E 101 8.06 -19.02 38.46
N ALA E 102 7.86 -18.46 39.67
CA ALA E 102 8.80 -17.46 40.19
C ALA E 102 10.20 -18.07 40.37
N GLY E 103 10.23 -19.30 40.87
CA GLY E 103 11.49 -20.03 41.11
C GLY E 103 12.24 -20.37 39.83
N LEU E 104 11.50 -20.64 38.75
CA LEU E 104 12.09 -20.82 37.43
C LEU E 104 12.88 -19.59 36.97
N ILE E 105 12.30 -18.40 37.14
CA ILE E 105 13.03 -17.18 36.82
C ILE E 105 14.35 -17.11 37.63
N GLN E 106 14.27 -17.47 38.91
CA GLN E 106 15.44 -17.42 39.80
C GLN E 106 16.53 -18.44 39.44
N THR E 107 16.13 -19.61 38.95
CA THR E 107 17.06 -20.60 38.43
C THR E 107 17.96 -20.02 37.34
N ALA E 108 17.37 -19.31 36.37
CA ALA E 108 18.16 -18.64 35.33
C ALA E 108 19.16 -17.64 35.94
N VAL E 109 18.63 -16.75 36.78
CA VAL E 109 19.42 -15.67 37.35
C VAL E 109 20.60 -16.22 38.17
N GLU E 110 20.32 -17.18 39.03
CA GLU E 110 21.34 -17.80 39.89
C GLU E 110 22.38 -18.66 39.14
N THR E 111 21.94 -19.37 38.10
CA THR E 111 22.80 -20.27 37.37
C THR E 111 23.68 -19.52 36.37
N PHE E 112 23.05 -18.63 35.62
CA PHE E 112 23.73 -17.97 34.53
C PHE E 112 23.95 -16.48 34.75
N GLY E 113 23.42 -15.95 35.86
CA GLY E 113 23.70 -14.55 36.21
C GLY E 113 22.74 -13.53 35.64
N GLY E 114 21.68 -13.99 34.98
CA GLY E 114 20.67 -13.07 34.44
C GLY E 114 19.63 -13.81 33.62
N LEU E 115 18.80 -13.07 32.89
CA LEU E 115 17.78 -13.65 31.99
C LEU E 115 17.54 -12.71 30.82
N ASP E 116 17.54 -13.27 29.61
CA ASP E 116 17.34 -12.47 28.41
C ASP E 116 16.09 -12.87 27.63
N VAL E 117 15.75 -14.17 27.66
CA VAL E 117 14.67 -14.66 26.81
C VAL E 117 13.84 -15.68 27.61
N LEU E 118 12.52 -15.46 27.63
CA LEU E 118 11.55 -16.44 28.12
C LEU E 118 10.71 -16.98 26.95
N VAL E 119 10.75 -18.29 26.75
CA VAL E 119 9.92 -18.99 25.74
C VAL E 119 8.88 -19.82 26.46
N ASN E 120 7.61 -19.40 26.37
CA ASN E 120 6.52 -20.15 26.99
C ASN E 120 6.02 -21.15 25.95
N ASN E 121 6.20 -22.43 26.24
CA ASN E 121 5.86 -23.53 25.34
C ASN E 121 4.99 -24.61 25.98
N ALA E 122 5.08 -24.79 27.30
CA ALA E 122 4.41 -25.94 27.92
C ALA E 122 2.91 -25.95 27.64
N GLY E 123 2.39 -27.11 27.20
CA GLY E 123 0.99 -27.22 26.84
C GLY E 123 0.45 -28.65 26.85
N ILE E 124 -0.87 -28.77 27.07
CA ILE E 124 -1.60 -30.03 27.05
C ILE E 124 -2.89 -29.84 26.26
N VAL E 125 -3.53 -30.95 25.89
CA VAL E 125 -4.88 -30.87 25.32
C VAL E 125 -5.77 -31.81 26.12
N ARG E 126 -7.03 -31.41 26.28
CA ARG E 126 -8.06 -32.31 26.82
C ARG E 126 -9.29 -32.04 25.95
N ASP E 127 -9.24 -32.53 24.73
CA ASP E 127 -10.27 -32.17 23.72
C ASP E 127 -11.66 -32.70 24.02
N ARG E 128 -12.67 -31.81 23.90
CA ARG E 128 -14.09 -32.17 23.98
C ARG E 128 -14.86 -31.02 23.31
N MET E 129 -16.04 -31.33 22.78
CA MET E 129 -17.01 -30.28 22.47
C MET E 129 -17.37 -29.53 23.75
N ILE E 130 -17.69 -28.24 23.61
CA ILE E 130 -18.06 -27.44 24.79
C ILE E 130 -19.13 -28.14 25.64
N ALA E 131 -20.21 -28.58 24.99
CA ALA E 131 -21.31 -29.28 25.67
C ALA E 131 -20.91 -30.52 26.47
N ASN E 132 -19.75 -31.09 26.11
CA ASN E 132 -19.26 -32.34 26.71
C ASN E 132 -18.01 -32.16 27.59
N THR E 133 -17.61 -30.91 27.85
CA THR E 133 -16.38 -30.61 28.60
C THR E 133 -16.62 -30.69 30.10
N SER E 134 -15.77 -31.43 30.79
CA SER E 134 -15.92 -31.51 32.25
C SER E 134 -15.20 -30.33 32.91
N GLU E 135 -15.49 -30.07 34.19
CA GLU E 135 -14.79 -28.99 34.88
C GLU E 135 -13.25 -29.20 34.88
N GLU E 136 -12.81 -30.45 35.14
CA GLU E 136 -11.37 -30.78 35.16
C GLU E 136 -10.70 -30.51 33.82
N GLU E 137 -11.39 -30.83 32.73
CA GLU E 137 -10.84 -30.65 31.37
C GLU E 137 -10.70 -29.19 31.05
N PHE E 138 -11.65 -28.39 31.50
CA PHE E 138 -11.47 -26.93 31.36
C PHE E 138 -10.32 -26.41 32.21
N ASP E 139 -10.35 -26.76 33.49
CA ASP E 139 -9.39 -26.23 34.45
C ASP E 139 -7.96 -26.60 34.06
N ALA E 140 -7.73 -27.84 33.66
CA ALA E 140 -6.36 -28.30 33.36
C ALA E 140 -5.75 -27.55 32.20
N VAL E 141 -6.53 -27.36 31.13
CA VAL E 141 -6.03 -26.67 29.94
C VAL E 141 -5.75 -25.19 30.20
N ILE E 142 -6.68 -24.53 30.88
CA ILE E 142 -6.49 -23.12 31.28
C ILE E 142 -5.25 -22.96 32.17
N ALA E 143 -5.08 -23.86 33.14
CA ALA E 143 -3.97 -23.76 34.10
C ALA E 143 -2.62 -23.89 33.40
N VAL E 144 -2.45 -24.92 32.59
CA VAL E 144 -1.15 -25.14 31.97
C VAL E 144 -0.82 -24.06 30.96
N HIS E 145 -1.77 -23.75 30.08
CA HIS E 145 -1.53 -22.78 29.02
C HIS E 145 -1.60 -21.35 29.52
N LEU E 146 -2.77 -20.95 30.01
CA LEU E 146 -2.97 -19.50 30.26
C LEU E 146 -2.34 -19.06 31.58
N LYS E 147 -2.61 -19.78 32.65
CA LYS E 147 -1.96 -19.44 33.92
C LYS E 147 -0.44 -19.62 33.83
N GLY E 148 0.02 -20.70 33.20
CA GLY E 148 1.47 -20.90 33.08
C GLY E 148 2.17 -19.80 32.30
N HIS E 149 1.60 -19.42 31.16
CA HIS E 149 2.12 -18.28 30.40
C HIS E 149 2.09 -17.01 31.26
N PHE E 150 0.97 -16.74 31.94
CA PHE E 150 0.83 -15.49 32.67
C PHE E 150 1.81 -15.45 33.84
N ALA E 151 1.93 -16.57 34.55
CA ALA E 151 2.79 -16.59 35.73
C ALA E 151 4.26 -16.28 35.37
N THR E 152 4.79 -16.92 34.34
CA THR E 152 6.18 -16.67 33.94
C THR E 152 6.36 -15.27 33.40
N MET E 153 5.37 -14.76 32.67
CA MET E 153 5.46 -13.36 32.20
C MET E 153 5.49 -12.40 33.40
N ARG E 154 4.64 -12.66 34.39
CA ARG E 154 4.54 -11.80 35.57
C ARG E 154 5.87 -11.76 36.30
N HIS E 155 6.48 -12.92 36.50
CA HIS E 155 7.74 -12.98 37.26
C HIS E 155 8.95 -12.50 36.45
N ALA E 156 8.97 -12.82 35.15
CA ALA E 156 10.05 -12.31 34.30
C ALA E 156 9.97 -10.79 34.14
N ALA E 157 8.75 -10.25 33.99
CA ALA E 157 8.56 -8.80 33.89
C ALA E 157 8.96 -8.06 35.18
N ALA E 158 8.61 -8.62 36.33
CA ALA E 158 8.97 -7.99 37.61
C ALA E 158 10.51 -7.90 37.74
N TYR E 159 11.18 -8.93 37.27
CA TYR E 159 12.64 -9.01 37.31
C TYR E 159 13.29 -7.97 36.37
N TRP E 160 12.87 -7.96 35.12
CA TRP E 160 13.33 -6.95 34.16
C TRP E 160 13.00 -5.51 34.55
N ARG E 161 11.81 -5.28 35.10
CA ARG E 161 11.43 -3.93 35.56
C ARG E 161 12.34 -3.49 36.70
N GLY E 162 12.60 -4.43 37.61
CA GLY E 162 13.51 -4.16 38.75
C GLY E 162 14.92 -3.79 38.31
N LEU E 163 15.44 -4.47 37.28
CA LEU E 163 16.76 -4.12 36.72
C LEU E 163 16.72 -2.75 36.06
N SER E 164 15.73 -2.53 35.21
CA SER E 164 15.55 -1.22 34.59
C SER E 164 15.47 -0.08 35.60
N LYS E 165 14.77 -0.31 36.72
CA LYS E 165 14.68 0.69 37.82
C LYS E 165 16.02 0.93 38.52
N ALA E 166 16.86 -0.11 38.55
CA ALA E 166 18.20 0.01 39.15
C ALA E 166 19.24 0.60 38.20
N GLY E 167 18.83 0.93 36.97
CA GLY E 167 19.73 1.52 35.98
C GLY E 167 20.58 0.52 35.19
N LYS E 168 20.23 -0.77 35.28
CA LYS E 168 21.00 -1.84 34.64
C LYS E 168 20.45 -2.17 33.25
N ALA E 169 21.25 -2.89 32.45
CA ALA E 169 20.90 -3.21 31.07
C ALA E 169 19.74 -4.20 31.00
N VAL E 170 18.78 -3.88 30.13
CA VAL E 170 17.73 -4.85 29.76
C VAL E 170 17.51 -4.86 28.24
N ASP E 171 17.65 -6.04 27.64
CA ASP E 171 17.28 -6.24 26.24
C ASP E 171 16.54 -7.58 26.20
N GLY E 172 15.34 -7.57 26.82
CA GLY E 172 14.56 -8.78 27.11
C GLY E 172 13.58 -9.19 26.02
N ARG E 173 13.18 -10.46 26.06
CA ARG E 173 12.38 -11.08 25.00
C ARG E 173 11.45 -12.09 25.63
N ILE E 174 10.16 -11.98 25.32
CA ILE E 174 9.23 -13.05 25.70
C ILE E 174 8.64 -13.57 24.41
N ILE E 175 8.70 -14.88 24.18
CA ILE E 175 8.05 -15.45 23.03
C ILE E 175 7.04 -16.48 23.55
N ASN E 176 5.76 -16.19 23.32
CA ASN E 176 4.64 -17.04 23.74
C ASN E 176 4.19 -17.97 22.63
N THR E 177 3.46 -19.02 23.00
CA THR E 177 2.95 -20.00 22.03
C THR E 177 1.42 -19.93 22.04
N SER E 178 0.88 -19.26 21.03
CA SER E 178 -0.56 -19.27 20.79
C SER E 178 -0.84 -20.39 19.77
N SER E 179 -1.95 -20.28 19.03
CA SER E 179 -2.33 -21.30 18.05
C SER E 179 -3.38 -20.69 17.13
N GLY E 180 -3.53 -21.25 15.94
CA GLY E 180 -4.69 -20.90 15.11
C GLY E 180 -5.98 -21.11 15.92
N ALA E 181 -5.96 -22.08 16.84
CA ALA E 181 -7.11 -22.35 17.67
C ALA E 181 -7.50 -21.11 18.45
N GLY E 182 -6.49 -20.37 18.92
CA GLY E 182 -6.75 -19.16 19.69
C GLY E 182 -7.23 -18.02 18.80
N LEU E 183 -6.84 -18.05 17.52
CA LEU E 183 -7.11 -16.91 16.62
C LEU E 183 -8.48 -17.05 15.98
N GLN E 184 -8.75 -18.22 15.43
CA GLN E 184 -10.01 -18.46 14.73
C GLN E 184 -10.90 -19.48 15.40
N GLY E 185 -10.41 -20.10 16.46
CA GLY E 185 -11.15 -21.18 17.13
C GLY E 185 -10.89 -22.54 16.50
N SER E 186 -11.12 -23.61 17.26
CA SER E 186 -10.96 -24.97 16.74
C SER E 186 -12.04 -25.85 17.34
N VAL E 187 -12.85 -26.48 16.48
CA VAL E 187 -13.98 -27.31 16.89
C VAL E 187 -13.49 -28.50 17.73
N GLY E 188 -14.20 -28.78 18.81
CA GLY E 188 -13.78 -29.93 19.67
C GLY E 188 -12.65 -29.54 20.62
N GLN E 189 -12.20 -28.28 20.57
CA GLN E 189 -11.08 -27.80 21.41
C GLN E 189 -11.36 -26.41 21.98
N GLY E 190 -12.61 -26.15 22.40
CA GLY E 190 -12.97 -24.81 22.95
C GLY E 190 -12.11 -24.43 24.15
N ASN E 191 -11.84 -25.38 25.05
CA ASN E 191 -10.93 -25.09 26.19
C ASN E 191 -9.55 -24.59 25.75
N TYR E 192 -8.92 -25.34 24.85
CA TYR E 192 -7.63 -25.01 24.26
C TYR E 192 -7.67 -23.68 23.49
N SER E 193 -8.73 -23.49 22.70
CA SER E 193 -8.94 -22.28 21.88
C SER E 193 -9.00 -21.04 22.78
N ALA E 194 -9.76 -21.14 23.86
CA ALA E 194 -9.89 -20.02 24.79
C ALA E 194 -8.56 -19.71 25.46
N ALA E 195 -7.84 -20.75 25.90
CA ALA E 195 -6.53 -20.51 26.49
C ALA E 195 -5.56 -19.87 25.49
N LYS E 196 -5.49 -20.39 24.26
CA LYS E 196 -4.57 -19.83 23.27
C LYS E 196 -4.98 -18.42 22.83
N ALA E 197 -6.29 -18.14 22.86
CA ALA E 197 -6.79 -16.77 22.63
C ALA E 197 -6.33 -15.80 23.72
N GLY E 198 -6.45 -16.23 24.97
CA GLY E 198 -5.96 -15.42 26.07
C GLY E 198 -4.48 -15.14 25.93
N ILE E 199 -3.72 -16.14 25.46
CA ILE E 199 -2.27 -15.94 25.25
C ILE E 199 -1.99 -14.92 24.14
N ALA E 200 -2.74 -14.99 23.03
CA ALA E 200 -2.55 -14.04 21.92
C ALA E 200 -2.74 -12.61 22.44
N THR E 201 -3.85 -12.36 23.15
CA THR E 201 -4.10 -11.00 23.66
C THR E 201 -3.13 -10.60 24.78
N LEU E 202 -2.76 -11.55 25.62
CA LEU E 202 -1.77 -11.27 26.64
C LEU E 202 -0.43 -10.83 26.02
N THR E 203 -0.11 -11.43 24.86
CA THR E 203 1.05 -11.02 24.06
C THR E 203 0.95 -9.53 23.68
N LEU E 204 -0.21 -9.12 23.17
CA LEU E 204 -0.43 -7.69 22.83
C LEU E 204 -0.23 -6.74 24.02
N VAL E 205 -0.81 -7.11 25.16
CA VAL E 205 -0.75 -6.28 26.37
C VAL E 205 0.70 -6.24 26.87
N GLY E 206 1.33 -7.42 26.97
CA GLY E 206 2.75 -7.53 27.38
C GLY E 206 3.65 -6.60 26.58
N ALA E 207 3.52 -6.65 25.26
CA ALA E 207 4.32 -5.78 24.36
C ALA E 207 4.15 -4.29 24.68
N ALA E 208 2.90 -3.92 24.93
CA ALA E 208 2.53 -2.53 25.22
C ALA E 208 3.08 -2.07 26.57
N GLU E 209 3.00 -2.94 27.57
CA GLU E 209 3.45 -2.61 28.92
C GLU E 209 4.97 -2.64 29.14
N MET E 210 5.64 -3.62 28.56
CA MET E 210 7.03 -3.97 28.93
C MET E 210 8.08 -3.36 28.02
N GLY E 211 7.62 -2.76 26.93
CA GLY E 211 8.48 -2.03 26.01
C GLY E 211 9.21 -0.93 26.74
N ARG E 212 8.49 -0.30 27.67
CA ARG E 212 9.00 0.78 28.51
C ARG E 212 10.29 0.41 29.21
N TYR E 213 10.43 -0.86 29.58
CA TYR E 213 11.67 -1.27 30.24
C TYR E 213 12.51 -2.29 29.50
N GLY E 214 12.46 -2.25 28.17
CA GLY E 214 13.43 -2.95 27.33
C GLY E 214 13.10 -4.37 26.93
N VAL E 215 11.82 -4.73 27.01
CA VAL E 215 11.37 -6.11 26.74
C VAL E 215 10.37 -6.15 25.59
N THR E 216 10.63 -7.03 24.60
CA THR E 216 9.65 -7.29 23.55
C THR E 216 8.84 -8.53 23.87
N VAL E 217 7.60 -8.56 23.36
CA VAL E 217 6.70 -9.68 23.62
C VAL E 217 6.02 -10.06 22.32
N ASN E 218 6.27 -11.29 21.86
CA ASN E 218 5.74 -11.78 20.58
C ASN E 218 5.19 -13.17 20.78
N ALA E 219 4.45 -13.66 19.80
CA ALA E 219 3.94 -15.05 19.88
C ALA E 219 4.09 -15.77 18.58
N ILE E 220 4.20 -17.10 18.65
CA ILE E 220 4.11 -17.93 17.46
C ILE E 220 2.85 -18.78 17.48
N ALA E 221 2.33 -19.07 16.29
CA ALA E 221 1.21 -20.00 16.15
C ALA E 221 1.67 -21.09 15.18
N PRO E 222 2.27 -22.18 15.73
CA PRO E 222 2.87 -23.19 14.90
C PRO E 222 1.79 -24.03 14.24
N SER E 223 2.00 -24.49 13.02
CA SER E 223 0.86 -24.88 12.15
C SER E 223 0.09 -26.11 12.65
N ALA E 224 -1.16 -26.28 12.18
CA ALA E 224 -1.92 -27.51 12.45
C ALA E 224 -1.15 -28.79 12.08
N ARG E 225 -0.56 -28.79 10.89
CA ARG E 225 0.18 -29.97 10.41
C ARG E 225 1.61 -30.12 10.96
N THR E 226 2.14 -29.12 11.66
CA THR E 226 3.40 -29.29 12.43
C THR E 226 3.28 -30.38 13.53
N ARG E 227 4.15 -31.39 13.48
CA ARG E 227 3.83 -32.62 14.26
C ARG E 227 4.40 -32.58 15.67
N MET E 228 3.97 -33.54 16.52
CA MET E 228 4.26 -33.55 17.97
C MET E 228 5.75 -33.77 18.31
N THR E 229 6.37 -34.74 17.65
CA THR E 229 7.70 -35.20 18.00
C THR E 229 8.74 -34.76 16.97
N GLU E 230 9.95 -34.44 17.46
CA GLU E 230 11.07 -34.12 16.57
C GLU E 230 11.48 -35.27 15.65
N THR E 231 12.12 -34.93 14.52
CA THR E 231 12.90 -35.88 13.68
C THR E 231 12.32 -36.09 12.30
N PHE E 244 11.78 -31.94 1.40
CA PHE E 244 11.72 -31.18 2.66
C PHE E 244 10.53 -31.66 3.49
N ASP E 245 10.79 -32.01 4.75
CA ASP E 245 9.77 -32.42 5.68
C ASP E 245 9.28 -31.18 6.36
N ALA E 246 8.26 -30.54 5.78
CA ALA E 246 7.79 -29.23 6.26
C ALA E 246 7.26 -29.30 7.69
N MET E 247 6.66 -30.45 8.03
CA MET E 247 5.99 -30.59 9.30
C MET E 247 6.88 -30.87 10.53
N ALA E 248 8.19 -31.02 10.36
CA ALA E 248 9.07 -31.27 11.51
C ALA E 248 9.07 -30.03 12.44
N PRO E 249 8.88 -30.24 13.76
CA PRO E 249 8.80 -29.08 14.65
C PRO E 249 10.09 -28.21 14.71
N GLU E 250 11.24 -28.80 14.37
CA GLU E 250 12.51 -28.08 14.31
C GLU E 250 12.45 -26.91 13.30
N ASN E 251 11.49 -26.97 12.36
CA ASN E 251 11.29 -25.88 11.37
C ASN E 251 10.73 -24.59 11.99
N VAL E 252 10.07 -24.72 13.13
CA VAL E 252 9.52 -23.55 13.82
C VAL E 252 10.58 -22.76 14.60
N SER E 253 11.57 -23.46 15.15
CA SER E 253 12.50 -22.85 16.07
C SER E 253 13.30 -21.65 15.55
N PRO E 254 13.69 -21.65 14.25
CA PRO E 254 14.55 -20.54 13.78
C PRO E 254 14.00 -19.13 14.04
N LEU E 255 12.70 -18.93 13.82
CA LEU E 255 12.07 -17.65 14.13
C LEU E 255 12.11 -17.32 15.62
N VAL E 256 11.76 -18.30 16.46
CA VAL E 256 11.84 -18.10 17.91
C VAL E 256 13.24 -17.64 18.31
N VAL E 257 14.27 -18.31 17.78
CA VAL E 257 15.66 -17.92 18.08
C VAL E 257 15.95 -16.48 17.60
N TRP E 258 15.52 -16.14 16.39
CA TRP E 258 15.73 -14.78 15.90
C TRP E 258 15.01 -13.73 16.76
N LEU E 259 13.75 -14.00 17.11
CA LEU E 259 13.01 -13.10 18.01
C LEU E 259 13.73 -12.85 19.34
N GLY E 260 14.45 -13.85 19.84
CA GLY E 260 15.18 -13.72 21.10
C GLY E 260 16.52 -13.01 20.91
N SER E 261 16.87 -12.69 19.67
CA SER E 261 18.16 -12.01 19.38
C SER E 261 18.11 -10.50 19.61
N ALA E 262 19.30 -9.91 19.85
CA ALA E 262 19.43 -8.46 20.00
C ALA E 262 18.88 -7.71 18.79
N GLU E 263 19.10 -8.25 17.60
CA GLU E 263 18.62 -7.65 16.34
C GLU E 263 17.08 -7.52 16.23
N ALA E 264 16.34 -8.28 17.03
CA ALA E 264 14.87 -8.25 17.01
C ALA E 264 14.25 -7.22 17.97
N ARG E 265 15.05 -6.22 18.37
CA ARG E 265 14.63 -5.19 19.33
C ARG E 265 13.39 -4.40 18.92
N ASP E 266 13.17 -4.24 17.62
CA ASP E 266 12.11 -3.36 17.13
C ASP E 266 10.84 -4.08 16.72
N VAL E 267 10.80 -5.38 17.01
CA VAL E 267 9.68 -6.25 16.68
C VAL E 267 8.98 -6.62 18.00
N THR E 268 7.74 -6.18 18.17
CA THR E 268 7.01 -6.45 19.41
C THR E 268 5.50 -6.44 19.17
N GLY E 269 4.79 -7.24 19.93
CA GLY E 269 3.34 -7.29 19.80
C GLY E 269 2.87 -8.10 18.61
N LYS E 270 3.76 -8.91 18.02
CA LYS E 270 3.43 -9.65 16.80
C LYS E 270 3.08 -11.10 17.04
N VAL E 271 2.22 -11.62 16.17
CA VAL E 271 1.84 -13.02 16.20
C VAL E 271 2.14 -13.62 14.81
N PHE E 272 3.01 -14.63 14.79
CA PHE E 272 3.47 -15.20 13.52
C PHE E 272 2.98 -16.62 13.41
N GLU E 273 2.37 -16.95 12.27
CA GLU E 273 1.97 -18.33 11.98
C GLU E 273 3.12 -19.00 11.25
N VAL E 274 3.53 -20.18 11.72
CA VAL E 274 4.81 -20.76 11.26
C VAL E 274 4.63 -22.25 10.92
N GLU E 275 5.12 -22.64 9.74
CA GLU E 275 5.09 -24.05 9.32
C GLU E 275 6.19 -24.25 8.30
N GLY E 276 7.09 -25.19 8.53
CA GLY E 276 8.12 -25.50 7.51
C GLY E 276 8.98 -24.28 7.22
N GLY E 277 9.02 -23.86 5.95
CA GLY E 277 9.75 -22.64 5.60
C GLY E 277 8.86 -21.40 5.57
N LYS E 278 7.59 -21.58 5.95
CA LYS E 278 6.60 -20.49 5.94
C LYS E 278 6.55 -19.67 7.21
N ILE E 279 6.53 -18.35 7.03
CA ILE E 279 6.30 -17.38 8.10
C ILE E 279 5.25 -16.42 7.59
N ARG E 280 4.17 -16.26 8.37
CA ARG E 280 3.06 -15.38 8.00
C ARG E 280 2.70 -14.50 9.19
N VAL E 281 2.47 -13.22 8.92
CA VAL E 281 2.03 -12.34 9.99
C VAL E 281 0.53 -12.55 10.17
N ALA E 282 0.10 -12.87 11.38
CA ALA E 282 -1.33 -12.92 11.69
C ALA E 282 -1.83 -11.49 11.94
N GLU E 283 -2.92 -11.10 11.29
CA GLU E 283 -3.42 -9.75 11.46
C GLU E 283 -4.57 -9.76 12.46
N GLY E 284 -4.48 -8.89 13.46
CA GLY E 284 -5.44 -8.87 14.57
C GLY E 284 -6.82 -8.31 14.27
N TRP E 285 -7.67 -8.34 15.29
CA TRP E 285 -9.04 -7.89 15.20
C TRP E 285 -9.09 -6.47 14.66
N ALA E 286 -9.97 -6.26 13.68
CA ALA E 286 -10.08 -4.99 12.98
C ALA E 286 -11.40 -4.29 13.23
N HIS E 287 -11.43 -3.00 12.88
CA HIS E 287 -12.66 -2.23 12.90
C HIS E 287 -13.41 -2.43 11.59
N GLY E 288 -14.48 -3.20 11.67
CA GLY E 288 -15.33 -3.44 10.50
C GLY E 288 -16.34 -2.31 10.33
N PRO E 289 -17.38 -2.56 9.49
CA PRO E 289 -18.44 -1.59 9.22
C PRO E 289 -19.09 -1.12 10.52
N GLN E 290 -19.41 0.17 10.54
CA GLN E 290 -20.05 0.78 11.69
C GLN E 290 -21.24 1.64 11.26
N ILE E 291 -22.23 1.71 12.13
CA ILE E 291 -23.39 2.59 11.97
C ILE E 291 -23.58 3.35 13.29
N ASP E 292 -24.03 4.61 13.24
CA ASP E 292 -24.32 5.36 14.47
C ASP E 292 -25.68 6.01 14.38
N LYS E 293 -26.59 5.59 15.25
CA LYS E 293 -27.93 6.18 15.34
C LYS E 293 -27.88 7.57 15.97
N GLY E 294 -26.88 7.80 16.82
CA GLY E 294 -26.81 9.03 17.61
C GLY E 294 -27.90 9.11 18.68
N ALA E 295 -28.60 7.98 18.87
CA ALA E 295 -29.64 7.81 19.89
C ALA E 295 -29.79 6.31 20.18
N ARG E 296 -30.59 5.97 21.20
CA ARG E 296 -30.77 4.58 21.63
C ARG E 296 -31.51 3.79 20.55
N TRP E 297 -31.00 2.59 20.20
CA TRP E 297 -31.68 1.72 19.22
C TRP E 297 -32.97 1.15 19.81
N ASP E 298 -33.98 1.00 18.97
CA ASP E 298 -35.13 0.17 19.28
C ASP E 298 -34.76 -1.25 18.84
N PRO E 299 -34.81 -2.24 19.76
CA PRO E 299 -34.47 -3.62 19.32
C PRO E 299 -35.20 -4.06 18.04
N ALA E 300 -36.44 -3.60 17.88
CA ALA E 300 -37.27 -3.98 16.71
C ALA E 300 -36.76 -3.53 15.34
N GLU E 301 -35.89 -2.53 15.31
CA GLU E 301 -35.36 -1.98 14.05
C GLU E 301 -34.04 -2.58 13.59
N LEU E 302 -33.45 -3.45 14.41
CA LEU E 302 -32.08 -3.91 14.18
C LEU E 302 -31.85 -4.98 13.11
N GLY E 303 -32.89 -5.73 12.75
CA GLY E 303 -32.75 -6.77 11.72
C GLY E 303 -32.05 -6.24 10.46
N PRO E 304 -32.69 -5.27 9.77
CA PRO E 304 -32.05 -4.72 8.57
C PRO E 304 -30.71 -4.00 8.83
N VAL E 305 -30.55 -3.40 10.00
CA VAL E 305 -29.29 -2.73 10.39
C VAL E 305 -28.13 -3.75 10.49
N VAL E 306 -28.38 -4.83 11.22
CA VAL E 306 -27.42 -5.95 11.34
C VAL E 306 -27.13 -6.61 9.99
N ALA E 307 -28.20 -6.92 9.25
CA ALA E 307 -28.04 -7.56 7.94
C ALA E 307 -27.16 -6.68 7.05
N ASP E 308 -27.38 -5.37 7.12
CA ASP E 308 -26.61 -4.39 6.37
C ASP E 308 -25.12 -4.34 6.75
N LEU E 309 -24.84 -4.29 8.05
CA LEU E 309 -23.48 -4.25 8.58
C LEU E 309 -22.68 -5.49 8.19
N LEU E 310 -23.30 -6.66 8.37
CA LEU E 310 -22.65 -7.95 8.10
C LEU E 310 -22.35 -8.14 6.61
N GLY E 311 -23.25 -7.64 5.76
CA GLY E 311 -23.07 -7.71 4.29
C GLY E 311 -21.87 -6.91 3.83
N LYS E 312 -21.53 -5.86 4.57
CA LYS E 312 -20.37 -5.02 4.26
C LYS E 312 -19.06 -5.55 4.87
N ALA E 313 -19.17 -6.37 5.91
CA ALA E 313 -17.97 -6.86 6.62
C ALA E 313 -17.14 -7.88 5.84
N ARG E 314 -15.85 -7.94 6.13
CA ARG E 314 -14.98 -8.97 5.55
C ARG E 314 -15.41 -10.31 6.13
N PRO E 315 -15.56 -11.35 5.28
CA PRO E 315 -15.95 -12.65 5.81
C PRO E 315 -14.86 -13.19 6.73
N PRO E 316 -15.26 -13.91 7.81
CA PRO E 316 -14.25 -14.47 8.71
C PRO E 316 -13.43 -15.61 8.09
N VAL E 317 -12.21 -15.78 8.59
CA VAL E 317 -11.45 -16.99 8.37
C VAL E 317 -12.21 -18.04 9.20
N PRO E 318 -12.51 -19.21 8.58
CA PRO E 318 -13.38 -20.18 9.24
C PRO E 318 -12.75 -20.78 10.47
N VAL E 319 -13.62 -21.32 11.33
CA VAL E 319 -13.15 -22.00 12.53
C VAL E 319 -12.40 -23.27 12.07
N TYR E 320 -11.18 -23.49 12.58
CA TYR E 320 -10.50 -24.77 12.30
C TYR E 320 -11.36 -25.97 12.68
N GLY E 321 -11.43 -26.94 11.77
CA GLY E 321 -12.14 -28.18 12.02
C GLY E 321 -13.64 -28.08 11.74
N ALA E 322 -14.11 -26.92 11.29
CA ALA E 322 -15.53 -26.78 11.03
C ALA E 322 -15.88 -27.38 9.67
N GLY F 23 -44.00 -7.56 20.96
CA GLY F 23 -42.78 -7.92 21.76
C GLY F 23 -41.74 -8.73 20.98
N VAL F 24 -40.55 -8.14 20.81
CA VAL F 24 -39.43 -8.74 20.04
C VAL F 24 -39.00 -10.13 20.54
N VAL F 25 -39.03 -10.32 21.86
CA VAL F 25 -38.72 -11.61 22.47
C VAL F 25 -39.89 -12.19 23.26
N ASP F 26 -41.12 -11.87 22.85
CA ASP F 26 -42.32 -12.34 23.54
C ASP F 26 -42.30 -13.84 23.77
N GLY F 27 -42.54 -14.24 25.02
CA GLY F 27 -42.62 -15.64 25.40
C GLY F 27 -41.27 -16.35 25.54
N ARG F 28 -40.18 -15.67 25.20
CA ARG F 28 -38.86 -16.29 25.34
C ARG F 28 -38.38 -16.20 26.78
N VAL F 29 -37.63 -17.22 27.21
CA VAL F 29 -37.07 -17.26 28.56
C VAL F 29 -35.58 -16.92 28.48
N VAL F 30 -35.18 -15.90 29.24
CA VAL F 30 -33.81 -15.40 29.18
C VAL F 30 -33.14 -15.42 30.55
N ILE F 31 -31.91 -15.92 30.60
CA ILE F 31 -31.04 -15.76 31.75
C ILE F 31 -30.05 -14.64 31.48
N VAL F 32 -29.87 -13.75 32.45
CA VAL F 32 -28.81 -12.72 32.40
C VAL F 32 -27.97 -12.82 33.67
N THR F 33 -26.67 -13.07 33.52
CA THR F 33 -25.79 -13.18 34.68
C THR F 33 -25.28 -11.81 35.11
N GLY F 34 -25.06 -11.64 36.42
CA GLY F 34 -24.58 -10.34 36.95
C GLY F 34 -25.57 -9.23 36.65
N ALA F 35 -26.85 -9.53 36.85
CA ALA F 35 -27.91 -8.64 36.42
C ALA F 35 -28.49 -7.75 37.53
N GLY F 36 -27.84 -7.75 38.70
CA GLY F 36 -28.28 -6.90 39.82
C GLY F 36 -27.99 -5.41 39.63
N GLY F 37 -27.17 -5.07 38.63
CA GLY F 37 -26.85 -3.67 38.34
C GLY F 37 -26.13 -3.43 37.03
N GLY F 38 -25.90 -2.16 36.72
CA GLY F 38 -25.13 -1.81 35.52
C GLY F 38 -25.70 -2.41 34.24
N ILE F 39 -24.81 -2.82 33.35
CA ILE F 39 -25.18 -3.37 32.05
C ILE F 39 -26.09 -4.61 32.17
N GLY F 40 -25.75 -5.52 33.10
CA GLY F 40 -26.61 -6.68 33.39
C GLY F 40 -28.04 -6.29 33.72
N ARG F 41 -28.21 -5.31 34.60
CA ARG F 41 -29.57 -4.83 34.97
C ARG F 41 -30.29 -4.27 33.73
N ALA F 42 -29.57 -3.47 32.95
CA ALA F 42 -30.11 -2.92 31.70
C ALA F 42 -30.59 -4.04 30.77
N HIS F 43 -29.79 -5.10 30.62
CA HIS F 43 -30.21 -6.21 29.76
C HIS F 43 -31.49 -6.84 30.26
N ALA F 44 -31.54 -7.11 31.57
CA ALA F 44 -32.69 -7.75 32.18
C ALA F 44 -33.96 -6.92 31.93
N LEU F 45 -33.85 -5.61 32.17
CA LEU F 45 -34.95 -4.68 31.95
C LEU F 45 -35.40 -4.64 30.49
N ALA F 46 -34.41 -4.63 29.58
CA ALA F 46 -34.66 -4.55 28.13
C ALA F 46 -35.38 -5.79 27.58
N PHE F 47 -34.93 -6.97 28.03
CA PHE F 47 -35.58 -8.24 27.66
C PHE F 47 -37.03 -8.32 28.10
N ALA F 48 -37.27 -8.05 29.38
CA ALA F 48 -38.63 -8.05 29.95
C ALA F 48 -39.56 -7.06 29.23
N ALA F 49 -39.02 -5.90 28.86
CA ALA F 49 -39.80 -4.86 28.20
C ALA F 49 -40.21 -5.29 26.79
N GLU F 50 -39.50 -6.27 26.24
CA GLU F 50 -39.85 -6.84 24.93
C GLU F 50 -40.50 -8.21 25.06
N GLY F 51 -41.05 -8.51 26.25
CA GLY F 51 -41.89 -9.68 26.46
C GLY F 51 -41.21 -10.93 26.97
N ALA F 52 -39.92 -10.84 27.31
CA ALA F 52 -39.20 -12.00 27.81
C ALA F 52 -39.50 -12.26 29.27
N ARG F 53 -39.46 -13.53 29.65
CA ARG F 53 -39.49 -13.90 31.06
C ARG F 53 -38.04 -14.05 31.52
N VAL F 54 -37.68 -13.34 32.59
CA VAL F 54 -36.26 -13.14 32.91
C VAL F 54 -35.84 -13.83 34.20
N VAL F 55 -34.77 -14.62 34.12
CA VAL F 55 -34.04 -15.10 35.31
C VAL F 55 -32.95 -14.09 35.56
N VAL F 56 -33.08 -13.37 36.66
CA VAL F 56 -32.19 -12.29 37.02
C VAL F 56 -31.16 -12.92 37.93
N ASN F 57 -30.00 -13.25 37.37
CA ASN F 57 -28.92 -13.88 38.14
C ASN F 57 -27.95 -12.84 38.73
N ASP F 58 -27.71 -12.92 40.04
CA ASP F 58 -26.73 -12.05 40.68
C ASP F 58 -26.40 -12.64 42.03
N ILE F 59 -25.11 -12.66 42.38
CA ILE F 59 -24.69 -13.17 43.70
C ILE F 59 -24.89 -12.22 44.90
N GLY F 60 -25.22 -10.96 44.65
CA GLY F 60 -25.39 -9.98 45.75
C GLY F 60 -26.37 -10.53 46.77
N VAL F 61 -26.05 -10.41 48.05
CA VAL F 61 -26.90 -10.98 49.09
C VAL F 61 -28.14 -10.15 49.37
N GLY F 62 -29.18 -10.84 49.85
CA GLY F 62 -30.35 -10.17 50.40
C GLY F 62 -30.15 -9.85 51.89
N LEU F 63 -31.22 -9.36 52.49
CA LEU F 63 -31.17 -8.84 53.87
C LEU F 63 -30.88 -9.95 54.87
N ASP F 64 -31.20 -11.19 54.52
CA ASP F 64 -30.95 -12.33 55.43
C ASP F 64 -29.56 -12.94 55.25
N GLY F 65 -28.76 -12.36 54.36
CA GLY F 65 -27.40 -12.81 54.16
C GLY F 65 -27.23 -13.79 53.03
N SER F 66 -28.31 -14.21 52.38
CA SER F 66 -28.12 -15.18 51.31
CA SER F 66 -28.23 -15.21 51.31
C SER F 66 -28.22 -14.56 49.92
N PRO F 67 -27.50 -15.16 48.95
CA PRO F 67 -27.48 -14.64 47.57
C PRO F 67 -28.89 -14.54 46.95
N ALA F 68 -29.19 -13.34 46.44
CA ALA F 68 -30.37 -13.10 45.63
C ALA F 68 -31.71 -13.20 46.38
N SER F 69 -31.65 -13.17 47.71
CA SER F 69 -32.88 -13.23 48.51
C SER F 69 -33.57 -11.85 48.58
N GLY F 70 -34.62 -11.74 49.38
CA GLY F 70 -35.33 -10.46 49.49
C GLY F 70 -34.39 -9.32 49.88
N GLY F 71 -34.59 -8.15 49.26
CA GLY F 71 -33.73 -7.00 49.54
C GLY F 71 -32.41 -7.01 48.77
N SER F 72 -32.17 -8.05 47.98
CA SER F 72 -30.93 -8.18 47.21
C SER F 72 -31.00 -7.34 45.93
N ALA F 73 -29.85 -7.15 45.29
CA ALA F 73 -29.76 -6.48 43.99
C ALA F 73 -30.64 -7.20 42.94
N ALA F 74 -30.54 -8.54 42.87
CA ALA F 74 -31.32 -9.34 41.91
C ALA F 74 -32.81 -9.13 42.14
N GLN F 75 -33.25 -9.28 43.39
CA GLN F 75 -34.68 -9.11 43.67
C GLN F 75 -35.19 -7.71 43.39
N SER F 76 -34.33 -6.70 43.63
CA SER F 76 -34.68 -5.34 43.28
C SER F 76 -34.97 -5.21 41.79
N VAL F 77 -34.14 -5.87 40.96
CA VAL F 77 -34.35 -5.83 39.51
C VAL F 77 -35.62 -6.58 39.10
N VAL F 78 -35.85 -7.72 39.76
CA VAL F 78 -37.07 -8.50 39.60
C VAL F 78 -38.29 -7.60 39.88
N ASP F 79 -38.25 -6.88 41.01
CA ASP F 79 -39.35 -5.98 41.38
C ASP F 79 -39.62 -4.88 40.37
N GLU F 80 -38.56 -4.34 39.76
CA GLU F 80 -38.71 -3.33 38.71
C GLU F 80 -39.41 -3.93 37.51
N ILE F 81 -39.01 -5.15 37.19
CA ILE F 81 -39.61 -5.88 36.08
C ILE F 81 -41.10 -6.11 36.35
N THR F 82 -41.42 -6.63 37.52
CA THR F 82 -42.81 -6.89 37.91
C THR F 82 -43.64 -5.59 37.93
N ALA F 83 -43.08 -4.52 38.51
CA ALA F 83 -43.79 -3.22 38.57
C ALA F 83 -44.16 -2.70 37.17
N ALA F 84 -43.30 -2.98 36.19
CA ALA F 84 -43.53 -2.56 34.81
C ALA F 84 -44.43 -3.54 34.05
N GLY F 85 -44.88 -4.59 34.74
CA GLY F 85 -45.83 -5.55 34.16
C GLY F 85 -45.21 -6.80 33.55
N GLY F 86 -43.98 -7.12 33.94
CA GLY F 86 -43.30 -8.30 33.38
C GLY F 86 -43.23 -9.46 34.34
N GLU F 87 -42.51 -10.50 33.95
CA GLU F 87 -42.29 -11.70 34.78
C GLU F 87 -40.79 -11.95 34.93
N ALA F 88 -40.36 -12.21 36.16
CA ALA F 88 -38.94 -12.46 36.41
C ALA F 88 -38.77 -13.21 37.73
N VAL F 89 -37.66 -13.91 37.85
CA VAL F 89 -37.31 -14.55 39.10
C VAL F 89 -35.84 -14.25 39.41
N ALA F 90 -35.51 -14.15 40.69
CA ALA F 90 -34.13 -13.94 41.09
C ALA F 90 -33.39 -15.27 41.23
N ASP F 91 -32.09 -15.26 40.95
CA ASP F 91 -31.26 -16.44 41.13
C ASP F 91 -29.89 -16.02 41.62
N GLY F 92 -29.35 -16.74 42.61
CA GLY F 92 -28.12 -16.37 43.28
C GLY F 92 -26.87 -17.16 42.92
N SER F 93 -26.96 -17.99 41.88
CA SER F 93 -25.86 -18.85 41.47
C SER F 93 -24.58 -18.07 41.18
N ASN F 94 -23.45 -18.58 41.67
CA ASN F 94 -22.15 -18.05 41.27
C ASN F 94 -21.68 -18.82 40.05
N VAL F 95 -21.67 -18.18 38.89
CA VAL F 95 -21.29 -18.90 37.67
C VAL F 95 -19.85 -19.42 37.61
N ALA F 96 -18.95 -18.83 38.40
CA ALA F 96 -17.55 -19.33 38.48
C ALA F 96 -17.49 -20.72 39.12
N ASP F 97 -18.57 -21.08 39.83
CA ASP F 97 -18.76 -22.42 40.36
C ASP F 97 -19.52 -23.27 39.34
N TRP F 98 -18.85 -24.32 38.87
CA TRP F 98 -19.34 -25.15 37.78
C TRP F 98 -20.73 -25.76 38.02
N ASP F 99 -20.97 -26.28 39.22
CA ASP F 99 -22.25 -26.86 39.59
C ASP F 99 -23.35 -25.82 39.74
N GLN F 100 -23.02 -24.65 40.27
CA GLN F 100 -23.99 -23.57 40.42
C GLN F 100 -24.42 -23.05 39.04
N ALA F 101 -23.47 -23.04 38.10
CA ALA F 101 -23.74 -22.68 36.71
C ALA F 101 -24.77 -23.64 36.12
N ALA F 102 -24.61 -24.93 36.41
CA ALA F 102 -25.59 -25.94 35.94
C ALA F 102 -26.99 -25.66 36.53
N GLY F 103 -27.01 -25.32 37.82
CA GLY F 103 -28.25 -25.06 38.54
C GLY F 103 -28.96 -23.83 38.03
N LEU F 104 -28.19 -22.84 37.56
CA LEU F 104 -28.76 -21.62 36.96
C LEU F 104 -29.62 -21.96 35.75
N ILE F 105 -29.12 -22.86 34.91
CA ILE F 105 -29.88 -23.33 33.77
C ILE F 105 -31.19 -23.99 34.25
N GLN F 106 -31.10 -24.83 35.28
CA GLN F 106 -32.31 -25.46 35.87
C GLN F 106 -33.33 -24.49 36.47
N THR F 107 -32.89 -23.35 37.02
CA THR F 107 -33.82 -22.32 37.50
C THR F 107 -34.75 -21.90 36.37
N ALA F 108 -34.17 -21.59 35.20
CA ALA F 108 -34.95 -21.22 34.03
C ALA F 108 -35.97 -22.32 33.65
N VAL F 109 -35.48 -23.55 33.53
CA VAL F 109 -36.31 -24.67 33.10
C VAL F 109 -37.45 -24.91 34.09
N GLU F 110 -37.11 -24.93 35.38
CA GLU F 110 -38.10 -25.21 36.43
C GLU F 110 -39.06 -24.04 36.72
N THR F 111 -38.59 -22.80 36.60
CA THR F 111 -39.45 -21.65 36.85
C THR F 111 -40.35 -21.36 35.66
N PHE F 112 -39.78 -21.33 34.46
CA PHE F 112 -40.50 -20.88 33.28
C PHE F 112 -40.74 -21.96 32.22
N GLY F 113 -40.34 -23.20 32.50
CA GLY F 113 -40.64 -24.31 31.59
C GLY F 113 -39.58 -24.62 30.53
N GLY F 114 -38.56 -23.78 30.42
CA GLY F 114 -37.50 -23.98 29.41
C GLY F 114 -36.50 -22.83 29.41
N LEU F 115 -35.67 -22.76 28.35
CA LEU F 115 -34.67 -21.69 28.18
C LEU F 115 -34.49 -21.36 26.71
N ASP F 116 -34.48 -20.06 26.39
CA ASP F 116 -34.25 -19.63 25.01
C ASP F 116 -32.97 -18.84 24.82
N VAL F 117 -32.60 -18.04 25.81
CA VAL F 117 -31.50 -17.10 25.64
C VAL F 117 -30.61 -17.10 26.89
N LEU F 118 -29.31 -17.27 26.66
CA LEU F 118 -28.32 -17.14 27.74
C LEU F 118 -27.48 -15.90 27.47
N VAL F 119 -27.49 -14.95 28.40
CA VAL F 119 -26.69 -13.74 28.30
C VAL F 119 -25.62 -13.78 29.39
N ASN F 120 -24.37 -14.00 28.99
CA ASN F 120 -23.27 -14.01 29.94
C ASN F 120 -22.75 -12.61 30.09
N ASN F 121 -22.91 -12.06 31.29
CA ASN F 121 -22.53 -10.68 31.57
C ASN F 121 -21.68 -10.49 32.86
N ALA F 122 -21.83 -11.37 33.84
CA ALA F 122 -21.15 -11.18 35.13
C ALA F 122 -19.64 -11.01 34.97
N GLY F 123 -19.07 -10.09 35.75
CA GLY F 123 -17.65 -9.81 35.66
C GLY F 123 -17.14 -9.09 36.88
N ILE F 124 -15.82 -9.09 37.02
CA ILE F 124 -15.13 -8.24 37.97
C ILE F 124 -13.91 -7.66 37.27
N VAL F 125 -13.33 -6.63 37.89
CA VAL F 125 -12.03 -6.13 37.44
C VAL F 125 -11.09 -6.16 38.63
N ARG F 126 -9.83 -6.47 38.34
CA ARG F 126 -8.74 -6.37 39.29
C ARG F 126 -7.57 -5.83 38.49
N ASP F 127 -7.65 -4.57 38.11
CA ASP F 127 -6.69 -3.99 37.18
C ASP F 127 -5.30 -3.84 37.80
N ARG F 128 -4.30 -4.45 37.16
CA ARG F 128 -2.89 -4.31 37.54
C ARG F 128 -2.06 -4.48 36.29
N MET F 129 -0.89 -3.85 36.28
CA MET F 129 0.10 -4.16 35.28
C MET F 129 0.47 -5.66 35.41
N ILE F 130 0.87 -6.29 34.31
CA ILE F 130 1.23 -7.73 34.37
C ILE F 130 2.30 -7.98 35.43
N ALA F 131 3.35 -7.14 35.42
CA ALA F 131 4.47 -7.24 36.36
C ALA F 131 4.04 -7.12 37.82
N ASN F 132 2.84 -6.58 38.07
CA ASN F 132 2.38 -6.30 39.44
C ASN F 132 1.08 -7.04 39.76
N THR F 133 0.74 -8.04 38.95
CA THR F 133 -0.50 -8.79 39.19
C THR F 133 -0.24 -9.92 40.18
N SER F 134 -1.11 -10.05 41.18
CA SER F 134 -0.99 -11.13 42.17
C SER F 134 -1.65 -12.39 41.63
N GLU F 135 -1.37 -13.54 42.24
CA GLU F 135 -2.00 -14.80 41.82
C GLU F 135 -3.51 -14.70 41.91
N GLU F 136 -4.00 -14.15 43.01
CA GLU F 136 -5.43 -14.06 43.26
C GLU F 136 -6.13 -13.09 42.30
N GLU F 137 -5.47 -12.00 41.94
CA GLU F 137 -6.01 -11.02 40.98
C GLU F 137 -6.13 -11.63 39.56
N PHE F 138 -5.16 -12.47 39.22
CA PHE F 138 -5.27 -13.24 37.98
C PHE F 138 -6.40 -14.28 38.09
N ASP F 139 -6.33 -15.13 39.11
CA ASP F 139 -7.31 -16.21 39.29
C ASP F 139 -8.77 -15.73 39.29
N ALA F 140 -9.03 -14.67 40.08
CA ALA F 140 -10.41 -14.20 40.26
C ALA F 140 -10.99 -13.70 38.96
N VAL F 141 -10.20 -12.95 38.20
CA VAL F 141 -10.68 -12.41 36.93
C VAL F 141 -10.95 -13.53 35.91
N ILE F 142 -10.02 -14.47 35.78
CA ILE F 142 -10.22 -15.63 34.89
C ILE F 142 -11.45 -16.46 35.31
N ALA F 143 -11.59 -16.70 36.61
CA ALA F 143 -12.72 -17.49 37.09
C ALA F 143 -14.07 -16.87 36.79
N VAL F 144 -14.25 -15.59 37.13
CA VAL F 144 -15.58 -14.98 36.95
C VAL F 144 -15.91 -14.84 35.47
N HIS F 145 -14.94 -14.35 34.70
CA HIS F 145 -15.20 -14.03 33.29
C HIS F 145 -15.18 -15.29 32.41
N LEU F 146 -14.02 -15.91 32.32
CA LEU F 146 -13.84 -17.00 31.35
C LEU F 146 -14.49 -18.32 31.82
N LYS F 147 -14.19 -18.74 33.03
CA LYS F 147 -14.81 -19.96 33.56
C LYS F 147 -16.32 -19.81 33.68
N GLY F 148 -16.78 -18.65 34.20
CA GLY F 148 -18.21 -18.40 34.27
C GLY F 148 -18.90 -18.47 32.92
N HIS F 149 -18.33 -17.80 31.91
CA HIS F 149 -18.89 -17.88 30.54
C HIS F 149 -18.91 -19.35 30.06
N PHE F 150 -17.79 -20.06 30.28
CA PHE F 150 -17.64 -21.39 29.72
C PHE F 150 -18.63 -22.35 30.40
N ALA F 151 -18.75 -22.24 31.71
CA ALA F 151 -19.61 -23.12 32.51
C ALA F 151 -21.08 -23.00 32.07
N THR F 152 -21.57 -21.78 31.91
CA THR F 152 -22.96 -21.62 31.49
C THR F 152 -23.16 -22.11 30.04
N MET F 153 -22.18 -21.88 29.15
CA MET F 153 -22.27 -22.38 27.79
C MET F 153 -22.33 -23.89 27.79
N ARG F 154 -21.49 -24.51 28.61
CA ARG F 154 -21.41 -25.98 28.69
C ARG F 154 -22.78 -26.57 29.09
N HIS F 155 -23.37 -25.99 30.13
CA HIS F 155 -24.62 -26.54 30.63
C HIS F 155 -25.83 -26.21 29.77
N ALA F 156 -25.86 -24.99 29.25
CA ALA F 156 -26.95 -24.60 28.35
C ALA F 156 -26.89 -25.38 27.05
N ALA F 157 -25.69 -25.61 26.53
CA ALA F 157 -25.56 -26.40 25.30
C ALA F 157 -26.02 -27.84 25.54
N ALA F 158 -25.64 -28.41 26.67
CA ALA F 158 -26.05 -29.78 27.00
C ALA F 158 -27.59 -29.85 27.08
N TYR F 159 -28.20 -28.78 27.57
CA TYR F 159 -29.67 -28.71 27.70
C TYR F 159 -30.37 -28.64 26.35
N TRP F 160 -29.88 -27.75 25.49
CA TRP F 160 -30.46 -27.53 24.18
C TRP F 160 -30.28 -28.76 23.29
N ARG F 161 -29.09 -29.36 23.34
CA ARG F 161 -28.80 -30.57 22.58
C ARG F 161 -29.75 -31.71 22.97
N GLY F 162 -29.93 -31.91 24.28
CA GLY F 162 -30.85 -32.92 24.79
C GLY F 162 -32.29 -32.69 24.35
N LEU F 163 -32.71 -31.42 24.29
CA LEU F 163 -34.03 -31.06 23.77
C LEU F 163 -34.14 -31.34 22.28
N SER F 164 -33.05 -31.12 21.54
CA SER F 164 -33.06 -31.39 20.11
C SER F 164 -33.21 -32.89 19.87
N LYS F 165 -32.46 -33.70 20.62
CA LYS F 165 -32.52 -35.17 20.51
C LYS F 165 -33.91 -35.75 20.82
N ALA F 166 -34.70 -35.02 21.62
CA ALA F 166 -36.08 -35.38 21.89
C ALA F 166 -37.01 -34.87 20.78
N GLY F 167 -36.46 -34.10 19.85
CA GLY F 167 -37.21 -33.56 18.72
C GLY F 167 -38.05 -32.34 19.07
N LYS F 168 -37.78 -31.73 20.23
CA LYS F 168 -38.50 -30.51 20.64
C LYS F 168 -37.89 -29.31 19.89
N ALA F 169 -38.63 -28.21 19.85
CA ALA F 169 -38.20 -27.02 19.13
C ALA F 169 -37.04 -26.36 19.87
N VAL F 170 -35.98 -26.07 19.13
CA VAL F 170 -34.85 -25.35 19.71
C VAL F 170 -34.50 -24.15 18.83
N ASP F 171 -34.65 -22.97 19.40
CA ASP F 171 -34.28 -21.73 18.74
C ASP F 171 -33.49 -20.92 19.76
N GLY F 172 -32.33 -21.47 20.12
CA GLY F 172 -31.50 -21.01 21.24
C GLY F 172 -30.44 -19.98 20.91
N ARG F 173 -30.05 -19.23 21.93
CA ARG F 173 -29.22 -18.05 21.74
C ARG F 173 -28.29 -17.88 22.94
N ILE F 174 -27.01 -17.80 22.65
CA ILE F 174 -26.05 -17.36 23.65
C ILE F 174 -25.47 -16.02 23.21
N ILE F 175 -25.47 -15.03 24.10
CA ILE F 175 -24.80 -13.76 23.86
C ILE F 175 -23.78 -13.54 24.97
N ASN F 176 -22.51 -13.55 24.57
CA ASN F 176 -21.40 -13.37 25.48
C ASN F 176 -20.93 -11.93 25.56
N THR F 177 -20.15 -11.63 26.59
CA THR F 177 -19.64 -10.28 26.74
C THR F 177 -18.11 -10.30 26.68
N SER F 178 -17.56 -9.85 25.55
CA SER F 178 -16.12 -9.66 25.41
C SER F 178 -15.87 -8.17 25.66
N SER F 179 -14.84 -7.60 25.01
CA SER F 179 -14.44 -6.23 25.24
C SER F 179 -13.37 -5.88 24.23
N GLY F 180 -13.26 -4.59 23.93
CA GLY F 180 -12.09 -4.15 23.17
C GLY F 180 -10.80 -4.64 23.81
N ALA F 181 -10.81 -4.75 25.15
CA ALA F 181 -9.66 -5.25 25.91
C ALA F 181 -9.26 -6.64 25.47
N GLY F 182 -10.27 -7.47 25.19
CA GLY F 182 -10.03 -8.85 24.74
C GLY F 182 -9.55 -8.91 23.30
N LEU F 183 -10.00 -7.97 22.48
CA LEU F 183 -9.71 -8.04 21.07
C LEU F 183 -8.34 -7.45 20.70
N GLN F 184 -8.05 -6.26 21.23
CA GLN F 184 -6.80 -5.52 20.94
C GLN F 184 -5.87 -5.37 22.15
N GLY F 185 -6.34 -5.76 23.33
CA GLY F 185 -5.57 -5.60 24.56
C GLY F 185 -5.85 -4.28 25.23
N SER F 186 -5.60 -4.22 26.54
CA SER F 186 -5.78 -3.00 27.33
C SER F 186 -4.71 -2.97 28.42
N VAL F 187 -3.89 -1.92 28.34
CA VAL F 187 -2.81 -1.66 29.30
C VAL F 187 -3.36 -1.63 30.72
N GLY F 188 -2.64 -2.32 31.62
CA GLY F 188 -3.00 -2.36 33.05
C GLY F 188 -4.18 -3.27 33.32
N GLN F 189 -4.59 -4.00 32.29
CA GLN F 189 -5.73 -4.90 32.36
C GLN F 189 -5.41 -6.22 31.67
N GLY F 190 -4.16 -6.70 31.78
CA GLY F 190 -3.79 -7.97 31.15
C GLY F 190 -4.64 -9.17 31.53
N ASN F 191 -4.90 -9.37 32.82
CA ASN F 191 -5.83 -10.42 33.28
C ASN F 191 -7.23 -10.36 32.61
N TYR F 192 -7.80 -9.17 32.61
CA TYR F 192 -9.13 -8.95 32.05
C TYR F 192 -9.09 -9.10 30.53
N SER F 193 -8.03 -8.59 29.89
CA SER F 193 -7.87 -8.71 28.42
C SER F 193 -7.76 -10.19 28.03
N ALA F 194 -7.00 -10.95 28.80
CA ALA F 194 -6.84 -12.37 28.52
C ALA F 194 -8.19 -13.11 28.62
N ALA F 195 -8.93 -12.84 29.69
CA ALA F 195 -10.24 -13.47 29.91
C ALA F 195 -11.23 -13.09 28.81
N LYS F 196 -11.27 -11.81 28.45
CA LYS F 196 -12.19 -11.38 27.39
C LYS F 196 -11.78 -11.87 25.99
N ALA F 197 -10.49 -12.07 25.78
CA ALA F 197 -9.98 -12.71 24.57
C ALA F 197 -10.47 -14.15 24.48
N GLY F 198 -10.31 -14.86 25.58
CA GLY F 198 -10.85 -16.23 25.66
C GLY F 198 -12.35 -16.27 25.32
N ILE F 199 -13.10 -15.30 25.82
CA ILE F 199 -14.54 -15.27 25.56
C ILE F 199 -14.83 -15.01 24.07
N ALA F 200 -14.05 -14.14 23.45
CA ALA F 200 -14.26 -13.86 22.01
C ALA F 200 -14.07 -15.14 21.20
N THR F 201 -12.98 -15.83 21.45
CA THR F 201 -12.70 -17.07 20.69
C THR F 201 -13.66 -18.20 21.06
N LEU F 202 -14.05 -18.26 22.33
CA LEU F 202 -15.03 -19.25 22.74
C LEU F 202 -16.37 -19.05 22.01
N THR F 203 -16.70 -17.78 21.75
CA THR F 203 -17.89 -17.44 20.97
C THR F 203 -17.80 -18.08 19.58
N LEU F 204 -16.63 -17.97 18.95
CA LEU F 204 -16.44 -18.51 17.61
C LEU F 204 -16.62 -20.03 17.63
N VAL F 205 -16.02 -20.65 18.63
CA VAL F 205 -16.08 -22.10 18.71
C VAL F 205 -17.51 -22.56 18.99
N GLY F 206 -18.15 -21.91 19.94
CA GLY F 206 -19.53 -22.24 20.29
C GLY F 206 -20.48 -22.13 19.10
N ALA F 207 -20.32 -21.05 18.34
CA ALA F 207 -21.10 -20.86 17.10
C ALA F 207 -20.91 -22.05 16.16
N ALA F 208 -19.66 -22.47 15.95
CA ALA F 208 -19.38 -23.60 15.08
C ALA F 208 -19.97 -24.94 15.60
N GLU F 209 -20.01 -25.14 16.90
CA GLU F 209 -20.42 -26.43 17.48
C GLU F 209 -21.92 -26.55 17.71
N MET F 210 -22.55 -25.42 18.00
CA MET F 210 -23.91 -25.46 18.54
C MET F 210 -24.97 -25.16 17.48
N GLY F 211 -24.54 -24.68 16.33
CA GLY F 211 -25.45 -24.46 15.19
C GLY F 211 -26.26 -25.71 14.88
N ARG F 212 -25.57 -26.85 14.95
CA ARG F 212 -26.13 -28.20 14.69
C ARG F 212 -27.48 -28.42 15.36
N TYR F 213 -27.67 -27.85 16.55
CA TYR F 213 -28.94 -28.00 17.24
C TYR F 213 -29.68 -26.70 17.48
N GLY F 214 -29.52 -25.75 16.54
CA GLY F 214 -30.34 -24.57 16.48
C GLY F 214 -29.98 -23.49 17.47
N VAL F 215 -28.70 -23.45 17.85
CA VAL F 215 -28.22 -22.44 18.81
C VAL F 215 -27.23 -21.51 18.14
N THR F 216 -27.50 -20.21 18.22
CA THR F 216 -26.55 -19.21 17.75
C THR F 216 -25.73 -18.72 18.94
N VAL F 217 -24.48 -18.33 18.67
CA VAL F 217 -23.59 -17.87 19.72
C VAL F 217 -22.87 -16.64 19.20
N ASN F 218 -23.08 -15.51 19.88
CA ASN F 218 -22.55 -14.21 19.45
C ASN F 218 -22.01 -13.50 20.69
N ALA F 219 -21.27 -12.41 20.47
CA ALA F 219 -20.78 -11.59 21.56
C ALA F 219 -20.91 -10.11 21.29
N ILE F 220 -21.12 -9.38 22.38
CA ILE F 220 -21.03 -7.92 22.35
C ILE F 220 -19.77 -7.48 23.08
N ALA F 221 -19.27 -6.33 22.69
CA ALA F 221 -18.13 -5.72 23.35
C ALA F 221 -18.59 -4.28 23.65
N PRO F 222 -19.18 -4.09 24.82
CA PRO F 222 -19.83 -2.83 25.14
C PRO F 222 -18.83 -1.85 25.70
N SER F 223 -19.11 -0.56 25.55
CA SER F 223 -18.62 0.44 26.49
C SER F 223 -19.74 1.35 27.00
N ALA F 224 -19.75 1.52 28.33
CA ALA F 224 -20.82 2.20 29.05
C ALA F 224 -20.35 2.35 30.50
N ARG F 225 -21.04 3.22 31.26
CA ARG F 225 -20.82 3.33 32.71
C ARG F 225 -21.21 2.04 33.44
N PHE F 244 -29.13 13.16 24.73
CA PHE F 244 -28.65 11.78 24.66
C PHE F 244 -27.38 11.53 25.48
N ASP F 245 -27.51 10.62 26.45
CA ASP F 245 -26.42 10.18 27.30
C ASP F 245 -25.82 8.90 26.68
N ALA F 246 -24.74 9.04 25.92
CA ALA F 246 -24.19 7.94 25.12
C ALA F 246 -23.61 6.82 25.98
N MET F 247 -23.01 7.17 27.12
CA MET F 247 -22.37 6.15 27.96
CA MET F 247 -22.38 6.16 27.99
C MET F 247 -23.35 5.40 28.91
N ALA F 248 -24.63 5.74 28.85
CA ALA F 248 -25.66 5.05 29.67
C ALA F 248 -25.75 3.53 29.34
N PRO F 249 -25.81 2.66 30.37
CA PRO F 249 -25.87 1.20 30.09
C PRO F 249 -27.09 0.71 29.28
N GLU F 250 -28.21 1.42 29.37
CA GLU F 250 -29.42 1.09 28.61
C GLU F 250 -29.14 1.06 27.11
N ASN F 251 -28.12 1.80 26.67
CA ASN F 251 -27.76 1.89 25.26
C ASN F 251 -27.14 0.61 24.70
N VAL F 252 -26.59 -0.22 25.58
CA VAL F 252 -25.90 -1.45 25.12
C VAL F 252 -26.91 -2.59 24.84
N SER F 253 -28.00 -2.61 25.59
CA SER F 253 -28.97 -3.69 25.57
C SER F 253 -29.71 -4.00 24.24
N PRO F 254 -30.10 -2.97 23.44
CA PRO F 254 -30.97 -3.29 22.29
C PRO F 254 -30.46 -4.39 21.35
N LEU F 255 -29.17 -4.38 21.05
CA LEU F 255 -28.63 -5.41 20.14
C LEU F 255 -28.69 -6.79 20.75
N VAL F 256 -28.47 -6.85 22.06
CA VAL F 256 -28.57 -8.11 22.78
C VAL F 256 -29.98 -8.66 22.71
N VAL F 257 -30.98 -7.79 22.91
CA VAL F 257 -32.35 -8.26 22.81
C VAL F 257 -32.62 -8.78 21.41
N TRP F 258 -32.21 -8.02 20.39
CA TRP F 258 -32.44 -8.49 19.01
C TRP F 258 -31.71 -9.80 18.73
N LEU F 259 -30.45 -9.90 19.15
CA LEU F 259 -29.72 -11.14 18.92
C LEU F 259 -30.46 -12.33 19.55
N GLY F 260 -31.14 -12.10 20.68
CA GLY F 260 -31.91 -13.14 21.36
C GLY F 260 -33.27 -13.49 20.73
N SER F 261 -33.64 -12.73 19.69
CA SER F 261 -34.95 -12.89 19.00
C SER F 261 -34.96 -13.96 17.92
N ALA F 262 -36.16 -14.39 17.56
CA ALA F 262 -36.34 -15.37 16.47
C ALA F 262 -35.75 -14.88 15.16
N GLU F 263 -35.89 -13.57 14.90
CA GLU F 263 -35.39 -12.94 13.66
C GLU F 263 -33.89 -13.18 13.43
N ALA F 264 -33.15 -13.29 14.54
CA ALA F 264 -31.69 -13.36 14.51
C ALA F 264 -31.15 -14.78 14.31
N ARG F 265 -31.99 -15.68 13.79
CA ARG F 265 -31.64 -17.08 13.51
C ARG F 265 -30.40 -17.26 12.65
N ASP F 266 -30.16 -16.32 11.75
CA ASP F 266 -29.10 -16.46 10.75
C ASP F 266 -27.78 -15.75 11.09
N VAL F 267 -27.71 -15.19 12.30
CA VAL F 267 -26.52 -14.49 12.78
C VAL F 267 -25.87 -15.33 13.89
N THR F 268 -24.63 -15.77 13.62
CA THR F 268 -23.88 -16.56 14.58
C THR F 268 -22.37 -16.35 14.40
N GLY F 269 -21.64 -16.47 15.51
CA GLY F 269 -20.18 -16.30 15.52
C GLY F 269 -19.69 -14.86 15.38
N LYS F 270 -20.60 -13.89 15.59
CA LYS F 270 -20.26 -12.50 15.40
C LYS F 270 -19.89 -11.83 16.71
N VAL F 271 -19.03 -10.81 16.59
CA VAL F 271 -18.65 -9.96 17.72
C VAL F 271 -18.98 -8.51 17.33
N PHE F 272 -19.88 -7.91 18.10
CA PHE F 272 -20.31 -6.54 17.83
C PHE F 272 -19.85 -5.60 18.95
N GLU F 273 -19.17 -4.52 18.58
CA GLU F 273 -18.75 -3.52 19.56
C GLU F 273 -19.84 -2.48 19.63
N VAL F 274 -20.25 -2.09 20.83
CA VAL F 274 -21.43 -1.23 20.98
C VAL F 274 -21.19 -0.14 22.02
N GLU F 275 -21.69 1.05 21.72
CA GLU F 275 -21.60 2.19 22.64
C GLU F 275 -22.59 3.25 22.16
N GLY F 276 -23.55 3.63 23.00
CA GLY F 276 -24.57 4.63 22.61
C GLY F 276 -25.42 4.18 21.42
N GLY F 277 -25.42 4.97 20.35
CA GLY F 277 -26.12 4.56 19.14
C GLY F 277 -25.22 3.83 18.13
N LYS F 278 -23.99 3.51 18.54
CA LYS F 278 -22.98 2.94 17.63
C LYS F 278 -22.94 1.41 17.69
N ILE F 279 -22.85 0.77 16.54
CA ILE F 279 -22.62 -0.68 16.45
C ILE F 279 -21.56 -0.90 15.38
N ARG F 280 -20.49 -1.59 15.75
CA ARG F 280 -19.42 -1.87 14.80
C ARG F 280 -19.20 -3.38 14.76
N VAL F 281 -19.11 -3.96 13.57
CA VAL F 281 -18.70 -5.36 13.46
C VAL F 281 -17.22 -5.44 13.72
N ALA F 282 -16.81 -6.24 14.70
CA ALA F 282 -15.39 -6.53 14.85
C ALA F 282 -15.02 -7.65 13.90
N GLU F 283 -14.01 -7.41 13.06
CA GLU F 283 -13.54 -8.40 12.08
C GLU F 283 -12.40 -9.22 12.66
N GLY F 284 -12.49 -10.55 12.56
CA GLY F 284 -11.56 -11.46 13.27
C GLY F 284 -10.18 -11.57 12.65
N TRP F 285 -9.30 -12.31 13.33
CA TRP F 285 -7.92 -12.51 12.89
C TRP F 285 -7.80 -12.97 11.42
N ALA F 286 -6.86 -12.40 10.68
CA ALA F 286 -6.73 -12.68 9.26
C ALA F 286 -5.36 -13.23 8.97
N HIS F 287 -5.18 -13.84 7.79
CA HIS F 287 -3.87 -14.31 7.36
C HIS F 287 -3.20 -13.19 6.57
N GLY F 288 -2.09 -12.67 7.11
CA GLY F 288 -1.40 -11.54 6.49
C GLY F 288 -0.32 -12.00 5.53
N PRO F 289 0.68 -11.13 5.25
CA PRO F 289 1.73 -11.48 4.31
C PRO F 289 2.51 -12.70 4.75
N GLN F 290 2.90 -13.51 3.77
CA GLN F 290 3.70 -14.72 4.00
C GLN F 290 4.95 -14.76 3.13
N ILE F 291 5.99 -15.38 3.67
CA ILE F 291 7.18 -15.72 2.89
C ILE F 291 7.43 -17.21 3.12
N ASP F 292 7.86 -17.92 2.08
CA ASP F 292 8.12 -19.35 2.17
C ASP F 292 9.49 -19.68 1.59
N LYS F 293 10.38 -20.12 2.46
CA LYS F 293 11.69 -20.59 2.04
C LYS F 293 11.63 -21.96 1.34
N GLY F 294 10.59 -22.76 1.63
CA GLY F 294 10.55 -24.14 1.14
C GLY F 294 11.70 -24.98 1.70
N ALA F 295 12.28 -24.52 2.80
CA ALA F 295 13.38 -25.20 3.49
C ALA F 295 13.51 -24.56 4.84
N ARG F 296 14.32 -25.13 5.73
CA ARG F 296 14.49 -24.59 7.07
C ARG F 296 15.27 -23.28 7.07
N TRP F 297 14.73 -22.27 7.74
CA TRP F 297 15.42 -20.98 7.91
C TRP F 297 16.69 -21.08 8.75
N ASP F 298 17.67 -20.28 8.37
CA ASP F 298 18.81 -20.02 9.24
C ASP F 298 18.34 -18.85 10.10
N PRO F 299 18.40 -18.99 11.45
CA PRO F 299 17.97 -17.84 12.28
C PRO F 299 18.68 -16.54 11.87
N ALA F 300 19.97 -16.64 11.54
CA ALA F 300 20.79 -15.48 11.18
C ALA F 300 20.25 -14.68 10.00
N GLU F 301 19.41 -15.30 9.17
CA GLU F 301 18.96 -14.63 7.94
C GLU F 301 17.59 -13.98 8.05
N LEU F 302 16.93 -14.12 9.20
CA LEU F 302 15.51 -13.72 9.33
C LEU F 302 15.20 -12.22 9.46
N GLY F 303 16.19 -11.43 9.86
CA GLY F 303 16.03 -9.98 10.02
C GLY F 303 15.32 -9.25 8.89
N PRO F 304 15.86 -9.35 7.66
CA PRO F 304 15.26 -8.67 6.49
C PRO F 304 13.93 -9.30 6.09
N VAL F 305 13.81 -10.60 6.36
CA VAL F 305 12.63 -11.37 6.07
C VAL F 305 11.48 -10.89 6.94
N VAL F 306 11.72 -10.80 8.25
CA VAL F 306 10.69 -10.31 9.17
C VAL F 306 10.36 -8.82 8.94
N ALA F 307 11.37 -7.99 8.74
CA ALA F 307 11.16 -6.59 8.34
C ALA F 307 10.21 -6.42 7.13
N ASP F 308 10.47 -7.22 6.10
CA ASP F 308 9.71 -7.20 4.84
C ASP F 308 8.23 -7.56 5.07
N LEU F 309 8.00 -8.66 5.80
CA LEU F 309 6.63 -9.07 6.14
C LEU F 309 5.87 -7.99 6.87
N LEU F 310 6.49 -7.49 7.94
CA LEU F 310 5.86 -6.47 8.77
C LEU F 310 5.55 -5.20 7.96
N GLY F 311 6.41 -4.88 7.01
CA GLY F 311 6.19 -3.72 6.14
C GLY F 311 4.92 -3.85 5.30
N LYS F 312 4.60 -5.09 4.92
CA LYS F 312 3.46 -5.36 4.04
C LYS F 312 2.13 -5.56 4.79
N ALA F 313 2.22 -5.85 6.09
CA ALA F 313 1.05 -6.19 6.91
C ALA F 313 0.16 -4.98 7.22
N ARG F 314 -1.12 -5.25 7.47
CA ARG F 314 -2.04 -4.20 7.85
C ARG F 314 -1.64 -3.74 9.25
N PRO F 315 -1.60 -2.41 9.46
CA PRO F 315 -1.24 -1.92 10.80
C PRO F 315 -2.23 -2.36 11.88
N PRO F 316 -1.72 -2.74 13.06
CA PRO F 316 -2.63 -3.19 14.12
C PRO F 316 -3.52 -2.08 14.63
N VAL F 317 -4.72 -2.43 15.11
CA VAL F 317 -5.48 -1.51 15.92
C VAL F 317 -4.72 -1.48 17.25
N PRO F 318 -4.41 -0.26 17.73
CA PRO F 318 -3.52 -0.18 18.89
C PRO F 318 -4.14 -0.72 20.17
N VAL F 319 -3.27 -1.05 21.12
CA VAL F 319 -3.70 -1.52 22.42
C VAL F 319 -4.36 -0.36 23.16
N TYR F 320 -5.47 -0.64 23.83
CA TYR F 320 -6.17 0.38 24.61
C TYR F 320 -5.30 0.83 25.78
N GLY F 321 -5.27 2.14 26.00
CA GLY F 321 -4.45 2.68 27.10
C GLY F 321 -2.96 2.78 26.80
N ALA F 322 -2.57 2.45 25.56
CA ALA F 322 -1.14 2.48 25.18
C ALA F 322 -0.60 3.91 24.97
CL CL G . 4.75 33.74 5.98
CL CL H . 20.84 38.63 9.95
NA NA I . -22.64 38.07 -5.49
C1 EDO J . -6.96 9.29 -13.55
O1 EDO J . -6.81 9.66 -14.92
C2 EDO J . -6.07 8.09 -13.24
O2 EDO J . -4.67 8.38 -13.50
C1 EDO K . 11.22 30.35 -9.12
O1 EDO K . 10.30 30.31 -10.22
C2 EDO K . 12.64 30.63 -9.55
O2 EDO K . 12.64 31.95 -10.09
CL CL L . 21.20 25.81 -23.76
CL CL M . 5.11 8.57 -10.78
C1 EDO N . 0.63 44.22 -8.27
O1 EDO N . 1.46 45.39 -8.28
C2 EDO N . 0.47 43.69 -6.85
O2 EDO N . 1.63 44.00 -6.08
CL CL O . -0.45 -24.03 -36.48
NA NA P . 32.29 -6.89 -17.65
C1 EDO Q . 10.87 -7.44 -6.98
O1 EDO Q . 9.61 -6.84 -6.70
C2 EDO Q . 11.04 -8.66 -6.09
O2 EDO Q . 10.77 -8.31 -4.71
C1 EDO R . -1.83 -14.71 -16.27
O1 EDO R . -0.90 -15.78 -16.19
C2 EDO R . -3.16 -15.11 -15.70
O2 EDO R . -2.99 -14.95 -14.30
C1 EDO S . -10.93 -30.26 -13.63
O1 EDO S . -10.02 -30.50 -14.70
C2 EDO S . -10.16 -30.41 -12.33
O2 EDO S . -9.33 -31.58 -12.40
CL CL T . -16.91 -34.39 22.81
C1 EDO U . -9.15 -13.21 21.11
O1 EDO U . -9.81 -13.43 19.87
C2 EDO U . -7.67 -13.45 20.93
O2 EDO U . -7.13 -12.44 20.09
C1 EDO V . -1.45 -21.41 12.10
O1 EDO V . -0.10 -21.82 11.80
C2 EDO V . -2.16 -22.43 13.00
O2 EDO V . -1.57 -22.45 14.31
C1 EDO W . 3.48 -29.21 17.94
O1 EDO W . 4.79 -29.71 17.55
C2 EDO W . 3.32 -27.79 17.40
O2 EDO W . 2.18 -27.18 18.02
CL CL X . -0.25 -2.04 38.86
#